data_1WOL
# 
_entry.id   1WOL 
# 
_audit_conform.dict_name       mmcif_pdbx.dic 
_audit_conform.dict_version    5.398 
_audit_conform.dict_location   http://mmcif.pdb.org/dictionaries/ascii/mmcif_pdbx.dic 
# 
loop_
_database_2.database_id 
_database_2.database_code 
_database_2.pdbx_database_accession 
_database_2.pdbx_DOI 
PDB   1WOL         pdb_00001wol 10.2210/pdb1wol/pdb 
RCSB  RCSB023818   ?            ?                   
WWPDB D_1000023818 ?            ?                   
# 
loop_
_pdbx_audit_revision_history.ordinal 
_pdbx_audit_revision_history.data_content_type 
_pdbx_audit_revision_history.major_revision 
_pdbx_audit_revision_history.minor_revision 
_pdbx_audit_revision_history.revision_date 
1 'Structure model' 1 0 2005-11-22 
2 'Structure model' 1 1 2008-04-30 
3 'Structure model' 1 2 2011-07-13 
4 'Structure model' 1 3 2024-11-13 
# 
_pdbx_audit_revision_details.ordinal             1 
_pdbx_audit_revision_details.revision_ordinal    1 
_pdbx_audit_revision_details.data_content_type   'Structure model' 
_pdbx_audit_revision_details.provider            repository 
_pdbx_audit_revision_details.type                'Initial release' 
_pdbx_audit_revision_details.description         ? 
_pdbx_audit_revision_details.details             ? 
# 
loop_
_pdbx_audit_revision_group.ordinal 
_pdbx_audit_revision_group.revision_ordinal 
_pdbx_audit_revision_group.data_content_type 
_pdbx_audit_revision_group.group 
1 2 'Structure model' 'Version format compliance' 
2 3 'Structure model' 'Source and taxonomy'       
3 3 'Structure model' 'Version format compliance' 
4 4 'Structure model' 'Data collection'           
5 4 'Structure model' 'Database references'       
6 4 'Structure model' 'Derived calculations'      
7 4 'Structure model' 'Structure summary'         
# 
loop_
_pdbx_audit_revision_category.ordinal 
_pdbx_audit_revision_category.revision_ordinal 
_pdbx_audit_revision_category.data_content_type 
_pdbx_audit_revision_category.category 
1 4 'Structure model' chem_comp_atom            
2 4 'Structure model' chem_comp_bond            
3 4 'Structure model' database_2                
4 4 'Structure model' pdbx_entry_details        
5 4 'Structure model' pdbx_modification_feature 
6 4 'Structure model' struct_site               
# 
loop_
_pdbx_audit_revision_item.ordinal 
_pdbx_audit_revision_item.revision_ordinal 
_pdbx_audit_revision_item.data_content_type 
_pdbx_audit_revision_item.item 
1 4 'Structure model' '_database_2.pdbx_DOI'                
2 4 'Structure model' '_database_2.pdbx_database_accession' 
3 4 'Structure model' '_struct_site.pdbx_auth_asym_id'      
4 4 'Structure model' '_struct_site.pdbx_auth_comp_id'      
5 4 'Structure model' '_struct_site.pdbx_auth_seq_id'       
# 
_pdbx_database_status.status_code                     REL 
_pdbx_database_status.entry_id                        1WOL 
_pdbx_database_status.recvd_initial_deposition_date   2004-08-20 
_pdbx_database_status.deposit_site                    PDBJ 
_pdbx_database_status.process_site                    PDBJ 
_pdbx_database_status.status_code_sf                  REL 
_pdbx_database_status.status_code_mr                  ? 
_pdbx_database_status.SG_entry                        ? 
_pdbx_database_status.pdb_format_compatible           Y 
_pdbx_database_status.status_code_cs                  ? 
_pdbx_database_status.status_code_nmr_data            ? 
_pdbx_database_status.methods_development_category    ? 
# 
loop_
_audit_author.name 
_audit_author.pdbx_ordinal 
'Arakawa, T.' 1 
'Akutsu, J.'  2 
'Yohda, M.'   3 
# 
_citation.id                        primary 
_citation.title                     'Crystal Structure Analysis of ST0689, an archaeal HEPN protein' 
_citation.journal_abbrev            'To be Published' 
_citation.journal_volume            ? 
_citation.page_first                ? 
_citation.page_last                 ? 
_citation.year                      ? 
_citation.journal_id_ASTM           ? 
_citation.country                   ? 
_citation.journal_id_ISSN           ? 
_citation.journal_id_CSD            0353 
_citation.book_publisher            ? 
_citation.pdbx_database_id_PubMed   ? 
_citation.pdbx_database_id_DOI      ? 
# 
loop_
_citation_author.citation_id 
_citation_author.name 
_citation_author.ordinal 
_citation_author.identifier_ORCID 
primary 'Arakawa, T.' 1 ? 
primary 'Akutsu, J.'  2 ? 
primary 'Yohda, M.'   3 ? 
# 
loop_
_entity.id 
_entity.type 
_entity.src_method 
_entity.pdbx_description 
_entity.formula_weight 
_entity.pdbx_number_of_molecules 
_entity.pdbx_ec 
_entity.pdbx_mutation 
_entity.pdbx_fragment 
_entity.details 
1 polymer     man '122aa long conserved hypothetical protein' 14183.036 1  ? ? ? ? 
2 non-polymer syn 'TERTIARY-BUTYL ALCOHOL'                    74.122    2  ? ? ? ? 
3 water       nat water                                       18.015    84 ? ? ? ? 
# 
_entity_name_com.entity_id   1 
_entity_name_com.name        ST0689 
# 
_entity_poly.entity_id                      1 
_entity_poly.type                           'polypeptide(L)' 
_entity_poly.nstd_linkage                   no 
_entity_poly.nstd_monomer                   no 
_entity_poly.pdbx_seq_one_letter_code       
;MKRVEDWIKQAERDLEEARYAKSGGYYELACFLSQQCAEKAVKGLLQFQGIEKRGHSISHLLTNPPADILQCATFLDKQY
TPSRYPDVYYEGAPYEYYTERDADECINCAIRILNWVKGQIK
;
_entity_poly.pdbx_seq_one_letter_code_can   
;MKRVEDWIKQAERDLEEARYAKSGGYYELACFLSQQCAEKAVKGLLQFQGIEKRGHSISHLLTNPPADILQCATFLDKQY
TPSRYPDVYYEGAPYEYYTERDADECINCAIRILNWVKGQIK
;
_entity_poly.pdbx_strand_id                 A 
_entity_poly.pdbx_target_identifier         ? 
# 
loop_
_pdbx_entity_nonpoly.entity_id 
_pdbx_entity_nonpoly.name 
_pdbx_entity_nonpoly.comp_id 
2 'TERTIARY-BUTYL ALCOHOL' TBU 
3 water                    HOH 
# 
loop_
_entity_poly_seq.entity_id 
_entity_poly_seq.num 
_entity_poly_seq.mon_id 
_entity_poly_seq.hetero 
1 1   MET n 
1 2   LYS n 
1 3   ARG n 
1 4   VAL n 
1 5   GLU n 
1 6   ASP n 
1 7   TRP n 
1 8   ILE n 
1 9   LYS n 
1 10  GLN n 
1 11  ALA n 
1 12  GLU n 
1 13  ARG n 
1 14  ASP n 
1 15  LEU n 
1 16  GLU n 
1 17  GLU n 
1 18  ALA n 
1 19  ARG n 
1 20  TYR n 
1 21  ALA n 
1 22  LYS n 
1 23  SER n 
1 24  GLY n 
1 25  GLY n 
1 26  TYR n 
1 27  TYR n 
1 28  GLU n 
1 29  LEU n 
1 30  ALA n 
1 31  CYS n 
1 32  PHE n 
1 33  LEU n 
1 34  SER n 
1 35  GLN n 
1 36  GLN n 
1 37  CYS n 
1 38  ALA n 
1 39  GLU n 
1 40  LYS n 
1 41  ALA n 
1 42  VAL n 
1 43  LYS n 
1 44  GLY n 
1 45  LEU n 
1 46  LEU n 
1 47  GLN n 
1 48  PHE n 
1 49  GLN n 
1 50  GLY n 
1 51  ILE n 
1 52  GLU n 
1 53  LYS n 
1 54  ARG n 
1 55  GLY n 
1 56  HIS n 
1 57  SER n 
1 58  ILE n 
1 59  SER n 
1 60  HIS n 
1 61  LEU n 
1 62  LEU n 
1 63  THR n 
1 64  ASN n 
1 65  PRO n 
1 66  PRO n 
1 67  ALA n 
1 68  ASP n 
1 69  ILE n 
1 70  LEU n 
1 71  GLN n 
1 72  CYS n 
1 73  ALA n 
1 74  THR n 
1 75  PHE n 
1 76  LEU n 
1 77  ASP n 
1 78  LYS n 
1 79  GLN n 
1 80  TYR n 
1 81  THR n 
1 82  PRO n 
1 83  SER n 
1 84  ARG n 
1 85  TYR n 
1 86  PRO n 
1 87  ASP n 
1 88  VAL n 
1 89  TYR n 
1 90  TYR n 
1 91  GLU n 
1 92  GLY n 
1 93  ALA n 
1 94  PRO n 
1 95  TYR n 
1 96  GLU n 
1 97  TYR n 
1 98  TYR n 
1 99  THR n 
1 100 GLU n 
1 101 ARG n 
1 102 ASP n 
1 103 ALA n 
1 104 ASP n 
1 105 GLU n 
1 106 CYS n 
1 107 ILE n 
1 108 ASN n 
1 109 CYS n 
1 110 ALA n 
1 111 ILE n 
1 112 ARG n 
1 113 ILE n 
1 114 LEU n 
1 115 ASN n 
1 116 TRP n 
1 117 VAL n 
1 118 LYS n 
1 119 GLY n 
1 120 GLN n 
1 121 ILE n 
1 122 LYS n 
# 
_entity_src_gen.entity_id                          1 
_entity_src_gen.pdbx_src_id                        1 
_entity_src_gen.pdbx_alt_source_flag               sample 
_entity_src_gen.pdbx_seq_type                      ? 
_entity_src_gen.pdbx_beg_seq_num                   ? 
_entity_src_gen.pdbx_end_seq_num                   ? 
_entity_src_gen.gene_src_common_name               ? 
_entity_src_gen.gene_src_genus                     Sulfolobus 
_entity_src_gen.pdbx_gene_src_gene                 ? 
_entity_src_gen.gene_src_species                   'Sulfolobus tokodaii' 
_entity_src_gen.gene_src_strain                    'str. 7' 
_entity_src_gen.gene_src_tissue                    ? 
_entity_src_gen.gene_src_tissue_fraction           ? 
_entity_src_gen.gene_src_details                   ? 
_entity_src_gen.pdbx_gene_src_fragment             ? 
_entity_src_gen.pdbx_gene_src_scientific_name      'Sulfolobus tokodaii' 
_entity_src_gen.pdbx_gene_src_ncbi_taxonomy_id     273063 
_entity_src_gen.pdbx_gene_src_variant              ? 
_entity_src_gen.pdbx_gene_src_cell_line            ? 
_entity_src_gen.pdbx_gene_src_atcc                 ? 
_entity_src_gen.pdbx_gene_src_organ                ? 
_entity_src_gen.pdbx_gene_src_organelle            ? 
_entity_src_gen.pdbx_gene_src_cell                 ? 
_entity_src_gen.pdbx_gene_src_cellular_location    ? 
_entity_src_gen.host_org_common_name               ? 
_entity_src_gen.pdbx_host_org_scientific_name      'Escherichia coli' 
_entity_src_gen.pdbx_host_org_ncbi_taxonomy_id     562 
_entity_src_gen.host_org_genus                     Escherichia 
_entity_src_gen.pdbx_host_org_gene                 ? 
_entity_src_gen.pdbx_host_org_organ                ? 
_entity_src_gen.host_org_species                   ? 
_entity_src_gen.pdbx_host_org_tissue               ? 
_entity_src_gen.pdbx_host_org_tissue_fraction      ? 
_entity_src_gen.pdbx_host_org_strain               'B834, BL21(DE3)' 
_entity_src_gen.pdbx_host_org_variant              ? 
_entity_src_gen.pdbx_host_org_cell_line            ? 
_entity_src_gen.pdbx_host_org_atcc                 ? 
_entity_src_gen.pdbx_host_org_culture_collection   ? 
_entity_src_gen.pdbx_host_org_cell                 ? 
_entity_src_gen.pdbx_host_org_organelle            ? 
_entity_src_gen.pdbx_host_org_cellular_location    ? 
_entity_src_gen.pdbx_host_org_vector_type          PLASMID 
_entity_src_gen.pdbx_host_org_vector               ? 
_entity_src_gen.host_org_details                   ? 
_entity_src_gen.expression_system_id               ? 
_entity_src_gen.plasmid_name                       pET23a 
_entity_src_gen.plasmid_details                    ? 
_entity_src_gen.pdbx_description                   ? 
# 
loop_
_chem_comp.id 
_chem_comp.type 
_chem_comp.mon_nstd_flag 
_chem_comp.name 
_chem_comp.pdbx_synonyms 
_chem_comp.formula 
_chem_comp.formula_weight 
ALA 'L-peptide linking' y ALANINE                  ?                   'C3 H7 N O2'     89.093  
ARG 'L-peptide linking' y ARGININE                 ?                   'C6 H15 N4 O2 1' 175.209 
ASN 'L-peptide linking' y ASPARAGINE               ?                   'C4 H8 N2 O3'    132.118 
ASP 'L-peptide linking' y 'ASPARTIC ACID'          ?                   'C4 H7 N O4'     133.103 
CYS 'L-peptide linking' y CYSTEINE                 ?                   'C3 H7 N O2 S'   121.158 
GLN 'L-peptide linking' y GLUTAMINE                ?                   'C5 H10 N2 O3'   146.144 
GLU 'L-peptide linking' y 'GLUTAMIC ACID'          ?                   'C5 H9 N O4'     147.129 
GLY 'peptide linking'   y GLYCINE                  ?                   'C2 H5 N O2'     75.067  
HIS 'L-peptide linking' y HISTIDINE                ?                   'C6 H10 N3 O2 1' 156.162 
HOH non-polymer         . WATER                    ?                   'H2 O'           18.015  
ILE 'L-peptide linking' y ISOLEUCINE               ?                   'C6 H13 N O2'    131.173 
LEU 'L-peptide linking' y LEUCINE                  ?                   'C6 H13 N O2'    131.173 
LYS 'L-peptide linking' y LYSINE                   ?                   'C6 H15 N2 O2 1' 147.195 
MET 'L-peptide linking' y METHIONINE               ?                   'C5 H11 N O2 S'  149.211 
PHE 'L-peptide linking' y PHENYLALANINE            ?                   'C9 H11 N O2'    165.189 
PRO 'L-peptide linking' y PROLINE                  ?                   'C5 H9 N O2'     115.130 
SER 'L-peptide linking' y SERINE                   ?                   'C3 H7 N O3'     105.093 
TBU non-polymer         . 'TERTIARY-BUTYL ALCOHOL' 2-METHYL-2-PROPANOL 'C4 H10 O'       74.122  
THR 'L-peptide linking' y THREONINE                ?                   'C4 H9 N O3'     119.119 
TRP 'L-peptide linking' y TRYPTOPHAN               ?                   'C11 H12 N2 O2'  204.225 
TYR 'L-peptide linking' y TYROSINE                 ?                   'C9 H11 N O3'    181.189 
VAL 'L-peptide linking' y VALINE                   ?                   'C5 H11 N O2'    117.146 
# 
loop_
_pdbx_poly_seq_scheme.asym_id 
_pdbx_poly_seq_scheme.entity_id 
_pdbx_poly_seq_scheme.seq_id 
_pdbx_poly_seq_scheme.mon_id 
_pdbx_poly_seq_scheme.ndb_seq_num 
_pdbx_poly_seq_scheme.pdb_seq_num 
_pdbx_poly_seq_scheme.auth_seq_num 
_pdbx_poly_seq_scheme.pdb_mon_id 
_pdbx_poly_seq_scheme.auth_mon_id 
_pdbx_poly_seq_scheme.pdb_strand_id 
_pdbx_poly_seq_scheme.pdb_ins_code 
_pdbx_poly_seq_scheme.hetero 
A 1 1   MET 1   1   1   MET MET A . n 
A 1 2   LYS 2   2   2   LYS LYS A . n 
A 1 3   ARG 3   3   3   ARG ARG A . n 
A 1 4   VAL 4   4   4   VAL VAL A . n 
A 1 5   GLU 5   5   5   GLU GLU A . n 
A 1 6   ASP 6   6   6   ASP ASP A . n 
A 1 7   TRP 7   7   7   TRP TRP A . n 
A 1 8   ILE 8   8   8   ILE ILE A . n 
A 1 9   LYS 9   9   9   LYS LYS A . n 
A 1 10  GLN 10  10  10  GLN GLN A . n 
A 1 11  ALA 11  11  11  ALA ALA A . n 
A 1 12  GLU 12  12  12  GLU GLU A . n 
A 1 13  ARG 13  13  13  ARG ARG A . n 
A 1 14  ASP 14  14  14  ASP ASP A . n 
A 1 15  LEU 15  15  15  LEU LEU A . n 
A 1 16  GLU 16  16  16  GLU GLU A . n 
A 1 17  GLU 17  17  17  GLU GLU A . n 
A 1 18  ALA 18  18  18  ALA ALA A . n 
A 1 19  ARG 19  19  19  ARG ARG A . n 
A 1 20  TYR 20  20  20  TYR TYR A . n 
A 1 21  ALA 21  21  21  ALA ALA A . n 
A 1 22  LYS 22  22  22  LYS LYS A . n 
A 1 23  SER 23  23  23  SER SER A . n 
A 1 24  GLY 24  24  24  GLY GLY A . n 
A 1 25  GLY 25  25  25  GLY GLY A . n 
A 1 26  TYR 26  26  26  TYR TYR A . n 
A 1 27  TYR 27  27  27  TYR TYR A . n 
A 1 28  GLU 28  28  28  GLU GLU A . n 
A 1 29  LEU 29  29  29  LEU LEU A . n 
A 1 30  ALA 30  30  30  ALA ALA A . n 
A 1 31  CYS 31  31  31  CYS CYS A . n 
A 1 32  PHE 32  32  32  PHE PHE A . n 
A 1 33  LEU 33  33  33  LEU LEU A . n 
A 1 34  SER 34  34  34  SER SER A . n 
A 1 35  GLN 35  35  35  GLN GLN A . n 
A 1 36  GLN 36  36  36  GLN GLN A . n 
A 1 37  CYS 37  37  37  CYS CYS A . n 
A 1 38  ALA 38  38  38  ALA ALA A . n 
A 1 39  GLU 39  39  39  GLU GLU A . n 
A 1 40  LYS 40  40  40  LYS LYS A . n 
A 1 41  ALA 41  41  41  ALA ALA A . n 
A 1 42  VAL 42  42  42  VAL VAL A . n 
A 1 43  LYS 43  43  43  LYS LYS A . n 
A 1 44  GLY 44  44  44  GLY GLY A . n 
A 1 45  LEU 45  45  45  LEU LEU A . n 
A 1 46  LEU 46  46  46  LEU LEU A . n 
A 1 47  GLN 47  47  47  GLN GLN A . n 
A 1 48  PHE 48  48  48  PHE PHE A . n 
A 1 49  GLN 49  49  49  GLN GLN A . n 
A 1 50  GLY 50  50  50  GLY GLY A . n 
A 1 51  ILE 51  51  51  ILE ILE A . n 
A 1 52  GLU 52  52  52  GLU GLU A . n 
A 1 53  LYS 53  53  53  LYS LYS A . n 
A 1 54  ARG 54  54  54  ARG ARG A . n 
A 1 55  GLY 55  55  55  GLY GLY A . n 
A 1 56  HIS 56  56  56  HIS HIS A . n 
A 1 57  SER 57  57  57  SER SER A . n 
A 1 58  ILE 58  58  58  ILE ILE A . n 
A 1 59  SER 59  59  59  SER SER A . n 
A 1 60  HIS 60  60  60  HIS HIS A . n 
A 1 61  LEU 61  61  61  LEU LEU A . n 
A 1 62  LEU 62  62  62  LEU LEU A . n 
A 1 63  THR 63  63  63  THR THR A . n 
A 1 64  ASN 64  64  64  ASN ASN A . n 
A 1 65  PRO 65  65  65  PRO PRO A . n 
A 1 66  PRO 66  66  66  PRO PRO A . n 
A 1 67  ALA 67  67  67  ALA ALA A . n 
A 1 68  ASP 68  68  68  ASP ASP A . n 
A 1 69  ILE 69  69  69  ILE ILE A . n 
A 1 70  LEU 70  70  70  LEU LEU A . n 
A 1 71  GLN 71  71  71  GLN GLU A . n 
A 1 72  CYS 72  72  72  CYS CYS A . n 
A 1 73  ALA 73  73  73  ALA ALA A . n 
A 1 74  THR 74  74  74  THR THR A . n 
A 1 75  PHE 75  75  75  PHE PHE A . n 
A 1 76  LEU 76  76  76  LEU LEU A . n 
A 1 77  ASP 77  77  77  ASP ASP A . n 
A 1 78  LYS 78  78  78  LYS LYS A . n 
A 1 79  GLN 79  79  79  GLN GLN A . n 
A 1 80  TYR 80  80  80  TYR TYR A . n 
A 1 81  THR 81  81  81  THR THR A . n 
A 1 82  PRO 82  82  82  PRO PRO A . n 
A 1 83  SER 83  83  83  SER SER A . n 
A 1 84  ARG 84  84  84  ARG ARG A . n 
A 1 85  TYR 85  85  85  TYR TYR A . n 
A 1 86  PRO 86  86  86  PRO PRO A . n 
A 1 87  ASP 87  87  87  ASP ASP A . n 
A 1 88  VAL 88  88  88  VAL VAL A . n 
A 1 89  TYR 89  89  89  TYR TYR A . n 
A 1 90  TYR 90  90  90  TYR TYR A . n 
A 1 91  GLU 91  91  91  GLU GLU A . n 
A 1 92  GLY 92  92  92  GLY GLY A . n 
A 1 93  ALA 93  93  93  ALA ALA A . n 
A 1 94  PRO 94  94  94  PRO PRO A . n 
A 1 95  TYR 95  95  95  TYR TYR A . n 
A 1 96  GLU 96  96  96  GLU GLU A . n 
A 1 97  TYR 97  97  97  TYR TYR A . n 
A 1 98  TYR 98  98  98  TYR TYR A . n 
A 1 99  THR 99  99  99  THR THR A . n 
A 1 100 GLU 100 100 100 GLU GLU A . n 
A 1 101 ARG 101 101 101 ARG ARG A . n 
A 1 102 ASP 102 102 102 ASP ASP A . n 
A 1 103 ALA 103 103 103 ALA ALA A . n 
A 1 104 ASP 104 104 104 ASP ASP A . n 
A 1 105 GLU 105 105 105 GLU GLU A . n 
A 1 106 CYS 106 106 106 CYS CYS A . n 
A 1 107 ILE 107 107 107 ILE ILE A . n 
A 1 108 ASN 108 108 108 ASN ASN A . n 
A 1 109 CYS 109 109 109 CYS CYS A . n 
A 1 110 ALA 110 110 110 ALA ALA A . n 
A 1 111 ILE 111 111 111 ILE ILE A . n 
A 1 112 ARG 112 112 112 ARG ARG A . n 
A 1 113 ILE 113 113 113 ILE ILE A . n 
A 1 114 LEU 114 114 114 LEU LEU A . n 
A 1 115 ASN 115 115 115 ASN ASN A . n 
A 1 116 TRP 116 116 116 TRP TRP A . n 
A 1 117 VAL 117 117 117 VAL VAL A . n 
A 1 118 LYS 118 118 118 LYS LYS A . n 
A 1 119 GLY 119 119 119 GLY GLY A . n 
A 1 120 GLN 120 120 120 GLN GLN A . n 
A 1 121 ILE 121 121 121 ILE ILE A . n 
A 1 122 LYS 122 122 122 LYS LYS A . n 
# 
loop_
_pdbx_nonpoly_scheme.asym_id 
_pdbx_nonpoly_scheme.entity_id 
_pdbx_nonpoly_scheme.mon_id 
_pdbx_nonpoly_scheme.ndb_seq_num 
_pdbx_nonpoly_scheme.pdb_seq_num 
_pdbx_nonpoly_scheme.auth_seq_num 
_pdbx_nonpoly_scheme.pdb_mon_id 
_pdbx_nonpoly_scheme.auth_mon_id 
_pdbx_nonpoly_scheme.pdb_strand_id 
_pdbx_nonpoly_scheme.pdb_ins_code 
B 2 TBU 1  123 1  TBU TBU A . 
C 2 TBU 1  124 2  TBU TBU A . 
D 3 HOH 1  125 1  HOH WAT A . 
D 3 HOH 2  126 2  HOH WAT A . 
D 3 HOH 3  127 3  HOH WAT A . 
D 3 HOH 4  128 4  HOH WAT A . 
D 3 HOH 5  129 5  HOH WAT A . 
D 3 HOH 6  130 6  HOH WAT A . 
D 3 HOH 7  131 7  HOH WAT A . 
D 3 HOH 8  132 8  HOH WAT A . 
D 3 HOH 9  133 9  HOH WAT A . 
D 3 HOH 10 134 10 HOH WAT A . 
D 3 HOH 11 135 11 HOH WAT A . 
D 3 HOH 12 136 12 HOH WAT A . 
D 3 HOH 13 137 13 HOH WAT A . 
D 3 HOH 14 138 14 HOH WAT A . 
D 3 HOH 15 139 15 HOH WAT A . 
D 3 HOH 16 140 16 HOH WAT A . 
D 3 HOH 17 141 17 HOH WAT A . 
D 3 HOH 18 142 18 HOH WAT A . 
D 3 HOH 19 143 19 HOH WAT A . 
D 3 HOH 20 144 20 HOH WAT A . 
D 3 HOH 21 145 21 HOH WAT A . 
D 3 HOH 22 146 22 HOH WAT A . 
D 3 HOH 23 147 23 HOH WAT A . 
D 3 HOH 24 148 24 HOH WAT A . 
D 3 HOH 25 149 25 HOH WAT A . 
D 3 HOH 26 150 26 HOH WAT A . 
D 3 HOH 27 151 27 HOH WAT A . 
D 3 HOH 28 152 28 HOH WAT A . 
D 3 HOH 29 153 29 HOH WAT A . 
D 3 HOH 30 154 30 HOH WAT A . 
D 3 HOH 31 155 31 HOH WAT A . 
D 3 HOH 32 156 32 HOH WAT A . 
D 3 HOH 33 157 33 HOH WAT A . 
D 3 HOH 34 158 34 HOH WAT A . 
D 3 HOH 35 159 35 HOH WAT A . 
D 3 HOH 36 160 36 HOH WAT A . 
D 3 HOH 37 161 37 HOH WAT A . 
D 3 HOH 38 162 38 HOH WAT A . 
D 3 HOH 39 163 39 HOH WAT A . 
D 3 HOH 40 164 40 HOH WAT A . 
D 3 HOH 41 165 41 HOH WAT A . 
D 3 HOH 42 166 42 HOH WAT A . 
D 3 HOH 43 167 43 HOH WAT A . 
D 3 HOH 44 168 44 HOH WAT A . 
D 3 HOH 45 169 45 HOH WAT A . 
D 3 HOH 46 170 46 HOH WAT A . 
D 3 HOH 47 171 47 HOH WAT A . 
D 3 HOH 48 172 48 HOH WAT A . 
D 3 HOH 49 173 49 HOH WAT A . 
D 3 HOH 50 174 50 HOH WAT A . 
D 3 HOH 51 175 51 HOH WAT A . 
D 3 HOH 52 176 52 HOH WAT A . 
D 3 HOH 53 177 53 HOH WAT A . 
D 3 HOH 54 178 54 HOH WAT A . 
D 3 HOH 55 179 55 HOH WAT A . 
D 3 HOH 56 180 56 HOH WAT A . 
D 3 HOH 57 181 57 HOH WAT A . 
D 3 HOH 58 182 58 HOH WAT A . 
D 3 HOH 59 183 59 HOH WAT A . 
D 3 HOH 60 184 60 HOH WAT A . 
D 3 HOH 61 185 61 HOH WAT A . 
D 3 HOH 62 186 62 HOH WAT A . 
D 3 HOH 63 187 63 HOH WAT A . 
D 3 HOH 64 188 64 HOH WAT A . 
D 3 HOH 65 189 65 HOH WAT A . 
D 3 HOH 66 190 66 HOH WAT A . 
D 3 HOH 67 191 67 HOH WAT A . 
D 3 HOH 68 192 68 HOH WAT A . 
D 3 HOH 69 193 69 HOH WAT A . 
D 3 HOH 70 194 70 HOH WAT A . 
D 3 HOH 71 195 71 HOH WAT A . 
D 3 HOH 72 196 72 HOH WAT A . 
D 3 HOH 73 197 73 HOH WAT A . 
D 3 HOH 74 198 74 HOH WAT A . 
D 3 HOH 75 199 75 HOH WAT A . 
D 3 HOH 76 200 76 HOH WAT A . 
D 3 HOH 77 201 77 HOH WAT A . 
D 3 HOH 78 202 78 HOH WAT A . 
D 3 HOH 79 203 79 HOH WAT A . 
D 3 HOH 80 204 80 HOH WAT A . 
D 3 HOH 81 205 81 HOH WAT A . 
D 3 HOH 82 206 82 HOH WAT A . 
D 3 HOH 83 207 83 HOH WAT A . 
D 3 HOH 84 208 84 HOH WAT A . 
# 
loop_
_software.name 
_software.classification 
_software.version 
_software.citation_id 
_software.pdbx_ordinal 
CNS       refinement       1.1 ? 1 
HKL-2000  'data reduction' .   ? 2 
SCALEPACK 'data scaling'   .   ? 3 
SOLVE     phasing          .   ? 4 
# 
_cell.entry_id           1WOL 
_cell.length_a           62.553 
_cell.length_b           62.553 
_cell.length_c           64.010 
_cell.angle_alpha        90.00 
_cell.angle_beta         90.00 
_cell.angle_gamma        120.00 
_cell.Z_PDB              6 
_cell.pdbx_unique_axis   ? 
# 
_symmetry.entry_id                         1WOL 
_symmetry.space_group_name_H-M             'P 31 2 1' 
_symmetry.pdbx_full_space_group_name_H-M   ? 
_symmetry.cell_setting                     ? 
_symmetry.Int_Tables_number                152 
_symmetry.space_group_name_Hall            ? 
# 
_exptl.entry_id          1WOL 
_exptl.method            'X-RAY DIFFRACTION' 
_exptl.crystals_number   ? 
# 
_exptl_crystal.id                    1 
_exptl_crystal.density_meas          ? 
_exptl_crystal.density_Matthews      2.5 
_exptl_crystal.density_percent_sol   50.0 
_exptl_crystal.description           ? 
_exptl_crystal.F_000                 ? 
_exptl_crystal.preparation           ? 
# 
_exptl_crystal_grow.crystal_id      1 
_exptl_crystal_grow.method          'VAPOR DIFFUSION, HANGING DROP' 
_exptl_crystal_grow.temp            293 
_exptl_crystal_grow.temp_details    ? 
_exptl_crystal_grow.pH              4.8 
_exptl_crystal_grow.pdbx_details    'tert-butanol, citrate, pH 4.8, VAPOR DIFFUSION, HANGING DROP, temperature 293K' 
_exptl_crystal_grow.pdbx_pH_range   . 
# 
_diffrn.id                     1 
_diffrn.ambient_temp           100 
_diffrn.ambient_temp_details   ? 
_diffrn.crystal_id             1 
# 
_diffrn_detector.diffrn_id              1 
_diffrn_detector.detector               CCD 
_diffrn_detector.type                   'ADSC QUANTUM 4' 
_diffrn_detector.pdbx_collection_date   2004-07-02 
_diffrn_detector.details                ? 
# 
_diffrn_radiation.diffrn_id                        1 
_diffrn_radiation.wavelength_id                    1 
_diffrn_radiation.pdbx_monochromatic_or_laue_m_l   M 
_diffrn_radiation.monochromator                    GRAPHITE 
_diffrn_radiation.pdbx_diffrn_protocol             MAD 
_diffrn_radiation.pdbx_scattering_type             x-ray 
# 
loop_
_diffrn_radiation_wavelength.id 
_diffrn_radiation_wavelength.wavelength 
_diffrn_radiation_wavelength.wt 
1 0.9765  1.0 
2 0.97894 1.0 
3 0.97924 1.0 
# 
_diffrn_source.diffrn_id                   1 
_diffrn_source.source                      SYNCHROTRON 
_diffrn_source.type                        'SPRING-8 BEAMLINE BL38B1' 
_diffrn_source.pdbx_synchrotron_site       SPring-8 
_diffrn_source.pdbx_synchrotron_beamline   BL38B1 
_diffrn_source.pdbx_wavelength             ? 
_diffrn_source.pdbx_wavelength_list        '0.9765, 0.97894, 0.97924' 
# 
_reflns.entry_id                     1WOL 
_reflns.observed_criterion_sigma_I   ? 
_reflns.observed_criterion_sigma_F   ? 
_reflns.d_resolution_low             50.0 
_reflns.d_resolution_high            1.62 
_reflns.number_obs                   ? 
_reflns.number_all                   ? 
_reflns.percent_possible_obs         ? 
_reflns.pdbx_Rmerge_I_obs            ? 
_reflns.pdbx_Rsym_value              ? 
_reflns.pdbx_netI_over_sigmaI        ? 
_reflns.B_iso_Wilson_estimate        22.2 
_reflns.pdbx_redundancy              ? 
_reflns.R_free_details               ? 
_reflns.limit_h_max                  ? 
_reflns.limit_h_min                  ? 
_reflns.limit_k_max                  ? 
_reflns.limit_k_min                  ? 
_reflns.limit_l_max                  ? 
_reflns.limit_l_min                  ? 
_reflns.observed_criterion_F_max     ? 
_reflns.observed_criterion_F_min     ? 
_reflns.pdbx_chi_squared             ? 
_reflns.pdbx_scaling_rejects         ? 
_reflns.pdbx_ordinal                 1 
_reflns.pdbx_diffrn_id               1 
# 
_reflns_shell.d_res_high             1.62 
_reflns_shell.d_res_low              1.68 
_reflns_shell.percent_possible_all   100 
_reflns_shell.Rmerge_I_obs           ? 
_reflns_shell.pdbx_Rsym_value        0.177 
_reflns_shell.meanI_over_sigI_obs    ? 
_reflns_shell.pdbx_redundancy        ? 
_reflns_shell.percent_possible_obs   ? 
_reflns_shell.number_unique_all      ? 
_reflns_shell.number_measured_all    ? 
_reflns_shell.number_measured_obs    ? 
_reflns_shell.number_unique_obs      ? 
_reflns_shell.pdbx_chi_squared       ? 
_reflns_shell.pdbx_ordinal           1 
_reflns_shell.pdbx_diffrn_id         1 
# 
_refine.entry_id                                 1WOL 
_refine.ls_number_reflns_obs                     35163 
_refine.ls_number_reflns_all                     35646 
_refine.pdbx_ls_sigma_I                          ? 
_refine.pdbx_ls_sigma_F                          0.0 
_refine.pdbx_data_cutoff_high_absF               335259.04 
_refine.pdbx_data_cutoff_low_absF                0.000000 
_refine.pdbx_data_cutoff_high_rms_absF           ? 
_refine.ls_d_res_low                             41.35 
_refine.ls_d_res_high                            1.62 
_refine.ls_percent_reflns_obs                    98.6 
_refine.ls_R_factor_obs                          0.187 
_refine.ls_R_factor_all                          ? 
_refine.ls_R_factor_R_work                       0.187 
_refine.ls_R_factor_R_free                       0.222 
_refine.ls_R_factor_R_free_error                 0.004 
_refine.ls_R_factor_R_free_error_details         ? 
_refine.ls_percent_reflns_R_free                 9.7 
_refine.ls_number_reflns_R_free                  3400 
_refine.ls_number_parameters                     ? 
_refine.ls_number_restraints                     ? 
_refine.occupancy_min                            ? 
_refine.occupancy_max                            ? 
_refine.correlation_coeff_Fo_to_Fc               ? 
_refine.correlation_coeff_Fo_to_Fc_free          ? 
_refine.B_iso_mean                               27.0 
_refine.aniso_B[1][1]                            -0.02 
_refine.aniso_B[2][2]                            -0.02 
_refine.aniso_B[3][3]                            0.04 
_refine.aniso_B[1][2]                            0.62 
_refine.aniso_B[1][3]                            0.00 
_refine.aniso_B[2][3]                            0.00 
_refine.solvent_model_details                    'FLAT MODEL' 
_refine.solvent_model_param_ksol                 0.378148 
_refine.solvent_model_param_bsol                 41.7591 
_refine.pdbx_solvent_vdw_probe_radii             ? 
_refine.pdbx_solvent_ion_probe_radii             ? 
_refine.pdbx_solvent_shrinkage_radii             ? 
_refine.pdbx_ls_cross_valid_method               THROUGHOUT 
_refine.details                                  ? 
_refine.pdbx_starting_model                      ? 
_refine.pdbx_method_to_determine_struct          MAD 
_refine.pdbx_isotropic_thermal_model             RESTRAINED 
_refine.pdbx_stereochemistry_target_values       'Engh & Huber' 
_refine.pdbx_stereochem_target_val_spec_case     ? 
_refine.pdbx_R_Free_selection_details            RANDOM 
_refine.pdbx_overall_ESU_R                       ? 
_refine.pdbx_overall_ESU_R_Free                  ? 
_refine.overall_SU_ML                            ? 
_refine.overall_SU_B                             ? 
_refine.ls_redundancy_reflns_obs                 ? 
_refine.B_iso_min                                ? 
_refine.B_iso_max                                ? 
_refine.overall_SU_R_Cruickshank_DPI             ? 
_refine.overall_SU_R_free                        ? 
_refine.ls_wR_factor_R_free                      ? 
_refine.ls_wR_factor_R_work                      ? 
_refine.overall_FOM_free_R_set                   ? 
_refine.overall_FOM_work_R_set                   ? 
_refine.pdbx_refine_id                           'X-RAY DIFFRACTION' 
_refine.pdbx_diffrn_id                           1 
_refine.pdbx_TLS_residual_ADP_flag               ? 
_refine.pdbx_overall_phase_error                 ? 
_refine.pdbx_overall_SU_R_free_Cruickshank_DPI   ? 
_refine.pdbx_overall_SU_R_Blow_DPI               ? 
_refine.pdbx_overall_SU_R_free_Blow_DPI          ? 
# 
_refine_analyze.entry_id                        1WOL 
_refine_analyze.Luzzati_coordinate_error_obs    0.16 
_refine_analyze.Luzzati_sigma_a_obs             0.04 
_refine_analyze.Luzzati_d_res_low_obs           5.00 
_refine_analyze.Luzzati_coordinate_error_free   0.20 
_refine_analyze.Luzzati_sigma_a_free            0.08 
_refine_analyze.Luzzati_d_res_low_free          ? 
_refine_analyze.number_disordered_residues      ? 
_refine_analyze.occupancy_sum_hydrogen          ? 
_refine_analyze.occupancy_sum_non_hydrogen      ? 
_refine_analyze.pdbx_Luzzati_d_res_high_obs     ? 
_refine_analyze.pdbx_refine_id                  'X-RAY DIFFRACTION' 
# 
_refine_hist.pdbx_refine_id                   'X-RAY DIFFRACTION' 
_refine_hist.cycle_id                         LAST 
_refine_hist.pdbx_number_atoms_protein        997 
_refine_hist.pdbx_number_atoms_nucleic_acid   0 
_refine_hist.pdbx_number_atoms_ligand         10 
_refine_hist.number_atoms_solvent             84 
_refine_hist.number_atoms_total               1091 
_refine_hist.d_res_high                       1.62 
_refine_hist.d_res_low                        41.35 
# 
loop_
_refine_ls_restr.type 
_refine_ls_restr.dev_ideal 
_refine_ls_restr.dev_ideal_target 
_refine_ls_restr.weight 
_refine_ls_restr.number 
_refine_ls_restr.pdbx_refine_id 
_refine_ls_restr.pdbx_restraint_function 
c_bond_d           0.041 ?    ? ? 'X-RAY DIFFRACTION' ? 
c_angle_deg        3.6   ?    ? ? 'X-RAY DIFFRACTION' ? 
c_dihedral_angle_d 21.0  ?    ? ? 'X-RAY DIFFRACTION' ? 
c_improper_angle_d 3.02  ?    ? ? 'X-RAY DIFFRACTION' ? 
c_mcbond_it        1.88  1.50 ? ? 'X-RAY DIFFRACTION' ? 
c_mcangle_it       3.01  2.00 ? ? 'X-RAY DIFFRACTION' ? 
c_scbond_it        2.78  2.00 ? ? 'X-RAY DIFFRACTION' ? 
c_scangle_it       4.00  2.50 ? ? 'X-RAY DIFFRACTION' ? 
# 
_refine_ls_shell.pdbx_total_number_of_bins_used   6 
_refine_ls_shell.d_res_high                       1.62 
_refine_ls_shell.d_res_low                        1.72 
_refine_ls_shell.number_reflns_R_work             5176 
_refine_ls_shell.R_factor_R_work                  0.209 
_refine_ls_shell.percent_reflns_obs               96.1 
_refine_ls_shell.R_factor_R_free                  0.251 
_refine_ls_shell.R_factor_R_free_error            0.011 
_refine_ls_shell.percent_reflns_R_free            9.7 
_refine_ls_shell.number_reflns_R_free             555 
_refine_ls_shell.number_reflns_obs                ? 
_refine_ls_shell.redundancy_reflns_obs            ? 
_refine_ls_shell.number_reflns_all                ? 
_refine_ls_shell.R_factor_all                     ? 
_refine_ls_shell.pdbx_refine_id                   'X-RAY DIFFRACTION' 
# 
loop_
_pdbx_xplor_file.serial_no 
_pdbx_xplor_file.param_file 
_pdbx_xplor_file.topol_file 
_pdbx_xplor_file.pdbx_refine_id 
1 PROTEIN_REP.PARAM PROTEIN.TOP   'X-RAY DIFFRACTION' 
2 WATER_REP.PARAM   WATER.TOP     'X-RAY DIFFRACTION' 
3 T-BUTANOL.PARAM   T-BUTANOL.TOP 'X-RAY DIFFRACTION' 
# 
_struct.entry_id                  1WOL 
_struct.title                     'Crystal Structure of ST0689, an archaeal HEPN homologue' 
_struct.pdbx_model_details        ? 
_struct.pdbx_CASP_flag            ? 
_struct.pdbx_model_type_details   ? 
# 
_struct_keywords.entry_id        1WOL 
_struct_keywords.pdbx_keywords   'UNKNOWN FUNCTION' 
_struct_keywords.text            'ALPHA HELIX, LOOP, UNKNOWN FUNCTION' 
# 
loop_
_struct_asym.id 
_struct_asym.pdbx_blank_PDB_chainid_flag 
_struct_asym.pdbx_modified 
_struct_asym.entity_id 
_struct_asym.details 
A N N 1 ? 
B N N 2 ? 
C N N 2 ? 
D N N 3 ? 
# 
_struct_ref.id                         1 
_struct_ref.db_name                    UNP 
_struct_ref.db_code                    Q974G3_SULTO 
_struct_ref.pdbx_db_accession          Q974G3 
_struct_ref.entity_id                  1 
_struct_ref.pdbx_seq_one_letter_code   
;MKRVEDWIKQAERDLEEARYAKSGGYYELACFLSQQCAEKAVKGLLQFQGIEKRGHSISHLLTNPPADILQCATFLDKQY
TPSRYPDVYYEGAPYEYYTERDADECINCAIRILNWVKGQIK
;
_struct_ref.pdbx_align_begin           1 
_struct_ref.pdbx_db_isoform            ? 
# 
_struct_ref_seq.align_id                      1 
_struct_ref_seq.ref_id                        1 
_struct_ref_seq.pdbx_PDB_id_code              1WOL 
_struct_ref_seq.pdbx_strand_id                A 
_struct_ref_seq.seq_align_beg                 1 
_struct_ref_seq.pdbx_seq_align_beg_ins_code   ? 
_struct_ref_seq.seq_align_end                 122 
_struct_ref_seq.pdbx_seq_align_end_ins_code   ? 
_struct_ref_seq.pdbx_db_accession             Q974G3 
_struct_ref_seq.db_align_beg                  1 
_struct_ref_seq.pdbx_db_align_beg_ins_code    ? 
_struct_ref_seq.db_align_end                  122 
_struct_ref_seq.pdbx_db_align_end_ins_code    ? 
_struct_ref_seq.pdbx_auth_seq_align_beg       1 
_struct_ref_seq.pdbx_auth_seq_align_end       122 
# 
_pdbx_struct_assembly.id                   1 
_pdbx_struct_assembly.details              author_defined_assembly 
_pdbx_struct_assembly.method_details       ? 
_pdbx_struct_assembly.oligomeric_details   monomeric 
_pdbx_struct_assembly.oligomeric_count     1 
# 
_pdbx_struct_assembly_gen.assembly_id       1 
_pdbx_struct_assembly_gen.oper_expression   1 
_pdbx_struct_assembly_gen.asym_id_list      A,B,C,D 
# 
_pdbx_struct_oper_list.id                   1 
_pdbx_struct_oper_list.type                 'identity operation' 
_pdbx_struct_oper_list.name                 1_555 
_pdbx_struct_oper_list.symmetry_operation   x,y,z 
_pdbx_struct_oper_list.matrix[1][1]         1.0000000000 
_pdbx_struct_oper_list.matrix[1][2]         0.0000000000 
_pdbx_struct_oper_list.matrix[1][3]         0.0000000000 
_pdbx_struct_oper_list.vector[1]            0.0000000000 
_pdbx_struct_oper_list.matrix[2][1]         0.0000000000 
_pdbx_struct_oper_list.matrix[2][2]         1.0000000000 
_pdbx_struct_oper_list.matrix[2][3]         0.0000000000 
_pdbx_struct_oper_list.vector[2]            0.0000000000 
_pdbx_struct_oper_list.matrix[3][1]         0.0000000000 
_pdbx_struct_oper_list.matrix[3][2]         0.0000000000 
_pdbx_struct_oper_list.matrix[3][3]         1.0000000000 
_pdbx_struct_oper_list.vector[3]            0.0000000000 
# 
_struct_biol.id                    1 
_struct_biol.details               'The biological assembly seems to be a monomer' 
_struct_biol.pdbx_parent_biol_id   ? 
# 
loop_
_struct_conf.conf_type_id 
_struct_conf.id 
_struct_conf.pdbx_PDB_helix_id 
_struct_conf.beg_label_comp_id 
_struct_conf.beg_label_asym_id 
_struct_conf.beg_label_seq_id 
_struct_conf.pdbx_beg_PDB_ins_code 
_struct_conf.end_label_comp_id 
_struct_conf.end_label_asym_id 
_struct_conf.end_label_seq_id 
_struct_conf.pdbx_end_PDB_ins_code 
_struct_conf.beg_auth_comp_id 
_struct_conf.beg_auth_asym_id 
_struct_conf.beg_auth_seq_id 
_struct_conf.end_auth_comp_id 
_struct_conf.end_auth_asym_id 
_struct_conf.end_auth_seq_id 
_struct_conf.pdbx_PDB_helix_class 
_struct_conf.details 
_struct_conf.pdbx_PDB_helix_length 
HELX_P HELX_P1 1 ARG A 3  ? GLY A 24  ? ARG A 3  GLY A 24  1 ? 22 
HELX_P HELX_P2 2 TYR A 26 ? GLN A 49  ? TYR A 26 GLN A 49  1 ? 24 
HELX_P HELX_P3 3 SER A 57 ? LEU A 62  ? SER A 57 LEU A 62  1 ? 6  
HELX_P HELX_P4 4 PRO A 66 ? LYS A 78  ? PRO A 66 LYS A 78  1 ? 13 
HELX_P HELX_P5 5 ALA A 93 ? TYR A 98  ? ALA A 93 TYR A 98  5 ? 6  
HELX_P HELX_P6 6 THR A 99 ? ILE A 121 ? THR A 99 ILE A 121 1 ? 23 
# 
_struct_conf_type.id          HELX_P 
_struct_conf_type.criteria    ? 
_struct_conf_type.reference   ? 
# 
loop_
_struct_conn.id 
_struct_conn.conn_type_id 
_struct_conn.pdbx_leaving_atom_flag 
_struct_conn.pdbx_PDB_id 
_struct_conn.ptnr1_label_asym_id 
_struct_conn.ptnr1_label_comp_id 
_struct_conn.ptnr1_label_seq_id 
_struct_conn.ptnr1_label_atom_id 
_struct_conn.pdbx_ptnr1_label_alt_id 
_struct_conn.pdbx_ptnr1_PDB_ins_code 
_struct_conn.pdbx_ptnr1_standard_comp_id 
_struct_conn.ptnr1_symmetry 
_struct_conn.ptnr2_label_asym_id 
_struct_conn.ptnr2_label_comp_id 
_struct_conn.ptnr2_label_seq_id 
_struct_conn.ptnr2_label_atom_id 
_struct_conn.pdbx_ptnr2_label_alt_id 
_struct_conn.pdbx_ptnr2_PDB_ins_code 
_struct_conn.ptnr1_auth_asym_id 
_struct_conn.ptnr1_auth_comp_id 
_struct_conn.ptnr1_auth_seq_id 
_struct_conn.ptnr2_auth_asym_id 
_struct_conn.ptnr2_auth_comp_id 
_struct_conn.ptnr2_auth_seq_id 
_struct_conn.ptnr2_symmetry 
_struct_conn.pdbx_ptnr3_label_atom_id 
_struct_conn.pdbx_ptnr3_label_seq_id 
_struct_conn.pdbx_ptnr3_label_comp_id 
_struct_conn.pdbx_ptnr3_label_asym_id 
_struct_conn.pdbx_ptnr3_label_alt_id 
_struct_conn.pdbx_ptnr3_PDB_ins_code 
_struct_conn.details 
_struct_conn.pdbx_dist_value 
_struct_conn.pdbx_value_order 
_struct_conn.pdbx_role 
disulf1 disulf ? ? A CYS 31 SG ? ? ? 1_555 A CYS 106 SG ? ? A CYS 31 A CYS 106 1_555 ? ? ? ? ? ? ? 2.623 ? ? 
disulf2 disulf ? ? A CYS 72 SG ? ? ? 1_555 A CYS 109 SG ? ? A CYS 72 A CYS 109 1_555 ? ? ? ? ? ? ? 2.067 ? ? 
# 
_struct_conn_type.id          disulf 
_struct_conn_type.criteria    ? 
_struct_conn_type.reference   ? 
# 
loop_
_pdbx_modification_feature.ordinal 
_pdbx_modification_feature.label_comp_id 
_pdbx_modification_feature.label_asym_id 
_pdbx_modification_feature.label_seq_id 
_pdbx_modification_feature.label_alt_id 
_pdbx_modification_feature.modified_residue_label_comp_id 
_pdbx_modification_feature.modified_residue_label_asym_id 
_pdbx_modification_feature.modified_residue_label_seq_id 
_pdbx_modification_feature.modified_residue_label_alt_id 
_pdbx_modification_feature.auth_comp_id 
_pdbx_modification_feature.auth_asym_id 
_pdbx_modification_feature.auth_seq_id 
_pdbx_modification_feature.PDB_ins_code 
_pdbx_modification_feature.symmetry 
_pdbx_modification_feature.modified_residue_auth_comp_id 
_pdbx_modification_feature.modified_residue_auth_asym_id 
_pdbx_modification_feature.modified_residue_auth_seq_id 
_pdbx_modification_feature.modified_residue_PDB_ins_code 
_pdbx_modification_feature.modified_residue_symmetry 
_pdbx_modification_feature.comp_id_linking_atom 
_pdbx_modification_feature.modified_residue_id_linking_atom 
_pdbx_modification_feature.modified_residue_id 
_pdbx_modification_feature.ref_pcm_id 
_pdbx_modification_feature.ref_comp_id 
_pdbx_modification_feature.type 
_pdbx_modification_feature.category 
1 CYS A 31 ? CYS A 106 ? CYS A 31 ? 1_555 CYS A 106 ? 1_555 SG SG . . . None 'Disulfide bridge' 
2 CYS A 72 ? CYS A 109 ? CYS A 72 ? 1_555 CYS A 109 ? 1_555 SG SG . . . None 'Disulfide bridge' 
# 
loop_
_struct_mon_prot_cis.pdbx_id 
_struct_mon_prot_cis.label_comp_id 
_struct_mon_prot_cis.label_seq_id 
_struct_mon_prot_cis.label_asym_id 
_struct_mon_prot_cis.label_alt_id 
_struct_mon_prot_cis.pdbx_PDB_ins_code 
_struct_mon_prot_cis.auth_comp_id 
_struct_mon_prot_cis.auth_seq_id 
_struct_mon_prot_cis.auth_asym_id 
_struct_mon_prot_cis.pdbx_label_comp_id_2 
_struct_mon_prot_cis.pdbx_label_seq_id_2 
_struct_mon_prot_cis.pdbx_label_asym_id_2 
_struct_mon_prot_cis.pdbx_PDB_ins_code_2 
_struct_mon_prot_cis.pdbx_auth_comp_id_2 
_struct_mon_prot_cis.pdbx_auth_seq_id_2 
_struct_mon_prot_cis.pdbx_auth_asym_id_2 
_struct_mon_prot_cis.pdbx_PDB_model_num 
_struct_mon_prot_cis.pdbx_omega_angle 
1 THR 81 A . ? THR 81 A PRO 82 A ? PRO 82 A 1 22.52 
2 TYR 85 A . ? TYR 85 A PRO 86 A ? PRO 86 A 1 0.04  
# 
_struct_site.id                   AC1 
_struct_site.pdbx_evidence_code   Software 
_struct_site.pdbx_auth_asym_id    A 
_struct_site.pdbx_auth_comp_id    TBU 
_struct_site.pdbx_auth_seq_id     123 
_struct_site.pdbx_auth_ins_code   ? 
_struct_site.pdbx_num_residues    4 
_struct_site.details              'BINDING SITE FOR RESIDUE TBU A 123' 
# 
loop_
_struct_site_gen.id 
_struct_site_gen.site_id 
_struct_site_gen.pdbx_num_res 
_struct_site_gen.label_comp_id 
_struct_site_gen.label_asym_id 
_struct_site_gen.label_seq_id 
_struct_site_gen.pdbx_auth_ins_code 
_struct_site_gen.auth_comp_id 
_struct_site_gen.auth_asym_id 
_struct_site_gen.auth_seq_id 
_struct_site_gen.label_atom_id 
_struct_site_gen.label_alt_id 
_struct_site_gen.symmetry 
_struct_site_gen.details 
1 AC1 4 LEU A 33 ? LEU A 33  . ? 4_555 ? 
2 AC1 4 HOH D .  ? HOH A 138 . ? 4_555 ? 
3 AC1 4 HOH D .  ? HOH A 147 . ? 1_555 ? 
4 AC1 4 HOH D .  ? HOH A 181 . ? 1_555 ? 
# 
_pdbx_entry_details.entry_id                   1WOL 
_pdbx_entry_details.compound_details           ? 
_pdbx_entry_details.source_details             ? 
_pdbx_entry_details.nonpolymer_details         ? 
_pdbx_entry_details.sequence_details           ? 
_pdbx_entry_details.has_ligand_of_interest     ? 
_pdbx_entry_details.has_protein_modification   Y 
# 
_pdbx_validate_close_contact.id               1 
_pdbx_validate_close_contact.PDB_model_num    1 
_pdbx_validate_close_contact.auth_atom_id_1   CD1 
_pdbx_validate_close_contact.auth_asym_id_1   A 
_pdbx_validate_close_contact.auth_comp_id_1   TYR 
_pdbx_validate_close_contact.auth_seq_id_1    80 
_pdbx_validate_close_contact.PDB_ins_code_1   ? 
_pdbx_validate_close_contact.label_alt_id_1   ? 
_pdbx_validate_close_contact.auth_atom_id_2   O 
_pdbx_validate_close_contact.auth_asym_id_2   A 
_pdbx_validate_close_contact.auth_comp_id_2   THR 
_pdbx_validate_close_contact.auth_seq_id_2    81 
_pdbx_validate_close_contact.PDB_ins_code_2   ? 
_pdbx_validate_close_contact.label_alt_id_2   ? 
_pdbx_validate_close_contact.dist             1.70 
# 
loop_
_pdbx_validate_rmsd_bond.id 
_pdbx_validate_rmsd_bond.PDB_model_num 
_pdbx_validate_rmsd_bond.auth_atom_id_1 
_pdbx_validate_rmsd_bond.auth_asym_id_1 
_pdbx_validate_rmsd_bond.auth_comp_id_1 
_pdbx_validate_rmsd_bond.auth_seq_id_1 
_pdbx_validate_rmsd_bond.PDB_ins_code_1 
_pdbx_validate_rmsd_bond.label_alt_id_1 
_pdbx_validate_rmsd_bond.auth_atom_id_2 
_pdbx_validate_rmsd_bond.auth_asym_id_2 
_pdbx_validate_rmsd_bond.auth_comp_id_2 
_pdbx_validate_rmsd_bond.auth_seq_id_2 
_pdbx_validate_rmsd_bond.PDB_ins_code_2 
_pdbx_validate_rmsd_bond.label_alt_id_2 
_pdbx_validate_rmsd_bond.bond_value 
_pdbx_validate_rmsd_bond.bond_target_value 
_pdbx_validate_rmsd_bond.bond_deviation 
_pdbx_validate_rmsd_bond.bond_standard_deviation 
_pdbx_validate_rmsd_bond.linker_flag 
1  1 CG  A GLU 5   ? ? CD  A GLU 5   ? ? 1.620 1.515 0.105  0.015 N 
2  1 CG  A GLU 12  ? ? CD  A GLU 12  ? ? 1.386 1.515 -0.129 0.015 N 
3  1 CD  A GLU 12  ? ? OE2 A GLU 12  ? ? 1.321 1.252 0.069  0.011 N 
4  1 CZ  A ARG 13  ? ? NH1 A ARG 13  ? ? 1.422 1.326 0.096  0.013 N 
5  1 CE2 A TYR 20  ? ? CD2 A TYR 20  ? ? 1.486 1.389 0.097  0.015 N 
6  1 CB  A TYR 80  ? ? CG  A TYR 80  ? ? 1.605 1.512 0.093  0.015 N 
7  1 CD1 A TYR 80  ? ? CE1 A TYR 80  ? ? 1.482 1.389 0.093  0.015 N 
8  1 CE2 A TYR 80  ? ? CD2 A TYR 80  ? ? 1.513 1.389 0.124  0.015 N 
9  1 CA  A PRO 82  ? ? C   A PRO 82  ? ? 1.387 1.524 -0.137 0.020 N 
10 1 CG  A PRO 86  ? ? CD  A PRO 86  ? ? 1.295 1.512 -0.217 0.027 N 
11 1 CE2 A TYR 95  ? ? CD2 A TYR 95  ? ? 1.485 1.389 0.096  0.015 N 
12 1 CD  A ARG 112 ? ? NE  A ARG 112 ? ? 1.262 1.460 -0.198 0.017 N 
# 
loop_
_pdbx_validate_rmsd_angle.id 
_pdbx_validate_rmsd_angle.PDB_model_num 
_pdbx_validate_rmsd_angle.auth_atom_id_1 
_pdbx_validate_rmsd_angle.auth_asym_id_1 
_pdbx_validate_rmsd_angle.auth_comp_id_1 
_pdbx_validate_rmsd_angle.auth_seq_id_1 
_pdbx_validate_rmsd_angle.PDB_ins_code_1 
_pdbx_validate_rmsd_angle.label_alt_id_1 
_pdbx_validate_rmsd_angle.auth_atom_id_2 
_pdbx_validate_rmsd_angle.auth_asym_id_2 
_pdbx_validate_rmsd_angle.auth_comp_id_2 
_pdbx_validate_rmsd_angle.auth_seq_id_2 
_pdbx_validate_rmsd_angle.PDB_ins_code_2 
_pdbx_validate_rmsd_angle.label_alt_id_2 
_pdbx_validate_rmsd_angle.auth_atom_id_3 
_pdbx_validate_rmsd_angle.auth_asym_id_3 
_pdbx_validate_rmsd_angle.auth_comp_id_3 
_pdbx_validate_rmsd_angle.auth_seq_id_3 
_pdbx_validate_rmsd_angle.PDB_ins_code_3 
_pdbx_validate_rmsd_angle.label_alt_id_3 
_pdbx_validate_rmsd_angle.angle_value 
_pdbx_validate_rmsd_angle.angle_target_value 
_pdbx_validate_rmsd_angle.angle_deviation 
_pdbx_validate_rmsd_angle.angle_standard_deviation 
_pdbx_validate_rmsd_angle.linker_flag 
1  1 OE1 A GLU 12  ? ? CD A GLU 12  ? ? OE2 A GLU 12  ? ? 134.74 123.30 11.44  1.20 N 
2  1 NE  A ARG 13  ? ? CZ A ARG 13  ? ? NH1 A ARG 13  ? ? 117.03 120.30 -3.27  0.50 N 
3  1 N   A TYR 80  ? ? CA A TYR 80  ? ? C   A TYR 80  ? ? 130.78 111.00 19.78  2.70 N 
4  1 CA  A TYR 80  ? ? C  A TYR 80  ? ? N   A THR 81  ? ? 99.41  117.20 -17.79 2.20 Y 
5  1 C   A TYR 80  ? ? N  A THR 81  ? ? CA  A THR 81  ? ? 155.12 121.70 33.42  2.50 Y 
6  1 N   A THR 81  ? ? CA A THR 81  ? ? C   A THR 81  ? ? 85.45  111.00 -25.55 2.70 N 
7  1 C   A THR 81  ? ? N  A PRO 82  ? ? CA  A PRO 82  ? ? 111.09 127.00 -15.91 2.40 Y 
8  1 C   A THR 81  ? ? N  A PRO 82  ? ? CD  A PRO 82  ? ? 97.41  120.60 -23.19 2.20 Y 
9  1 CA  A PRO 82  ? ? N  A PRO 82  ? ? CD  A PRO 82  ? ? 101.47 111.50 -10.03 1.40 N 
10 1 CB  A PRO 82  ? ? CA A PRO 82  ? ? C   A PRO 82  ? ? 88.79  112.00 -23.21 2.50 N 
11 1 N   A PRO 82  ? ? CA A PRO 82  ? ? CB  A PRO 82  ? ? 110.47 102.60 7.87   1.10 N 
12 1 N   A PRO 82  ? ? CA A PRO 82  ? ? C   A PRO 82  ? ? 81.60  112.10 -30.50 2.60 N 
13 1 N   A SER 83  ? ? CA A SER 83  ? ? C   A SER 83  ? ? 90.67  111.00 -20.33 2.70 N 
14 1 CB  A ASP 87  ? ? CG A ASP 87  ? ? OD2 A ASP 87  ? ? 125.26 118.30 6.96   0.90 N 
15 1 N   A ASP 87  ? ? CA A ASP 87  ? ? C   A ASP 87  ? ? 130.02 111.00 19.02  2.70 N 
16 1 CG1 A VAL 88  ? ? CB A VAL 88  ? ? CG2 A VAL 88  ? ? 99.33  110.90 -11.57 1.60 N 
17 1 NE  A ARG 101 ? ? CZ A ARG 101 ? ? NH1 A ARG 101 ? ? 123.92 120.30 3.62   0.50 N 
18 1 CA  A ARG 112 ? ? CB A ARG 112 ? ? CG  A ARG 112 ? ? 128.28 113.40 14.88  2.20 N 
19 1 CB  A ARG 112 ? ? CG A ARG 112 ? ? CD  A ARG 112 ? ? 93.15  111.60 -18.45 2.60 N 
20 1 CD  A ARG 112 ? ? NE A ARG 112 ? ? CZ  A ARG 112 ? ? 132.49 123.60 8.89   1.40 N 
21 1 NE  A ARG 112 ? ? CZ A ARG 112 ? ? NH1 A ARG 112 ? ? 126.19 120.30 5.89   0.50 N 
22 1 NE  A ARG 112 ? ? CZ A ARG 112 ? ? NH2 A ARG 112 ? ? 109.23 120.30 -11.07 0.50 N 
# 
loop_
_pdbx_validate_torsion.id 
_pdbx_validate_torsion.PDB_model_num 
_pdbx_validate_torsion.auth_comp_id 
_pdbx_validate_torsion.auth_asym_id 
_pdbx_validate_torsion.auth_seq_id 
_pdbx_validate_torsion.PDB_ins_code 
_pdbx_validate_torsion.label_alt_id 
_pdbx_validate_torsion.phi 
_pdbx_validate_torsion.psi 
1 1 ILE A 51 ? ? -110.76 55.82   
2 1 TYR A 80 ? ? -30.17  110.79  
3 1 THR A 81 ? ? -177.66 -171.53 
4 1 PRO A 86 ? ? -58.42  81.84   
5 1 ASP A 87 ? ? -6.58   -52.48  
6 1 VAL A 88 ? ? -58.67  52.40   
# 
loop_
_pdbx_validate_planes.id 
_pdbx_validate_planes.PDB_model_num 
_pdbx_validate_planes.auth_comp_id 
_pdbx_validate_planes.auth_asym_id 
_pdbx_validate_planes.auth_seq_id 
_pdbx_validate_planes.PDB_ins_code 
_pdbx_validate_planes.label_alt_id 
_pdbx_validate_planes.rmsd 
_pdbx_validate_planes.type 
1 1 TYR A 80  ? ? 0.099 'SIDE CHAIN' 
2 1 TYR A 85  ? ? 0.086 'SIDE CHAIN' 
3 1 ARG A 112 ? ? 0.208 'SIDE CHAIN' 
# 
_pdbx_validate_main_chain_plane.id                       1 
_pdbx_validate_main_chain_plane.PDB_model_num            1 
_pdbx_validate_main_chain_plane.auth_comp_id             PRO 
_pdbx_validate_main_chain_plane.auth_asym_id             A 
_pdbx_validate_main_chain_plane.auth_seq_id              82 
_pdbx_validate_main_chain_plane.PDB_ins_code             ? 
_pdbx_validate_main_chain_plane.label_alt_id             ? 
_pdbx_validate_main_chain_plane.improper_torsion_angle   15.32 
# 
loop_
_chem_comp_atom.comp_id 
_chem_comp_atom.atom_id 
_chem_comp_atom.type_symbol 
_chem_comp_atom.pdbx_aromatic_flag 
_chem_comp_atom.pdbx_stereo_config 
_chem_comp_atom.pdbx_ordinal 
ALA N    N N N 1   
ALA CA   C N S 2   
ALA C    C N N 3   
ALA O    O N N 4   
ALA CB   C N N 5   
ALA OXT  O N N 6   
ALA H    H N N 7   
ALA H2   H N N 8   
ALA HA   H N N 9   
ALA HB1  H N N 10  
ALA HB2  H N N 11  
ALA HB3  H N N 12  
ALA HXT  H N N 13  
ARG N    N N N 14  
ARG CA   C N S 15  
ARG C    C N N 16  
ARG O    O N N 17  
ARG CB   C N N 18  
ARG CG   C N N 19  
ARG CD   C N N 20  
ARG NE   N N N 21  
ARG CZ   C N N 22  
ARG NH1  N N N 23  
ARG NH2  N N N 24  
ARG OXT  O N N 25  
ARG H    H N N 26  
ARG H2   H N N 27  
ARG HA   H N N 28  
ARG HB2  H N N 29  
ARG HB3  H N N 30  
ARG HG2  H N N 31  
ARG HG3  H N N 32  
ARG HD2  H N N 33  
ARG HD3  H N N 34  
ARG HE   H N N 35  
ARG HH11 H N N 36  
ARG HH12 H N N 37  
ARG HH21 H N N 38  
ARG HH22 H N N 39  
ARG HXT  H N N 40  
ASN N    N N N 41  
ASN CA   C N S 42  
ASN C    C N N 43  
ASN O    O N N 44  
ASN CB   C N N 45  
ASN CG   C N N 46  
ASN OD1  O N N 47  
ASN ND2  N N N 48  
ASN OXT  O N N 49  
ASN H    H N N 50  
ASN H2   H N N 51  
ASN HA   H N N 52  
ASN HB2  H N N 53  
ASN HB3  H N N 54  
ASN HD21 H N N 55  
ASN HD22 H N N 56  
ASN HXT  H N N 57  
ASP N    N N N 58  
ASP CA   C N S 59  
ASP C    C N N 60  
ASP O    O N N 61  
ASP CB   C N N 62  
ASP CG   C N N 63  
ASP OD1  O N N 64  
ASP OD2  O N N 65  
ASP OXT  O N N 66  
ASP H    H N N 67  
ASP H2   H N N 68  
ASP HA   H N N 69  
ASP HB2  H N N 70  
ASP HB3  H N N 71  
ASP HD2  H N N 72  
ASP HXT  H N N 73  
CYS N    N N N 74  
CYS CA   C N R 75  
CYS C    C N N 76  
CYS O    O N N 77  
CYS CB   C N N 78  
CYS SG   S N N 79  
CYS OXT  O N N 80  
CYS H    H N N 81  
CYS H2   H N N 82  
CYS HA   H N N 83  
CYS HB2  H N N 84  
CYS HB3  H N N 85  
CYS HG   H N N 86  
CYS HXT  H N N 87  
GLN N    N N N 88  
GLN CA   C N S 89  
GLN C    C N N 90  
GLN O    O N N 91  
GLN CB   C N N 92  
GLN CG   C N N 93  
GLN CD   C N N 94  
GLN OE1  O N N 95  
GLN NE2  N N N 96  
GLN OXT  O N N 97  
GLN H    H N N 98  
GLN H2   H N N 99  
GLN HA   H N N 100 
GLN HB2  H N N 101 
GLN HB3  H N N 102 
GLN HG2  H N N 103 
GLN HG3  H N N 104 
GLN HE21 H N N 105 
GLN HE22 H N N 106 
GLN HXT  H N N 107 
GLU N    N N N 108 
GLU CA   C N S 109 
GLU C    C N N 110 
GLU O    O N N 111 
GLU CB   C N N 112 
GLU CG   C N N 113 
GLU CD   C N N 114 
GLU OE1  O N N 115 
GLU OE2  O N N 116 
GLU OXT  O N N 117 
GLU H    H N N 118 
GLU H2   H N N 119 
GLU HA   H N N 120 
GLU HB2  H N N 121 
GLU HB3  H N N 122 
GLU HG2  H N N 123 
GLU HG3  H N N 124 
GLU HE2  H N N 125 
GLU HXT  H N N 126 
GLY N    N N N 127 
GLY CA   C N N 128 
GLY C    C N N 129 
GLY O    O N N 130 
GLY OXT  O N N 131 
GLY H    H N N 132 
GLY H2   H N N 133 
GLY HA2  H N N 134 
GLY HA3  H N N 135 
GLY HXT  H N N 136 
HIS N    N N N 137 
HIS CA   C N S 138 
HIS C    C N N 139 
HIS O    O N N 140 
HIS CB   C N N 141 
HIS CG   C Y N 142 
HIS ND1  N Y N 143 
HIS CD2  C Y N 144 
HIS CE1  C Y N 145 
HIS NE2  N Y N 146 
HIS OXT  O N N 147 
HIS H    H N N 148 
HIS H2   H N N 149 
HIS HA   H N N 150 
HIS HB2  H N N 151 
HIS HB3  H N N 152 
HIS HD1  H N N 153 
HIS HD2  H N N 154 
HIS HE1  H N N 155 
HIS HE2  H N N 156 
HIS HXT  H N N 157 
HOH O    O N N 158 
HOH H1   H N N 159 
HOH H2   H N N 160 
ILE N    N N N 161 
ILE CA   C N S 162 
ILE C    C N N 163 
ILE O    O N N 164 
ILE CB   C N S 165 
ILE CG1  C N N 166 
ILE CG2  C N N 167 
ILE CD1  C N N 168 
ILE OXT  O N N 169 
ILE H    H N N 170 
ILE H2   H N N 171 
ILE HA   H N N 172 
ILE HB   H N N 173 
ILE HG12 H N N 174 
ILE HG13 H N N 175 
ILE HG21 H N N 176 
ILE HG22 H N N 177 
ILE HG23 H N N 178 
ILE HD11 H N N 179 
ILE HD12 H N N 180 
ILE HD13 H N N 181 
ILE HXT  H N N 182 
LEU N    N N N 183 
LEU CA   C N S 184 
LEU C    C N N 185 
LEU O    O N N 186 
LEU CB   C N N 187 
LEU CG   C N N 188 
LEU CD1  C N N 189 
LEU CD2  C N N 190 
LEU OXT  O N N 191 
LEU H    H N N 192 
LEU H2   H N N 193 
LEU HA   H N N 194 
LEU HB2  H N N 195 
LEU HB3  H N N 196 
LEU HG   H N N 197 
LEU HD11 H N N 198 
LEU HD12 H N N 199 
LEU HD13 H N N 200 
LEU HD21 H N N 201 
LEU HD22 H N N 202 
LEU HD23 H N N 203 
LEU HXT  H N N 204 
LYS N    N N N 205 
LYS CA   C N S 206 
LYS C    C N N 207 
LYS O    O N N 208 
LYS CB   C N N 209 
LYS CG   C N N 210 
LYS CD   C N N 211 
LYS CE   C N N 212 
LYS NZ   N N N 213 
LYS OXT  O N N 214 
LYS H    H N N 215 
LYS H2   H N N 216 
LYS HA   H N N 217 
LYS HB2  H N N 218 
LYS HB3  H N N 219 
LYS HG2  H N N 220 
LYS HG3  H N N 221 
LYS HD2  H N N 222 
LYS HD3  H N N 223 
LYS HE2  H N N 224 
LYS HE3  H N N 225 
LYS HZ1  H N N 226 
LYS HZ2  H N N 227 
LYS HZ3  H N N 228 
LYS HXT  H N N 229 
MET N    N N N 230 
MET CA   C N S 231 
MET C    C N N 232 
MET O    O N N 233 
MET CB   C N N 234 
MET CG   C N N 235 
MET SD   S N N 236 
MET CE   C N N 237 
MET OXT  O N N 238 
MET H    H N N 239 
MET H2   H N N 240 
MET HA   H N N 241 
MET HB2  H N N 242 
MET HB3  H N N 243 
MET HG2  H N N 244 
MET HG3  H N N 245 
MET HE1  H N N 246 
MET HE2  H N N 247 
MET HE3  H N N 248 
MET HXT  H N N 249 
PHE N    N N N 250 
PHE CA   C N S 251 
PHE C    C N N 252 
PHE O    O N N 253 
PHE CB   C N N 254 
PHE CG   C Y N 255 
PHE CD1  C Y N 256 
PHE CD2  C Y N 257 
PHE CE1  C Y N 258 
PHE CE2  C Y N 259 
PHE CZ   C Y N 260 
PHE OXT  O N N 261 
PHE H    H N N 262 
PHE H2   H N N 263 
PHE HA   H N N 264 
PHE HB2  H N N 265 
PHE HB3  H N N 266 
PHE HD1  H N N 267 
PHE HD2  H N N 268 
PHE HE1  H N N 269 
PHE HE2  H N N 270 
PHE HZ   H N N 271 
PHE HXT  H N N 272 
PRO N    N N N 273 
PRO CA   C N S 274 
PRO C    C N N 275 
PRO O    O N N 276 
PRO CB   C N N 277 
PRO CG   C N N 278 
PRO CD   C N N 279 
PRO OXT  O N N 280 
PRO H    H N N 281 
PRO HA   H N N 282 
PRO HB2  H N N 283 
PRO HB3  H N N 284 
PRO HG2  H N N 285 
PRO HG3  H N N 286 
PRO HD2  H N N 287 
PRO HD3  H N N 288 
PRO HXT  H N N 289 
SER N    N N N 290 
SER CA   C N S 291 
SER C    C N N 292 
SER O    O N N 293 
SER CB   C N N 294 
SER OG   O N N 295 
SER OXT  O N N 296 
SER H    H N N 297 
SER H2   H N N 298 
SER HA   H N N 299 
SER HB2  H N N 300 
SER HB3  H N N 301 
SER HG   H N N 302 
SER HXT  H N N 303 
TBU O    O N N 304 
TBU C    C N N 305 
TBU C1   C N N 306 
TBU C2   C N N 307 
TBU C3   C N N 308 
TBU HO   H N N 309 
TBU H11  H N N 310 
TBU H12  H N N 311 
TBU H13  H N N 312 
TBU H21  H N N 313 
TBU H22  H N N 314 
TBU H23  H N N 315 
TBU H31  H N N 316 
TBU H32  H N N 317 
TBU H33  H N N 318 
THR N    N N N 319 
THR CA   C N S 320 
THR C    C N N 321 
THR O    O N N 322 
THR CB   C N R 323 
THR OG1  O N N 324 
THR CG2  C N N 325 
THR OXT  O N N 326 
THR H    H N N 327 
THR H2   H N N 328 
THR HA   H N N 329 
THR HB   H N N 330 
THR HG1  H N N 331 
THR HG21 H N N 332 
THR HG22 H N N 333 
THR HG23 H N N 334 
THR HXT  H N N 335 
TRP N    N N N 336 
TRP CA   C N S 337 
TRP C    C N N 338 
TRP O    O N N 339 
TRP CB   C N N 340 
TRP CG   C Y N 341 
TRP CD1  C Y N 342 
TRP CD2  C Y N 343 
TRP NE1  N Y N 344 
TRP CE2  C Y N 345 
TRP CE3  C Y N 346 
TRP CZ2  C Y N 347 
TRP CZ3  C Y N 348 
TRP CH2  C Y N 349 
TRP OXT  O N N 350 
TRP H    H N N 351 
TRP H2   H N N 352 
TRP HA   H N N 353 
TRP HB2  H N N 354 
TRP HB3  H N N 355 
TRP HD1  H N N 356 
TRP HE1  H N N 357 
TRP HE3  H N N 358 
TRP HZ2  H N N 359 
TRP HZ3  H N N 360 
TRP HH2  H N N 361 
TRP HXT  H N N 362 
TYR N    N N N 363 
TYR CA   C N S 364 
TYR C    C N N 365 
TYR O    O N N 366 
TYR CB   C N N 367 
TYR CG   C Y N 368 
TYR CD1  C Y N 369 
TYR CD2  C Y N 370 
TYR CE1  C Y N 371 
TYR CE2  C Y N 372 
TYR CZ   C Y N 373 
TYR OH   O N N 374 
TYR OXT  O N N 375 
TYR H    H N N 376 
TYR H2   H N N 377 
TYR HA   H N N 378 
TYR HB2  H N N 379 
TYR HB3  H N N 380 
TYR HD1  H N N 381 
TYR HD2  H N N 382 
TYR HE1  H N N 383 
TYR HE2  H N N 384 
TYR HH   H N N 385 
TYR HXT  H N N 386 
VAL N    N N N 387 
VAL CA   C N S 388 
VAL C    C N N 389 
VAL O    O N N 390 
VAL CB   C N N 391 
VAL CG1  C N N 392 
VAL CG2  C N N 393 
VAL OXT  O N N 394 
VAL H    H N N 395 
VAL H2   H N N 396 
VAL HA   H N N 397 
VAL HB   H N N 398 
VAL HG11 H N N 399 
VAL HG12 H N N 400 
VAL HG13 H N N 401 
VAL HG21 H N N 402 
VAL HG22 H N N 403 
VAL HG23 H N N 404 
VAL HXT  H N N 405 
# 
loop_
_chem_comp_bond.comp_id 
_chem_comp_bond.atom_id_1 
_chem_comp_bond.atom_id_2 
_chem_comp_bond.value_order 
_chem_comp_bond.pdbx_aromatic_flag 
_chem_comp_bond.pdbx_stereo_config 
_chem_comp_bond.pdbx_ordinal 
ALA N   CA   sing N N 1   
ALA N   H    sing N N 2   
ALA N   H2   sing N N 3   
ALA CA  C    sing N N 4   
ALA CA  CB   sing N N 5   
ALA CA  HA   sing N N 6   
ALA C   O    doub N N 7   
ALA C   OXT  sing N N 8   
ALA CB  HB1  sing N N 9   
ALA CB  HB2  sing N N 10  
ALA CB  HB3  sing N N 11  
ALA OXT HXT  sing N N 12  
ARG N   CA   sing N N 13  
ARG N   H    sing N N 14  
ARG N   H2   sing N N 15  
ARG CA  C    sing N N 16  
ARG CA  CB   sing N N 17  
ARG CA  HA   sing N N 18  
ARG C   O    doub N N 19  
ARG C   OXT  sing N N 20  
ARG CB  CG   sing N N 21  
ARG CB  HB2  sing N N 22  
ARG CB  HB3  sing N N 23  
ARG CG  CD   sing N N 24  
ARG CG  HG2  sing N N 25  
ARG CG  HG3  sing N N 26  
ARG CD  NE   sing N N 27  
ARG CD  HD2  sing N N 28  
ARG CD  HD3  sing N N 29  
ARG NE  CZ   sing N N 30  
ARG NE  HE   sing N N 31  
ARG CZ  NH1  sing N N 32  
ARG CZ  NH2  doub N N 33  
ARG NH1 HH11 sing N N 34  
ARG NH1 HH12 sing N N 35  
ARG NH2 HH21 sing N N 36  
ARG NH2 HH22 sing N N 37  
ARG OXT HXT  sing N N 38  
ASN N   CA   sing N N 39  
ASN N   H    sing N N 40  
ASN N   H2   sing N N 41  
ASN CA  C    sing N N 42  
ASN CA  CB   sing N N 43  
ASN CA  HA   sing N N 44  
ASN C   O    doub N N 45  
ASN C   OXT  sing N N 46  
ASN CB  CG   sing N N 47  
ASN CB  HB2  sing N N 48  
ASN CB  HB3  sing N N 49  
ASN CG  OD1  doub N N 50  
ASN CG  ND2  sing N N 51  
ASN ND2 HD21 sing N N 52  
ASN ND2 HD22 sing N N 53  
ASN OXT HXT  sing N N 54  
ASP N   CA   sing N N 55  
ASP N   H    sing N N 56  
ASP N   H2   sing N N 57  
ASP CA  C    sing N N 58  
ASP CA  CB   sing N N 59  
ASP CA  HA   sing N N 60  
ASP C   O    doub N N 61  
ASP C   OXT  sing N N 62  
ASP CB  CG   sing N N 63  
ASP CB  HB2  sing N N 64  
ASP CB  HB3  sing N N 65  
ASP CG  OD1  doub N N 66  
ASP CG  OD2  sing N N 67  
ASP OD2 HD2  sing N N 68  
ASP OXT HXT  sing N N 69  
CYS N   CA   sing N N 70  
CYS N   H    sing N N 71  
CYS N   H2   sing N N 72  
CYS CA  C    sing N N 73  
CYS CA  CB   sing N N 74  
CYS CA  HA   sing N N 75  
CYS C   O    doub N N 76  
CYS C   OXT  sing N N 77  
CYS CB  SG   sing N N 78  
CYS CB  HB2  sing N N 79  
CYS CB  HB3  sing N N 80  
CYS SG  HG   sing N N 81  
CYS OXT HXT  sing N N 82  
GLN N   CA   sing N N 83  
GLN N   H    sing N N 84  
GLN N   H2   sing N N 85  
GLN CA  C    sing N N 86  
GLN CA  CB   sing N N 87  
GLN CA  HA   sing N N 88  
GLN C   O    doub N N 89  
GLN C   OXT  sing N N 90  
GLN CB  CG   sing N N 91  
GLN CB  HB2  sing N N 92  
GLN CB  HB3  sing N N 93  
GLN CG  CD   sing N N 94  
GLN CG  HG2  sing N N 95  
GLN CG  HG3  sing N N 96  
GLN CD  OE1  doub N N 97  
GLN CD  NE2  sing N N 98  
GLN NE2 HE21 sing N N 99  
GLN NE2 HE22 sing N N 100 
GLN OXT HXT  sing N N 101 
GLU N   CA   sing N N 102 
GLU N   H    sing N N 103 
GLU N   H2   sing N N 104 
GLU CA  C    sing N N 105 
GLU CA  CB   sing N N 106 
GLU CA  HA   sing N N 107 
GLU C   O    doub N N 108 
GLU C   OXT  sing N N 109 
GLU CB  CG   sing N N 110 
GLU CB  HB2  sing N N 111 
GLU CB  HB3  sing N N 112 
GLU CG  CD   sing N N 113 
GLU CG  HG2  sing N N 114 
GLU CG  HG3  sing N N 115 
GLU CD  OE1  doub N N 116 
GLU CD  OE2  sing N N 117 
GLU OE2 HE2  sing N N 118 
GLU OXT HXT  sing N N 119 
GLY N   CA   sing N N 120 
GLY N   H    sing N N 121 
GLY N   H2   sing N N 122 
GLY CA  C    sing N N 123 
GLY CA  HA2  sing N N 124 
GLY CA  HA3  sing N N 125 
GLY C   O    doub N N 126 
GLY C   OXT  sing N N 127 
GLY OXT HXT  sing N N 128 
HIS N   CA   sing N N 129 
HIS N   H    sing N N 130 
HIS N   H2   sing N N 131 
HIS CA  C    sing N N 132 
HIS CA  CB   sing N N 133 
HIS CA  HA   sing N N 134 
HIS C   O    doub N N 135 
HIS C   OXT  sing N N 136 
HIS CB  CG   sing N N 137 
HIS CB  HB2  sing N N 138 
HIS CB  HB3  sing N N 139 
HIS CG  ND1  sing Y N 140 
HIS CG  CD2  doub Y N 141 
HIS ND1 CE1  doub Y N 142 
HIS ND1 HD1  sing N N 143 
HIS CD2 NE2  sing Y N 144 
HIS CD2 HD2  sing N N 145 
HIS CE1 NE2  sing Y N 146 
HIS CE1 HE1  sing N N 147 
HIS NE2 HE2  sing N N 148 
HIS OXT HXT  sing N N 149 
HOH O   H1   sing N N 150 
HOH O   H2   sing N N 151 
ILE N   CA   sing N N 152 
ILE N   H    sing N N 153 
ILE N   H2   sing N N 154 
ILE CA  C    sing N N 155 
ILE CA  CB   sing N N 156 
ILE CA  HA   sing N N 157 
ILE C   O    doub N N 158 
ILE C   OXT  sing N N 159 
ILE CB  CG1  sing N N 160 
ILE CB  CG2  sing N N 161 
ILE CB  HB   sing N N 162 
ILE CG1 CD1  sing N N 163 
ILE CG1 HG12 sing N N 164 
ILE CG1 HG13 sing N N 165 
ILE CG2 HG21 sing N N 166 
ILE CG2 HG22 sing N N 167 
ILE CG2 HG23 sing N N 168 
ILE CD1 HD11 sing N N 169 
ILE CD1 HD12 sing N N 170 
ILE CD1 HD13 sing N N 171 
ILE OXT HXT  sing N N 172 
LEU N   CA   sing N N 173 
LEU N   H    sing N N 174 
LEU N   H2   sing N N 175 
LEU CA  C    sing N N 176 
LEU CA  CB   sing N N 177 
LEU CA  HA   sing N N 178 
LEU C   O    doub N N 179 
LEU C   OXT  sing N N 180 
LEU CB  CG   sing N N 181 
LEU CB  HB2  sing N N 182 
LEU CB  HB3  sing N N 183 
LEU CG  CD1  sing N N 184 
LEU CG  CD2  sing N N 185 
LEU CG  HG   sing N N 186 
LEU CD1 HD11 sing N N 187 
LEU CD1 HD12 sing N N 188 
LEU CD1 HD13 sing N N 189 
LEU CD2 HD21 sing N N 190 
LEU CD2 HD22 sing N N 191 
LEU CD2 HD23 sing N N 192 
LEU OXT HXT  sing N N 193 
LYS N   CA   sing N N 194 
LYS N   H    sing N N 195 
LYS N   H2   sing N N 196 
LYS CA  C    sing N N 197 
LYS CA  CB   sing N N 198 
LYS CA  HA   sing N N 199 
LYS C   O    doub N N 200 
LYS C   OXT  sing N N 201 
LYS CB  CG   sing N N 202 
LYS CB  HB2  sing N N 203 
LYS CB  HB3  sing N N 204 
LYS CG  CD   sing N N 205 
LYS CG  HG2  sing N N 206 
LYS CG  HG3  sing N N 207 
LYS CD  CE   sing N N 208 
LYS CD  HD2  sing N N 209 
LYS CD  HD3  sing N N 210 
LYS CE  NZ   sing N N 211 
LYS CE  HE2  sing N N 212 
LYS CE  HE3  sing N N 213 
LYS NZ  HZ1  sing N N 214 
LYS NZ  HZ2  sing N N 215 
LYS NZ  HZ3  sing N N 216 
LYS OXT HXT  sing N N 217 
MET N   CA   sing N N 218 
MET N   H    sing N N 219 
MET N   H2   sing N N 220 
MET CA  C    sing N N 221 
MET CA  CB   sing N N 222 
MET CA  HA   sing N N 223 
MET C   O    doub N N 224 
MET C   OXT  sing N N 225 
MET CB  CG   sing N N 226 
MET CB  HB2  sing N N 227 
MET CB  HB3  sing N N 228 
MET CG  SD   sing N N 229 
MET CG  HG2  sing N N 230 
MET CG  HG3  sing N N 231 
MET SD  CE   sing N N 232 
MET CE  HE1  sing N N 233 
MET CE  HE2  sing N N 234 
MET CE  HE3  sing N N 235 
MET OXT HXT  sing N N 236 
PHE N   CA   sing N N 237 
PHE N   H    sing N N 238 
PHE N   H2   sing N N 239 
PHE CA  C    sing N N 240 
PHE CA  CB   sing N N 241 
PHE CA  HA   sing N N 242 
PHE C   O    doub N N 243 
PHE C   OXT  sing N N 244 
PHE CB  CG   sing N N 245 
PHE CB  HB2  sing N N 246 
PHE CB  HB3  sing N N 247 
PHE CG  CD1  doub Y N 248 
PHE CG  CD2  sing Y N 249 
PHE CD1 CE1  sing Y N 250 
PHE CD1 HD1  sing N N 251 
PHE CD2 CE2  doub Y N 252 
PHE CD2 HD2  sing N N 253 
PHE CE1 CZ   doub Y N 254 
PHE CE1 HE1  sing N N 255 
PHE CE2 CZ   sing Y N 256 
PHE CE2 HE2  sing N N 257 
PHE CZ  HZ   sing N N 258 
PHE OXT HXT  sing N N 259 
PRO N   CA   sing N N 260 
PRO N   CD   sing N N 261 
PRO N   H    sing N N 262 
PRO CA  C    sing N N 263 
PRO CA  CB   sing N N 264 
PRO CA  HA   sing N N 265 
PRO C   O    doub N N 266 
PRO C   OXT  sing N N 267 
PRO CB  CG   sing N N 268 
PRO CB  HB2  sing N N 269 
PRO CB  HB3  sing N N 270 
PRO CG  CD   sing N N 271 
PRO CG  HG2  sing N N 272 
PRO CG  HG3  sing N N 273 
PRO CD  HD2  sing N N 274 
PRO CD  HD3  sing N N 275 
PRO OXT HXT  sing N N 276 
SER N   CA   sing N N 277 
SER N   H    sing N N 278 
SER N   H2   sing N N 279 
SER CA  C    sing N N 280 
SER CA  CB   sing N N 281 
SER CA  HA   sing N N 282 
SER C   O    doub N N 283 
SER C   OXT  sing N N 284 
SER CB  OG   sing N N 285 
SER CB  HB2  sing N N 286 
SER CB  HB3  sing N N 287 
SER OG  HG   sing N N 288 
SER OXT HXT  sing N N 289 
TBU O   C    sing N N 290 
TBU O   HO   sing N N 291 
TBU C   C1   sing N N 292 
TBU C   C2   sing N N 293 
TBU C   C3   sing N N 294 
TBU C1  H11  sing N N 295 
TBU C1  H12  sing N N 296 
TBU C1  H13  sing N N 297 
TBU C2  H21  sing N N 298 
TBU C2  H22  sing N N 299 
TBU C2  H23  sing N N 300 
TBU C3  H31  sing N N 301 
TBU C3  H32  sing N N 302 
TBU C3  H33  sing N N 303 
THR N   CA   sing N N 304 
THR N   H    sing N N 305 
THR N   H2   sing N N 306 
THR CA  C    sing N N 307 
THR CA  CB   sing N N 308 
THR CA  HA   sing N N 309 
THR C   O    doub N N 310 
THR C   OXT  sing N N 311 
THR CB  OG1  sing N N 312 
THR CB  CG2  sing N N 313 
THR CB  HB   sing N N 314 
THR OG1 HG1  sing N N 315 
THR CG2 HG21 sing N N 316 
THR CG2 HG22 sing N N 317 
THR CG2 HG23 sing N N 318 
THR OXT HXT  sing N N 319 
TRP N   CA   sing N N 320 
TRP N   H    sing N N 321 
TRP N   H2   sing N N 322 
TRP CA  C    sing N N 323 
TRP CA  CB   sing N N 324 
TRP CA  HA   sing N N 325 
TRP C   O    doub N N 326 
TRP C   OXT  sing N N 327 
TRP CB  CG   sing N N 328 
TRP CB  HB2  sing N N 329 
TRP CB  HB3  sing N N 330 
TRP CG  CD1  doub Y N 331 
TRP CG  CD2  sing Y N 332 
TRP CD1 NE1  sing Y N 333 
TRP CD1 HD1  sing N N 334 
TRP CD2 CE2  doub Y N 335 
TRP CD2 CE3  sing Y N 336 
TRP NE1 CE2  sing Y N 337 
TRP NE1 HE1  sing N N 338 
TRP CE2 CZ2  sing Y N 339 
TRP CE3 CZ3  doub Y N 340 
TRP CE3 HE3  sing N N 341 
TRP CZ2 CH2  doub Y N 342 
TRP CZ2 HZ2  sing N N 343 
TRP CZ3 CH2  sing Y N 344 
TRP CZ3 HZ3  sing N N 345 
TRP CH2 HH2  sing N N 346 
TRP OXT HXT  sing N N 347 
TYR N   CA   sing N N 348 
TYR N   H    sing N N 349 
TYR N   H2   sing N N 350 
TYR CA  C    sing N N 351 
TYR CA  CB   sing N N 352 
TYR CA  HA   sing N N 353 
TYR C   O    doub N N 354 
TYR C   OXT  sing N N 355 
TYR CB  CG   sing N N 356 
TYR CB  HB2  sing N N 357 
TYR CB  HB3  sing N N 358 
TYR CG  CD1  doub Y N 359 
TYR CG  CD2  sing Y N 360 
TYR CD1 CE1  sing Y N 361 
TYR CD1 HD1  sing N N 362 
TYR CD2 CE2  doub Y N 363 
TYR CD2 HD2  sing N N 364 
TYR CE1 CZ   doub Y N 365 
TYR CE1 HE1  sing N N 366 
TYR CE2 CZ   sing Y N 367 
TYR CE2 HE2  sing N N 368 
TYR CZ  OH   sing N N 369 
TYR OH  HH   sing N N 370 
TYR OXT HXT  sing N N 371 
VAL N   CA   sing N N 372 
VAL N   H    sing N N 373 
VAL N   H2   sing N N 374 
VAL CA  C    sing N N 375 
VAL CA  CB   sing N N 376 
VAL CA  HA   sing N N 377 
VAL C   O    doub N N 378 
VAL C   OXT  sing N N 379 
VAL CB  CG1  sing N N 380 
VAL CB  CG2  sing N N 381 
VAL CB  HB   sing N N 382 
VAL CG1 HG11 sing N N 383 
VAL CG1 HG12 sing N N 384 
VAL CG1 HG13 sing N N 385 
VAL CG2 HG21 sing N N 386 
VAL CG2 HG22 sing N N 387 
VAL CG2 HG23 sing N N 388 
VAL OXT HXT  sing N N 389 
# 
_atom_sites.entry_id                    1WOL 
_atom_sites.fract_transf_matrix[1][1]   0.01337679 
_atom_sites.fract_transf_matrix[1][2]   -0.01139738 
_atom_sites.fract_transf_matrix[1][3]   0.00564858 
_atom_sites.fract_transf_matrix[2][1]   0.01362199 
_atom_sites.fract_transf_matrix[2][2]   -0.00468338 
_atom_sites.fract_transf_matrix[2][3]   -0.01154465 
_atom_sites.fract_transf_matrix[3][1]   0.00836645 
_atom_sites.fract_transf_matrix[3][2]   0.01224926 
_atom_sites.fract_transf_matrix[3][3]   0.00490268 
_atom_sites.fract_transf_vector[1]      0.504845 
_atom_sites.fract_transf_vector[2]      0.655240 
_atom_sites.fract_transf_vector[3]      -0.124622 
# 
loop_
_atom_type.symbol 
C 
N 
O 
S 
# 
loop_
_atom_site.group_PDB 
_atom_site.id 
_atom_site.type_symbol 
_atom_site.label_atom_id 
_atom_site.label_alt_id 
_atom_site.label_comp_id 
_atom_site.label_asym_id 
_atom_site.label_entity_id 
_atom_site.label_seq_id 
_atom_site.pdbx_PDB_ins_code 
_atom_site.Cartn_x 
_atom_site.Cartn_y 
_atom_site.Cartn_z 
_atom_site.occupancy 
_atom_site.B_iso_or_equiv 
_atom_site.pdbx_formal_charge 
_atom_site.auth_seq_id 
_atom_site.auth_comp_id 
_atom_site.auth_asym_id 
_atom_site.auth_atom_id 
_atom_site.pdbx_PDB_model_num 
ATOM   1    N N   . MET A 1 1   ? 1.853   -15.980 13.553  1.00 26.05 ? 1   MET A N   1 
ATOM   2    C CA  . MET A 1 1   ? 1.157   -16.636 12.409  1.00 26.80 ? 1   MET A CA  1 
ATOM   3    C C   . MET A 1 1   ? -0.138  -15.863 12.026  1.00 25.29 ? 1   MET A C   1 
ATOM   4    O O   . MET A 1 1   ? -0.792  -15.281 12.915  1.00 24.54 ? 1   MET A O   1 
ATOM   5    C CB  . MET A 1 1   ? 0.769   -18.070 12.775  1.00 27.17 ? 1   MET A CB  1 
ATOM   6    C CG  . MET A 1 1   ? 1.941   -18.978 12.603  1.00 29.50 ? 1   MET A CG  1 
ATOM   7    S SD  . MET A 1 1   ? 1.497   -20.635 13.270  1.00 28.40 ? 1   MET A SD  1 
ATOM   8    C CE  . MET A 1 1   ? 0.291   -21.068 11.981  1.00 27.06 ? 1   MET A CE  1 
ATOM   9    N N   . LYS A 1 2   ? -0.472  -15.884 10.725  1.00 24.35 ? 2   LYS A N   1 
ATOM   10   C CA  . LYS A 1 2   ? -1.718  -15.254 10.271  1.00 25.65 ? 2   LYS A CA  1 
ATOM   11   C C   . LYS A 1 2   ? -2.335  -16.122 9.230   1.00 22.75 ? 2   LYS A C   1 
ATOM   12   O O   . LYS A 1 2   ? -1.609  -16.862 8.622   1.00 29.38 ? 2   LYS A O   1 
ATOM   13   C CB  . LYS A 1 2   ? -1.538  -13.920 9.494   1.00 23.92 ? 2   LYS A CB  1 
ATOM   14   C CG  . LYS A 1 2   ? -0.689  -12.930 10.197  1.00 27.10 ? 2   LYS A CG  1 
ATOM   15   C CD  . LYS A 1 2   ? -0.595  -11.666 9.368   1.00 27.98 ? 2   LYS A CD  1 
ATOM   16   C CE  . LYS A 1 2   ? 0.276   -10.636 10.050  1.00 29.26 ? 2   LYS A CE  1 
ATOM   17   N NZ  . LYS A 1 2   ? 0.636   -9.507  9.209   1.00 25.39 ? 2   LYS A NZ  1 
ATOM   18   N N   . ARG A 1 3   ? -3.649  -16.007 9.120   1.00 23.48 ? 3   ARG A N   1 
ATOM   19   C CA  . ARG A 1 3   ? -4.471  -16.591 8.085   1.00 23.10 ? 3   ARG A CA  1 
ATOM   20   C C   . ARG A 1 3   ? -4.654  -15.529 6.988   1.00 23.16 ? 3   ARG A C   1 
ATOM   21   O O   . ARG A 1 3   ? -4.444  -14.357 7.157   1.00 21.80 ? 3   ARG A O   1 
ATOM   22   C CB  . ARG A 1 3   ? -5.843  -16.871 8.561   1.00 24.12 ? 3   ARG A CB  1 
ATOM   23   C CG  . ARG A 1 3   ? -5.841  -18.236 9.347   1.00 29.76 ? 3   ARG A CG  1 
ATOM   24   C CD  . ARG A 1 3   ? -7.223  -18.471 9.708   1.00 36.92 ? 3   ARG A CD  1 
ATOM   25   N NE  . ARG A 1 3   ? -7.518  -17.699 10.918  1.00 40.70 ? 3   ARG A NE  1 
ATOM   26   C CZ  . ARG A 1 3   ? -8.557  -17.923 11.700  1.00 43.27 ? 3   ARG A CZ  1 
ATOM   27   N NH1 . ARG A 1 3   ? -9.429  -18.898 11.384  1.00 45.00 ? 3   ARG A NH1 1 
ATOM   28   N NH2 . ARG A 1 3   ? -8.686  -17.197 12.821  1.00 45.07 ? 3   ARG A NH2 1 
ATOM   29   N N   . VAL A 1 4   ? -5.112  -15.967 5.830   1.00 21.64 ? 4   VAL A N   1 
ATOM   30   C CA  . VAL A 1 4   ? -5.322  -15.024 4.718   1.00 21.77 ? 4   VAL A CA  1 
ATOM   31   C C   . VAL A 1 4   ? -6.327  -13.955 5.211   1.00 20.75 ? 4   VAL A C   1 
ATOM   32   O O   . VAL A 1 4   ? -6.115  -12.768 4.931   1.00 20.97 ? 4   VAL A O   1 
ATOM   33   C CB  . VAL A 1 4   ? -5.992  -15.839 3.502   1.00 21.23 ? 4   VAL A CB  1 
ATOM   34   C CG1 . VAL A 1 4   ? -6.449  -14.797 2.330   1.00 22.71 ? 4   VAL A CG1 1 
ATOM   35   C CG2 . VAL A 1 4   ? -4.916  -16.702 2.899   1.00 25.44 ? 4   VAL A CG2 1 
ATOM   36   N N   . GLU A 1 5   ? -7.400  -14.333 5.910   1.00 20.09 ? 5   GLU A N   1 
ATOM   37   C CA  . GLU A 1 5   ? -8.405  -13.385 6.296   1.00 20.97 ? 5   GLU A CA  1 
ATOM   38   C C   . GLU A 1 5   ? -7.785  -12.341 7.240   1.00 20.93 ? 5   GLU A C   1 
ATOM   39   O O   . GLU A 1 5   ? -8.243  -11.210 7.232   1.00 19.76 ? 5   GLU A O   1 
ATOM   40   C CB  . GLU A 1 5   ? -9.607  -14.052 6.960   1.00 26.31 ? 5   GLU A CB  1 
ATOM   41   C CG  . GLU A 1 5   ? -9.337  -14.920 8.193   1.00 38.37 ? 5   GLU A CG  1 
ATOM   42   C CD  . GLU A 1 5   ? -10.639 -15.770 8.648   1.00 46.60 ? 5   GLU A CD  1 
ATOM   43   O OE1 . GLU A 1 5   ? -10.892 -16.874 8.034   1.00 52.52 ? 5   GLU A OE1 1 
ATOM   44   O OE2 . GLU A 1 5   ? -11.381 -15.360 9.616   1.00 48.98 ? 5   GLU A OE2 1 
ATOM   45   N N   . ASP A 1 6   ? -6.757  -12.706 7.982   1.00 19.71 ? 6   ASP A N   1 
ATOM   46   C CA  . ASP A 1 6   ? -6.110  -11.677 8.866   1.00 19.00 ? 6   ASP A CA  1 
ATOM   47   C C   . ASP A 1 6   ? -5.371  -10.658 8.064   1.00 17.35 ? 6   ASP A C   1 
ATOM   48   O O   . ASP A 1 6   ? -5.402  -9.453  8.437   1.00 18.96 ? 6   ASP A O   1 
ATOM   49   C CB  . ASP A 1 6   ? -5.080  -12.365 9.770   1.00 19.01 ? 6   ASP A CB  1 
ATOM   50   C CG  . ASP A 1 6   ? -5.767  -13.229 10.762  1.00 19.26 ? 6   ASP A CG  1 
ATOM   51   O OD1 . ASP A 1 6   ? -5.213  -14.345 11.087  1.00 23.27 ? 6   ASP A OD1 1 
ATOM   52   O OD2 . ASP A 1 6   ? -6.862  -12.834 11.208  1.00 23.82 ? 6   ASP A OD2 1 
ATOM   53   N N   . TRP A 1 7   ? -4.650  -11.061 7.015   1.00 17.96 ? 7   TRP A N   1 
ATOM   54   C CA  . TRP A 1 7   ? -3.957  -10.084 6.168   1.00 16.56 ? 7   TRP A CA  1 
ATOM   55   C C   . TRP A 1 7   ? -5.003  -9.105  5.581   1.00 15.57 ? 7   TRP A C   1 
ATOM   56   O O   . TRP A 1 7   ? -4.739  -7.906  5.537   1.00 17.14 ? 7   TRP A O   1 
ATOM   57   C CB  . TRP A 1 7   ? -3.230  -10.759 4.964   1.00 17.02 ? 7   TRP A CB  1 
ATOM   58   C CG  . TRP A 1 7   ? -2.007  -11.518 5.443   1.00 17.34 ? 7   TRP A CG  1 
ATOM   59   C CD1 . TRP A 1 7   ? -1.913  -12.908 5.512   1.00 21.01 ? 7   TRP A CD1 1 
ATOM   60   C CD2 . TRP A 1 7   ? -0.757  -11.001 5.719   1.00 19.37 ? 7   TRP A CD2 1 
ATOM   61   N NE1 . TRP A 1 7   ? -0.636  -13.260 5.780   1.00 19.26 ? 7   TRP A NE1 1 
ATOM   62   C CE2 . TRP A 1 7   ? 0.115   -12.127 5.940   1.00 20.40 ? 7   TRP A CE2 1 
ATOM   63   C CE3 . TRP A 1 7   ? -0.238  -9.708  5.831   1.00 20.94 ? 7   TRP A CE3 1 
ATOM   64   C CZ2 . TRP A 1 7   ? 1.466   -11.964 6.247   1.00 22.13 ? 7   TRP A CZ2 1 
ATOM   65   C CZ3 . TRP A 1 7   ? 1.112   -9.518  6.138   1.00 22.64 ? 7   TRP A CZ3 1 
ATOM   66   C CH2 . TRP A 1 7   ? 1.984   -10.686 6.347   1.00 20.38 ? 7   TRP A CH2 1 
ATOM   67   N N   . ILE A 1 8   ? -6.145  -9.664  5.070   1.00 16.16 ? 8   ILE A N   1 
ATOM   68   C CA  . ILE A 1 8   ? -7.137  -8.794  4.456   1.00 16.82 ? 8   ILE A CA  1 
ATOM   69   C C   . ILE A 1 8   ? -7.757  -7.882  5.550   1.00 16.77 ? 8   ILE A C   1 
ATOM   70   O O   . ILE A 1 8   ? -8.006  -6.667  5.263   1.00 17.65 ? 8   ILE A O   1 
ATOM   71   C CB  . ILE A 1 8   ? -8.197  -9.637  3.683   1.00 14.76 ? 8   ILE A CB  1 
ATOM   72   C CG1 . ILE A 1 8   ? -7.524  -10.447 2.587   1.00 16.29 ? 8   ILE A CG1 1 
ATOM   73   C CG2 . ILE A 1 8   ? -9.286  -8.692  3.068   1.00 17.88 ? 8   ILE A CG2 1 
ATOM   74   C CD1 . ILE A 1 8   ? -6.484  -9.700  1.662   1.00 17.20 ? 8   ILE A CD1 1 
ATOM   75   N N   . LYS A 1 9   ? -8.057  -8.355  6.775   1.00 15.98 ? 9   LYS A N   1 
ATOM   76   C CA  . LYS A 1 9   ? -8.606  -7.443  7.792   1.00 16.78 ? 9   LYS A CA  1 
ATOM   77   C C   . LYS A 1 9   ? -7.546  -6.386  8.048   1.00 14.83 ? 9   LYS A C   1 
ATOM   78   O O   . LYS A 1 9   ? -8.030  -5.187  8.230   1.00 15.39 ? 9   LYS A O   1 
ATOM   79   C CB  . LYS A 1 9   ? -8.858  -8.217  9.124   1.00 18.27 ? 9   LYS A CB  1 
ATOM   80   C CG  . LYS A 1 9   ? -10.161 -8.999  9.123   1.00 24.33 ? 9   LYS A CG  1 
ATOM   81   C CD  . LYS A 1 9   ? -10.495 -9.495  10.538  1.00 29.37 ? 9   LYS A CD  1 
ATOM   82   C CE  . LYS A 1 9   ? -9.833  -10.749 10.869  1.00 31.94 ? 9   LYS A CE  1 
ATOM   83   N NZ  . LYS A 1 9   ? -10.455 -11.315 12.242  1.00 31.29 ? 9   LYS A NZ  1 
ATOM   84   N N   . GLN A 1 10  ? -6.262  -6.733  8.159   1.00 16.46 ? 10  GLN A N   1 
ATOM   85   C CA  . GLN A 1 10  ? -5.251  -5.683  8.437   1.00 17.04 ? 10  GLN A CA  1 
ATOM   86   C C   . GLN A 1 10  ? -5.316  -4.681  7.316   1.00 18.73 ? 10  GLN A C   1 
ATOM   87   O O   . GLN A 1 10  ? -5.238  -3.428  7.553   1.00 17.17 ? 10  GLN A O   1 
ATOM   88   C CB  . GLN A 1 10  ? -3.851  -6.242  8.433   1.00 19.97 ? 10  GLN A CB  1 
ATOM   89   C CG  . GLN A 1 10  ? -3.560  -7.010  9.691   1.00 21.71 ? 10  GLN A CG  1 
ATOM   90   C CD  . GLN A 1 10  ? -2.057  -7.316  9.644   1.00 22.42 ? 10  GLN A CD  1 
ATOM   91   O OE1 . GLN A 1 10  ? -1.174  -6.521  10.096  1.00 25.42 ? 10  GLN A OE1 1 
ATOM   92   N NE2 . GLN A 1 10  ? -1.753  -8.422  8.986   1.00 24.32 ? 10  GLN A NE2 1 
ATOM   93   N N   . ALA A 1 11  ? -5.495  -5.164  6.090   1.00 16.43 ? 11  ALA A N   1 
ATOM   94   C CA  . ALA A 1 11  ? -5.477  -4.153  4.985   1.00 14.22 ? 11  ALA A CA  1 
ATOM   95   C C   . ALA A 1 11  ? -6.732  -3.302  5.024   1.00 14.46 ? 11  ALA A C   1 
ATOM   96   O O   . ALA A 1 11  ? -6.574  -2.073  4.732   1.00 14.85 ? 11  ALA A O   1 
ATOM   97   C CB  . ALA A 1 11  ? -5.433  -4.972  3.590   1.00 13.75 ? 11  ALA A CB  1 
ATOM   98   N N   . GLU A 1 12  ? -7.907  -3.859  5.342   1.00 14.25 ? 12  GLU A N   1 
ATOM   99   C CA  . GLU A 1 12  ? -9.126  -3.071  5.359   1.00 16.29 ? 12  GLU A CA  1 
ATOM   100  C C   . GLU A 1 12  ? -9.008  -2.022  6.461   1.00 14.01 ? 12  GLU A C   1 
ATOM   101  O O   . GLU A 1 12  ? -9.409  -0.877  6.341   1.00 14.45 ? 12  GLU A O   1 
ATOM   102  C CB  . GLU A 1 12  ? -10.331 -4.023  5.609   1.00 16.65 ? 12  GLU A CB  1 
ATOM   103  C CG  . GLU A 1 12  ? -10.348 -4.883  4.420   1.00 21.23 ? 12  GLU A CG  1 
ATOM   104  C CD  . GLU A 1 12  ? -11.518 -5.592  4.203   1.00 31.70 ? 12  GLU A CD  1 
ATOM   105  O OE1 . GLU A 1 12  ? -11.929 -6.181  5.275   1.00 35.95 ? 12  GLU A OE1 1 
ATOM   106  O OE2 . GLU A 1 12  ? -11.931 -5.551  2.949   1.00 32.13 ? 12  GLU A OE2 1 
ATOM   107  N N   . ARG A 1 13  ? -8.351  -2.396  7.593   1.00 14.16 ? 13  ARG A N   1 
ATOM   108  C CA  . ARG A 1 13  ? -8.281  -1.401  8.703   1.00 13.60 ? 13  ARG A CA  1 
ATOM   109  C C   . ARG A 1 13  ? -7.258  -0.301  8.317   1.00 14.10 ? 13  ARG A C   1 
ATOM   110  O O   . ARG A 1 13  ? -7.487  0.888   8.683   1.00 12.65 ? 13  ARG A O   1 
ATOM   111  C CB  . ARG A 1 13  ? -7.700  -2.199  9.962   1.00 14.72 ? 13  ARG A CB  1 
ATOM   112  C CG  . ARG A 1 13  ? -7.709  -1.288  11.279  1.00 14.76 ? 13  ARG A CG  1 
ATOM   113  C CD  . ARG A 1 13  ? -9.230  -1.088  11.670  1.00 19.73 ? 13  ARG A CD  1 
ATOM   114  N NE  . ARG A 1 13  ? -9.240  -0.619  13.065  1.00 30.27 ? 13  ARG A NE  1 
ATOM   115  C CZ  . ARG A 1 13  ? -10.332 -0.599  13.727  1.00 24.29 ? 13  ARG A CZ  1 
ATOM   116  N NH1 . ARG A 1 13  ? -11.491 -1.104  13.076  1.00 34.10 ? 13  ARG A NH1 1 
ATOM   117  N NH2 . ARG A 1 13  ? -10.376 0.039   14.892  1.00 29.38 ? 13  ARG A NH2 1 
ATOM   118  N N   . ASP A 1 14  ? -6.162  -0.663  7.666   1.00 11.92 ? 14  ASP A N   1 
ATOM   119  C CA  . ASP A 1 14  ? -5.167  0.323   7.223   1.00 12.47 ? 14  ASP A CA  1 
ATOM   120  C C   . ASP A 1 14  ? -5.872  1.318   6.261   1.00 12.61 ? 14  ASP A C   1 
ATOM   121  O O   . ASP A 1 14  ? -5.575  2.513   6.287   1.00 13.13 ? 14  ASP A O   1 
ATOM   122  C CB  . ASP A 1 14  ? -3.986  -0.368  6.491   1.00 13.98 ? 14  ASP A CB  1 
ATOM   123  C CG  . ASP A 1 14  ? -3.092  -1.137  7.443   1.00 18.47 ? 14  ASP A CG  1 
ATOM   124  O OD1 . ASP A 1 14  ? -3.190  -0.825  8.618   1.00 20.32 ? 14  ASP A OD1 1 
ATOM   125  O OD2 . ASP A 1 14  ? -2.311  -1.961  6.973   1.00 15.39 ? 14  ASP A OD2 1 
ATOM   126  N N   . LEU A 1 15  ? -6.742  0.838   5.313   1.00 13.25 ? 15  LEU A N   1 
ATOM   127  C CA  . LEU A 1 15  ? -7.494  1.757   4.408   1.00 11.68 ? 15  LEU A CA  1 
ATOM   128  C C   . LEU A 1 15  ? -8.372  2.666   5.201   1.00 14.12 ? 15  LEU A C   1 
ATOM   129  O O   . LEU A 1 15  ? -8.435  3.878   4.950   1.00 12.94 ? 15  LEU A O   1 
ATOM   130  C CB  . LEU A 1 15  ? -8.272  0.918   3.398   1.00 13.57 ? 15  LEU A CB  1 
ATOM   131  C CG  . LEU A 1 15  ? -9.206  1.729   2.578   1.00 12.73 ? 15  LEU A CG  1 
ATOM   132  C CD1 . LEU A 1 15  ? -8.533  2.797   1.685   1.00 14.95 ? 15  LEU A CD1 1 
ATOM   133  C CD2 . LEU A 1 15  ? -9.954  0.711   1.552   1.00 12.84 ? 15  LEU A CD2 1 
ATOM   134  N N   . GLU A 1 16  ? -9.128  2.150   6.142   1.00 12.34 ? 16  GLU A N   1 
ATOM   135  C CA  . GLU A 1 16  ? -9.991  3.023   6.977   1.00 11.84 ? 16  GLU A CA  1 
ATOM   136  C C   . GLU A 1 16  ? -9.168  4.026   7.660   1.00 12.38 ? 16  GLU A C   1 
ATOM   137  O O   . GLU A 1 16  ? -9.610  5.191   7.724   1.00 13.70 ? 16  GLU A O   1 
ATOM   138  C CB  . GLU A 1 16  ? -10.768 2.083   7.977   1.00 13.74 ? 16  GLU A CB  1 
ATOM   139  C CG  . GLU A 1 16  ? -11.635 2.937   8.908   1.00 17.12 ? 16  GLU A CG  1 
ATOM   140  C CD  . GLU A 1 16  ? -12.486 2.032   9.822   1.00 21.28 ? 16  GLU A CD  1 
ATOM   141  O OE1 . GLU A 1 16  ? -13.179 1.058   9.294   1.00 23.30 ? 16  GLU A OE1 1 
ATOM   142  O OE2 . GLU A 1 16  ? -12.620 2.391   10.987  1.00 18.65 ? 16  GLU A OE2 1 
ATOM   143  N N   . GLU A 1 17  ? -8.018  3.622   8.198   1.00 13.19 ? 17  GLU A N   1 
ATOM   144  C CA  . GLU A 1 17  ? -7.195  4.646   8.937   1.00 10.44 ? 17  GLU A CA  1 
ATOM   145  C C   . GLU A 1 17  ? -6.596  5.642   7.947   1.00 11.55 ? 17  GLU A C   1 
ATOM   146  O O   . GLU A 1 17  ? -6.431  6.769   8.368   1.00 12.21 ? 17  GLU A O   1 
ATOM   147  C CB  . GLU A 1 17  ? -6.061  3.846   9.578   1.00 10.87 ? 17  GLU A CB  1 
ATOM   148  C CG  . GLU A 1 17  ? -6.620  3.073   10.836  1.00 10.96 ? 17  GLU A CG  1 
ATOM   149  C CD  . GLU A 1 17  ? -5.546  2.137   11.427  1.00 13.00 ? 17  GLU A CD  1 
ATOM   150  O OE1 . GLU A 1 17  ? -4.487  1.921   10.903  1.00 15.33 ? 17  GLU A OE1 1 
ATOM   151  O OE2 . GLU A 1 17  ? -5.903  1.487   12.485  1.00 13.70 ? 17  GLU A OE2 1 
ATOM   152  N N   . ALA A 1 18  ? -6.287  5.213   6.716   1.00 12.20 ? 18  ALA A N   1 
ATOM   153  C CA  . ALA A 1 18  ? -5.755  6.212   5.743   1.00 11.27 ? 18  ALA A CA  1 
ATOM   154  C C   . ALA A 1 18  ? -6.773  7.261   5.439   1.00 12.82 ? 18  ALA A C   1 
ATOM   155  O O   . ALA A 1 18  ? -6.421  8.431   5.333   1.00 11.47 ? 18  ALA A O   1 
ATOM   156  C CB  . ALA A 1 18  ? -5.338  5.425   4.450   1.00 12.35 ? 18  ALA A CB  1 
ATOM   157  N N   . ARG A 1 19  ? -8.033  6.835   5.213   1.00 12.92 ? 19  ARG A N   1 
ATOM   158  C CA  . ARG A 1 19  ? -9.073  7.864   4.983   1.00 11.52 ? 19  ARG A CA  1 
ATOM   159  C C   . ARG A 1 19  ? -9.224  8.755   6.195   1.00 12.51 ? 19  ARG A C   1 
ATOM   160  O O   . ARG A 1 19  ? -9.392  9.989   6.088   1.00 13.46 ? 19  ARG A O   1 
ATOM   161  C CB  . ARG A 1 19  ? -10.436 7.218   4.703   1.00 13.77 ? 19  ARG A CB  1 
ATOM   162  C CG  . ARG A 1 19  ? -10.445 6.368   3.488   1.00 13.75 ? 19  ARG A CG  1 
ATOM   163  C CD  . ARG A 1 19  ? -11.912 5.976   3.300   1.00 15.12 ? 19  ARG A CD  1 
ATOM   164  N NE  . ARG A 1 19  ? -12.125 4.853   2.388   1.00 16.40 ? 19  ARG A NE  1 
ATOM   165  C CZ  . ARG A 1 19  ? -12.280 4.917   1.070   1.00 18.34 ? 19  ARG A CZ  1 
ATOM   166  N NH1 . ARG A 1 19  ? -12.178 6.065   0.403   1.00 17.96 ? 19  ARG A NH1 1 
ATOM   167  N NH2 . ARG A 1 19  ? -12.693 3.802   0.399   1.00 15.83 ? 19  ARG A NH2 1 
ATOM   168  N N   . TYR A 1 20  ? -9.185  8.153   7.421   1.00 12.25 ? 20  TYR A N   1 
ATOM   169  C CA  . TYR A 1 20  ? -9.338  8.957   8.631   1.00 12.34 ? 20  TYR A CA  1 
ATOM   170  C C   . TYR A 1 20  ? -8.142  9.991   8.697   1.00 11.94 ? 20  TYR A C   1 
ATOM   171  O O   . TYR A 1 20  ? -8.314  11.128  9.109   1.00 12.81 ? 20  TYR A O   1 
ATOM   172  C CB  . TYR A 1 20  ? -9.353  7.951   9.857   1.00 13.04 ? 20  TYR A CB  1 
ATOM   173  C CG  . TYR A 1 20  ? -9.554  8.674   11.136  1.00 12.15 ? 20  TYR A CG  1 
ATOM   174  C CD1 . TYR A 1 20  ? -8.497  8.657   12.079  1.00 12.98 ? 20  TYR A CD1 1 
ATOM   175  C CD2 . TYR A 1 20  ? -10.720 9.219   11.471  1.00 17.06 ? 20  TYR A CD2 1 
ATOM   176  C CE1 . TYR A 1 20  ? -8.590  9.134   13.342  1.00 16.77 ? 20  TYR A CE1 1 
ATOM   177  C CE2 . TYR A 1 20  ? -10.852 9.815   12.826  1.00 16.55 ? 20  TYR A CE2 1 
ATOM   178  C CZ  . TYR A 1 20  ? -9.722  9.737   13.712  1.00 14.40 ? 20  TYR A CZ  1 
ATOM   179  O OH  . TYR A 1 20  ? -9.730  10.369  14.979  1.00 21.64 ? 20  TYR A OH  1 
ATOM   180  N N   . ALA A 1 21  ? -6.939  9.525   8.396   1.00 12.01 ? 21  ALA A N   1 
ATOM   181  C CA  . ALA A 1 21  ? -5.813  10.444  8.460   1.00 12.47 ? 21  ALA A CA  1 
ATOM   182  C C   . ALA A 1 21  ? -6.019  11.546  7.449   1.00 12.90 ? 21  ALA A C   1 
ATOM   183  O O   . ALA A 1 21  ? -5.760  12.740  7.758   1.00 13.53 ? 21  ALA A O   1 
ATOM   184  C CB  . ALA A 1 21  ? -4.491  9.683   8.086   1.00 14.15 ? 21  ALA A CB  1 
ATOM   185  N N   . LYS A 1 22  ? -6.495  11.247  6.255   1.00 11.51 ? 22  LYS A N   1 
ATOM   186  C CA  . LYS A 1 22  ? -6.713  12.376  5.233   1.00 13.10 ? 22  LYS A CA  1 
ATOM   187  C C   . LYS A 1 22  ? -7.728  13.339  5.818   1.00 14.22 ? 22  LYS A C   1 
ATOM   188  O O   . LYS A 1 22  ? -7.571  14.570  5.681   1.00 16.17 ? 22  LYS A O   1 
ATOM   189  C CB  . LYS A 1 22  ? -7.200  11.709  3.930   1.00 11.73 ? 22  LYS A CB  1 
ATOM   190  C CG  . LYS A 1 22  ? -7.726  12.843  3.020   1.00 14.47 ? 22  LYS A CG  1 
ATOM   191  C CD  . LYS A 1 22  ? -8.321  12.268  1.773   1.00 18.81 ? 22  LYS A CD  1 
ATOM   192  C CE  . LYS A 1 22  ? -9.123  13.509  1.138   1.00 17.83 ? 22  LYS A CE  1 
ATOM   193  N NZ  . LYS A 1 22  ? -9.773  13.192  -0.122  1.00 18.91 ? 22  LYS A NZ  1 
ATOM   194  N N   . SER A 1 23  ? -8.777  12.830  6.462   1.00 14.34 ? 23  SER A N   1 
ATOM   195  C CA  . SER A 1 23  ? -9.794  13.762  7.051   1.00 16.38 ? 23  SER A CA  1 
ATOM   196  C C   . SER A 1 23  ? -9.252  14.658  8.043   1.00 18.07 ? 23  SER A C   1 
ATOM   197  O O   . SER A 1 23  ? -9.731  15.808  8.190   1.00 22.74 ? 23  SER A O   1 
ATOM   198  C CB  . SER A 1 23  ? -10.906 12.865  7.633   1.00 18.64 ? 23  SER A CB  1 
ATOM   199  O OG  . SER A 1 23  ? -11.968 13.674  8.147   1.00 29.72 ? 23  SER A OG  1 
ATOM   200  N N   . GLY A 1 24  ? -8.210  14.271  8.731   1.00 14.96 ? 24  GLY A N   1 
ATOM   201  C CA  . GLY A 1 24  ? -7.566  15.123  9.714   1.00 15.90 ? 24  GLY A CA  1 
ATOM   202  C C   . GLY A 1 24  ? -6.466  16.086  9.163   1.00 14.28 ? 24  GLY A C   1 
ATOM   203  O O   . GLY A 1 24  ? -5.820  16.848  9.909   1.00 19.42 ? 24  GLY A O   1 
ATOM   204  N N   . GLY A 1 25  ? -6.226  15.967  7.842   1.00 14.12 ? 25  GLY A N   1 
ATOM   205  C CA  . GLY A 1 25  ? -5.168  16.743  7.189   1.00 14.89 ? 25  GLY A CA  1 
ATOM   206  C C   . GLY A 1 25  ? -3.814  16.064  7.239   1.00 14.47 ? 25  GLY A C   1 
ATOM   207  O O   . GLY A 1 25  ? -2.726  16.679  6.890   1.00 16.64 ? 25  GLY A O   1 
ATOM   208  N N   . TYR A 1 26  ? -3.752  14.785  7.616   1.00 12.65 ? 26  TYR A N   1 
ATOM   209  C CA  . TYR A 1 26  ? -2.464  14.149  7.814   1.00 10.71 ? 26  TYR A CA  1 
ATOM   210  C C   . TYR A 1 26  ? -2.057  13.357  6.624   1.00 12.43 ? 26  TYR A C   1 
ATOM   211  O O   . TYR A 1 26  ? -2.155  12.113  6.576   1.00 12.49 ? 26  TYR A O   1 
ATOM   212  C CB  . TYR A 1 26  ? -2.482  13.291  9.098   1.00 12.80 ? 26  TYR A CB  1 
ATOM   213  C CG  . TYR A 1 26  ? -2.896  14.072  10.348  1.00 13.20 ? 26  TYR A CG  1 
ATOM   214  C CD1 . TYR A 1 26  ? -4.075  13.724  11.025  1.00 15.01 ? 26  TYR A CD1 1 
ATOM   215  C CD2 . TYR A 1 26  ? -2.135  15.094  10.788  1.00 14.39 ? 26  TYR A CD2 1 
ATOM   216  C CE1 . TYR A 1 26  ? -4.466  14.449  12.225  1.00 15.54 ? 26  TYR A CE1 1 
ATOM   217  C CE2 . TYR A 1 26  ? -2.508  15.871  11.935  1.00 15.18 ? 26  TYR A CE2 1 
ATOM   218  C CZ  . TYR A 1 26  ? -3.679  15.479  12.606  1.00 15.22 ? 26  TYR A CZ  1 
ATOM   219  O OH  . TYR A 1 26  ? -4.112  16.241  13.715  1.00 16.27 ? 26  TYR A OH  1 
ATOM   220  N N   . TYR A 1 27  ? -1.664  14.116  5.600   1.00 13.16 ? 27  TYR A N   1 
ATOM   221  C CA  . TYR A 1 27  ? -1.514  13.442  4.274   1.00 12.39 ? 27  TYR A CA  1 
ATOM   222  C C   . TYR A 1 27  ? -0.368  12.504  4.150   1.00 12.39 ? 27  TYR A C   1 
ATOM   223  O O   . TYR A 1 27  ? -0.513  11.466  3.426   1.00 13.94 ? 27  TYR A O   1 
ATOM   224  C CB  . TYR A 1 27  ? -1.480  14.568  3.150   1.00 14.50 ? 27  TYR A CB  1 
ATOM   225  C CG  . TYR A 1 27  ? -2.669  15.466  3.242   1.00 13.72 ? 27  TYR A CG  1 
ATOM   226  C CD1 . TYR A 1 27  ? -2.474  16.891  3.207   1.00 15.24 ? 27  TYR A CD1 1 
ATOM   227  C CD2 . TYR A 1 27  ? -3.977  15.018  3.368   1.00 14.54 ? 27  TYR A CD2 1 
ATOM   228  C CE1 . TYR A 1 27  ? -3.529  17.783  3.291   1.00 14.69 ? 27  TYR A CE1 1 
ATOM   229  C CE2 . TYR A 1 27  ? -5.049  15.919  3.529   1.00 16.73 ? 27  TYR A CE2 1 
ATOM   230  C CZ  . TYR A 1 27  ? -4.795  17.326  3.465   1.00 15.91 ? 27  TYR A CZ  1 
ATOM   231  O OH  . TYR A 1 27  ? -5.902  18.176  3.525   1.00 19.96 ? 27  TYR A OH  1 
ATOM   232  N N   . GLU A 1 28  ? 0.776   12.777  4.802   1.00 12.76 ? 28  GLU A N   1 
ATOM   233  C CA  . GLU A 1 28  ? 1.824   11.811  4.737   1.00 13.60 ? 28  GLU A CA  1 
ATOM   234  C C   . GLU A 1 28  ? 1.456   10.488  5.420   1.00 12.03 ? 28  GLU A C   1 
ATOM   235  O O   . GLU A 1 28  ? 1.845   9.395   5.005   1.00 13.70 ? 28  GLU A O   1 
ATOM   236  C CB  . GLU A 1 28  ? 3.095   12.420  5.347   1.00 14.06 ? 28  GLU A CB  1 
ATOM   237  C CG  . GLU A 1 28  ? 3.311   12.210  6.923   1.00 13.65 ? 28  GLU A CG  1 
ATOM   238  C CD  . GLU A 1 28  ? 2.266   12.903  7.790   1.00 14.35 ? 28  GLU A CD  1 
ATOM   239  O OE1 . GLU A 1 28  ? 2.606   12.854  9.041   1.00 17.47 ? 28  GLU A OE1 1 
ATOM   240  O OE2 . GLU A 1 28  ? 1.282   13.463  7.363   1.00 17.29 ? 28  GLU A OE2 1 
ATOM   241  N N   . LEU A 1 29  ? 0.646   10.621  6.493   1.00 11.34 ? 29  LEU A N   1 
ATOM   242  C CA  . LEU A 1 29  ? 0.142   9.425   7.186   1.00 11.23 ? 29  LEU A CA  1 
ATOM   243  C C   . LEU A 1 29  ? -0.813  8.651   6.261   1.00 11.07 ? 29  LEU A C   1 
ATOM   244  O O   . LEU A 1 29  ? -0.758  7.452   6.292   1.00 11.46 ? 29  LEU A O   1 
ATOM   245  C CB  . LEU A 1 29  ? -0.500  9.926   8.506   1.00 12.09 ? 29  LEU A CB  1 
ATOM   246  C CG  . LEU A 1 29  ? -1.028  8.732   9.395   1.00 12.64 ? 29  LEU A CG  1 
ATOM   247  C CD1 . LEU A 1 29  ? 0.018   7.706   9.692   1.00 12.90 ? 29  LEU A CD1 1 
ATOM   248  C CD2 . LEU A 1 29  ? -1.669  9.345   10.646  1.00 13.12 ? 29  LEU A CD2 1 
ATOM   249  N N   . ALA A 1 30  ? -1.725  9.364   5.688   1.00 12.41 ? 30  ALA A N   1 
ATOM   250  C CA  . ALA A 1 30  ? -2.636  8.664   4.752   1.00 12.05 ? 30  ALA A CA  1 
ATOM   251  C C   . ALA A 1 30  ? -1.810  7.921   3.687   1.00 12.78 ? 30  ALA A C   1 
ATOM   252  O O   . ALA A 1 30  ? -2.165  6.740   3.327   1.00 12.39 ? 30  ALA A O   1 
ATOM   253  C CB  . ALA A 1 30  ? -3.442  9.716   4.058   1.00 13.83 ? 30  ALA A CB  1 
ATOM   254  N N   . CYS A 1 31  ? -0.688  8.491   3.221   1.00 11.45 ? 31  CYS A N   1 
ATOM   255  C CA  . CYS A 1 31  ? 0.119   7.764   2.173   1.00 11.41 ? 31  CYS A CA  1 
ATOM   256  C C   . CYS A 1 31  ? 0.818   6.586   2.718   1.00 12.04 ? 31  CYS A C   1 
ATOM   257  O O   . CYS A 1 31  ? 0.886   5.523   2.148   1.00 13.43 ? 31  CYS A O   1 
ATOM   258  C CB  . CYS A 1 31  ? 1.170   8.727   1.588   1.00 12.10 ? 31  CYS A CB  1 
ATOM   259  S SG  . CYS A 1 31  ? 0.331   9.809   0.329   1.00 17.99 ? 31  CYS A SG  1 
ATOM   260  N N   . PHE A 1 32  ? 1.386   6.715   3.969   1.00 13.04 ? 32  PHE A N   1 
ATOM   261  C CA  . PHE A 1 32  ? 1.997   5.545   4.551   1.00 12.45 ? 32  PHE A CA  1 
ATOM   262  C C   . PHE A 1 32  ? 1.057   4.418   4.755   1.00 12.48 ? 32  PHE A C   1 
ATOM   263  O O   . PHE A 1 32  ? 1.415   3.240   4.563   1.00 13.90 ? 32  PHE A O   1 
ATOM   264  C CB  . PHE A 1 32  ? 2.524   6.049   5.957   1.00 11.49 ? 32  PHE A CB  1 
ATOM   265  C CG  . PHE A 1 32  ? 3.085   4.932   6.793   1.00 15.90 ? 32  PHE A CG  1 
ATOM   266  C CD1 . PHE A 1 32  ? 4.387   4.419   6.515   1.00 19.98 ? 32  PHE A CD1 1 
ATOM   267  C CD2 . PHE A 1 32  ? 2.335   4.403   7.788   1.00 16.86 ? 32  PHE A CD2 1 
ATOM   268  C CE1 . PHE A 1 32  ? 4.863   3.301   7.345   1.00 22.72 ? 32  PHE A CE1 1 
ATOM   269  C CE2 . PHE A 1 32  ? 2.797   3.327   8.560   1.00 18.31 ? 32  PHE A CE2 1 
ATOM   270  C CZ  . PHE A 1 32  ? 4.014   2.809   8.344   1.00 17.12 ? 32  PHE A CZ  1 
ATOM   271  N N   . LEU A 1 33  ? -0.168  4.735   5.302   1.00 12.29 ? 33  LEU A N   1 
ATOM   272  C CA  . LEU A 1 33  ? -1.170  3.705   5.642   1.00 10.69 ? 33  LEU A CA  1 
ATOM   273  C C   . LEU A 1 33  ? -1.743  3.075   4.330   1.00 11.79 ? 33  LEU A C   1 
ATOM   274  O O   . LEU A 1 33  ? -2.079  1.902   4.372   1.00 13.52 ? 33  LEU A O   1 
ATOM   275  C CB  . LEU A 1 33  ? -2.310  4.357   6.462   1.00 11.81 ? 33  LEU A CB  1 
ATOM   276  C CG  . LEU A 1 33  ? -1.901  4.683   7.905   1.00 10.24 ? 33  LEU A CG  1 
ATOM   277  C CD1 . LEU A 1 33  ? -2.982  5.597   8.437   1.00 12.18 ? 33  LEU A CD1 1 
ATOM   278  C CD2 . LEU A 1 33  ? -1.707  3.409   8.678   1.00 14.32 ? 33  LEU A CD2 1 
ATOM   279  N N   . SER A 1 34  ? -1.725  3.856   3.255   1.00 11.57 ? 34  SER A N   1 
ATOM   280  C CA  . SER A 1 34  ? -2.151  3.249   1.941   1.00 11.70 ? 34  SER A CA  1 
ATOM   281  C C   . SER A 1 34  ? -1.103  2.238   1.493   1.00 11.65 ? 34  SER A C   1 
ATOM   282  O O   . SER A 1 34  ? -1.480  1.171   0.959   1.00 12.36 ? 34  SER A O   1 
ATOM   283  C CB  . SER A 1 34  ? -2.233  4.371   0.861   1.00 12.22 ? 34  SER A CB  1 
ATOM   284  O OG  . SER A 1 34  ? -3.306  5.238   1.276   1.00 12.56 ? 34  SER A OG  1 
ATOM   285  N N   . GLN A 1 35  ? 0.209   2.516   1.653   1.00 12.31 ? 35  GLN A N   1 
ATOM   286  C CA  . GLN A 1 35  ? 1.163   1.511   1.306   1.00 15.80 ? 35  GLN A CA  1 
ATOM   287  C C   . GLN A 1 35  ? 1.058   0.298   2.191   1.00 15.18 ? 35  GLN A C   1 
ATOM   288  O O   . GLN A 1 35  ? 1.084   -0.799  1.661   1.00 15.96 ? 35  GLN A O   1 
ATOM   289  C CB  . GLN A 1 35  ? 2.577   2.074   1.363   1.00 19.26 ? 35  GLN A CB  1 
ATOM   290  C CG  . GLN A 1 35  ? 3.484   0.896   1.013   1.00 23.23 ? 35  GLN A CG  1 
ATOM   291  C CD  . GLN A 1 35  ? 4.721   0.773   1.630   1.00 36.22 ? 35  GLN A CD  1 
ATOM   292  O OE1 . GLN A 1 35  ? 5.456   1.705   1.525   1.00 38.28 ? 35  GLN A OE1 1 
ATOM   293  N NE2 . GLN A 1 35  ? 5.103   -0.507  2.183   1.00 36.26 ? 35  GLN A NE2 1 
ATOM   294  N N   . GLN A 1 36  ? 0.757   0.471   3.499   1.00 13.78 ? 36  GLN A N   1 
ATOM   295  C CA  . GLN A 1 36  ? 0.539   -0.661  4.368   1.00 15.65 ? 36  GLN A CA  1 
ATOM   296  C C   . GLN A 1 36  ? -0.627  -1.471  3.935   1.00 14.63 ? 36  GLN A C   1 
ATOM   297  O O   . GLN A 1 36  ? -0.560  -2.709  3.967   1.00 16.21 ? 36  GLN A O   1 
ATOM   298  C CB  . GLN A 1 36  ? 0.327   -0.235  5.815   1.00 14.92 ? 36  GLN A CB  1 
ATOM   299  C CG  . GLN A 1 36  ? 1.592   0.411   6.378   1.00 17.71 ? 36  GLN A CG  1 
ATOM   300  C CD  . GLN A 1 36  ? 2.591   -0.710  6.732   1.00 21.33 ? 36  GLN A CD  1 
ATOM   301  O OE1 . GLN A 1 36  ? 3.786   -0.592  6.343   1.00 29.03 ? 36  GLN A OE1 1 
ATOM   302  N NE2 . GLN A 1 36  ? 2.136   -1.750  7.357   1.00 22.66 ? 36  GLN A NE2 1 
ATOM   303  N N   . CYS A 1 37  ? -1.766  -0.817  3.529   1.00 13.96 ? 37  CYS A N   1 
ATOM   304  C CA  . CYS A 1 37  ? -2.904  -1.492  3.028   1.00 12.96 ? 37  CYS A CA  1 
ATOM   305  C C   . CYS A 1 37  ? -2.522  -2.424  1.847   1.00 13.81 ? 37  CYS A C   1 
ATOM   306  O O   . CYS A 1 37  ? -2.907  -3.603  1.889   1.00 15.78 ? 37  CYS A O   1 
ATOM   307  C CB  . CYS A 1 37  ? -3.956  -0.420  2.620   1.00 11.78 ? 37  CYS A CB  1 
ATOM   308  S SG  . CYS A 1 37  ? -5.372  -1.237  1.700   1.00 14.69 ? 37  CYS A SG  1 
ATOM   309  N N   . ALA A 1 38  ? -1.858  -1.849  0.867   1.00 13.82 ? 38  ALA A N   1 
ATOM   310  C CA  . ALA A 1 38  ? -1.534  -2.641  -0.346  1.00 14.97 ? 38  ALA A CA  1 
ATOM   311  C C   . ALA A 1 38  ? -0.622  -3.795  -0.005  1.00 17.69 ? 38  ALA A C   1 
ATOM   312  O O   . ALA A 1 38  ? -0.850  -4.925  -0.493  1.00 18.56 ? 38  ALA A O   1 
ATOM   313  C CB  . ALA A 1 38  ? -0.928  -1.676  -1.395  1.00 16.40 ? 38  ALA A CB  1 
ATOM   314  N N   . GLU A 1 39  ? 0.416   -3.471  0.813   1.00 16.95 ? 39  GLU A N   1 
ATOM   315  C CA  . GLU A 1 39  ? 1.384   -4.551  1.191   1.00 18.94 ? 39  GLU A CA  1 
ATOM   316  C C   . GLU A 1 39  ? 0.646   -5.694  1.927   1.00 19.17 ? 39  GLU A C   1 
ATOM   317  O O   . GLU A 1 39  ? 0.869   -6.877  1.610   1.00 19.84 ? 39  GLU A O   1 
ATOM   318  C CB  . GLU A 1 39  ? 2.518   -3.949  2.095   1.00 20.46 ? 39  GLU A CB  1 
ATOM   319  C CG  . GLU A 1 39  ? 3.592   -5.114  2.351   1.00 26.37 ? 39  GLU A CG  1 
ATOM   320  C CD  . GLU A 1 39  ? 4.568   -4.811  3.455   1.00 35.54 ? 39  GLU A CD  1 
ATOM   321  O OE1 . GLU A 1 39  ? 4.770   -3.621  3.839   1.00 38.63 ? 39  GLU A OE1 1 
ATOM   322  O OE2 . GLU A 1 39  ? 5.166   -5.828  3.927   1.00 38.91 ? 39  GLU A OE2 1 
ATOM   323  N N   . LYS A 1 40  ? -0.219  -5.450  2.891   1.00 16.50 ? 40  LYS A N   1 
ATOM   324  C CA  . LYS A 1 40  ? -0.930  -6.488  3.587   1.00 16.33 ? 40  LYS A CA  1 
ATOM   325  C C   . LYS A 1 40  ? -1.843  -7.275  2.657   1.00 18.89 ? 40  LYS A C   1 
ATOM   326  O O   . LYS A 1 40  ? -1.941  -8.510  2.746   1.00 19.42 ? 40  LYS A O   1 
ATOM   327  C CB  . LYS A 1 40  ? -1.658  -5.929  4.794   1.00 18.28 ? 40  LYS A CB  1 
ATOM   328  C CG  . LYS A 1 40  ? -0.782  -5.561  6.100   1.00 18.43 ? 40  LYS A CG  1 
ATOM   329  C CD  . LYS A 1 40  ? 0.698   -5.292  6.072   1.00 23.51 ? 40  LYS A CD  1 
ATOM   330  C CE  . LYS A 1 40  ? 1.225   -5.105  7.466   1.00 24.46 ? 40  LYS A CE  1 
ATOM   331  N NZ  . LYS A 1 40  ? 2.638   -4.989  7.267   1.00 28.46 ? 40  LYS A NZ  1 
ATOM   332  N N   . ALA A 1 41  ? -2.563  -6.592  1.786   1.00 16.14 ? 41  ALA A N   1 
ATOM   333  C CA  . ALA A 1 41  ? -3.426  -7.296  0.807   1.00 15.71 ? 41  ALA A CA  1 
ATOM   334  C C   . ALA A 1 41  ? -2.630  -8.224  -0.092  1.00 15.76 ? 41  ALA A C   1 
ATOM   335  O O   . ALA A 1 41  ? -3.107  -9.329  -0.232  1.00 17.88 ? 41  ALA A O   1 
ATOM   336  C CB  . ALA A 1 41  ? -4.093  -6.200  -0.054  1.00 15.29 ? 41  ALA A CB  1 
ATOM   337  N N   . VAL A 1 42  ? -1.504  -7.774  -0.604  1.00 17.50 ? 42  VAL A N   1 
ATOM   338  C CA  . VAL A 1 42  ? -0.686  -8.619  -1.526  1.00 17.82 ? 42  VAL A CA  1 
ATOM   339  C C   . VAL A 1 42  ? -0.107  -9.737  -0.699  1.00 19.01 ? 42  VAL A C   1 
ATOM   340  O O   . VAL A 1 42  ? -0.141  -10.870 -1.191  1.00 20.67 ? 42  VAL A O   1 
ATOM   341  C CB  . VAL A 1 42  ? 0.307   -7.783  -2.227  1.00 20.23 ? 42  VAL A CB  1 
ATOM   342  C CG1 . VAL A 1 42  ? 1.275   -8.665  -3.007  1.00 25.06 ? 42  VAL A CG1 1 
ATOM   343  C CG2 . VAL A 1 42  ? -0.480  -6.898  -3.231  1.00 21.01 ? 42  VAL A CG2 1 
ATOM   344  N N   . LYS A 1 43  ? 0.239   -9.503  0.578   1.00 17.88 ? 43  LYS A N   1 
ATOM   345  C CA  . LYS A 1 43  ? 0.737   -10.731 1.306   1.00 18.74 ? 43  LYS A CA  1 
ATOM   346  C C   . LYS A 1 43  ? -0.387  -11.735 1.590   1.00 18.53 ? 43  LYS A C   1 
ATOM   347  O O   . LYS A 1 43  ? -0.125  -13.035 1.673   1.00 21.10 ? 43  LYS A O   1 
ATOM   348  C CB  . LYS A 1 43  ? 1.416   -10.242 2.653   1.00 20.05 ? 43  LYS A CB  1 
ATOM   349  C CG  . LYS A 1 43  ? 2.821   -9.858  2.352   1.00 26.03 ? 43  LYS A CG  1 
ATOM   350  C CD  . LYS A 1 43  ? 3.610   -9.211  3.427   1.00 33.31 ? 43  LYS A CD  1 
ATOM   351  C CE  . LYS A 1 43  ? 5.100   -9.145  3.072   1.00 36.44 ? 43  LYS A CE  1 
ATOM   352  N NZ  . LYS A 1 43  ? 5.745   -8.070  3.983   1.00 38.25 ? 43  LYS A NZ  1 
ATOM   353  N N   . GLY A 1 44  ? -1.596  -11.255 1.743   1.00 17.04 ? 44  GLY A N   1 
ATOM   354  C CA  . GLY A 1 44  ? -2.764  -12.061 1.902   1.00 19.03 ? 44  GLY A CA  1 
ATOM   355  C C   . GLY A 1 44  ? -2.949  -12.924 0.627   1.00 20.21 ? 44  GLY A C   1 
ATOM   356  O O   . GLY A 1 44  ? -3.275  -14.090 0.682   1.00 22.32 ? 44  GLY A O   1 
ATOM   357  N N   . LEU A 1 45  ? -2.840  -12.233 -0.509  1.00 20.75 ? 45  LEU A N   1 
ATOM   358  C CA  . LEU A 1 45  ? -2.994  -12.989 -1.799  1.00 21.48 ? 45  LEU A CA  1 
ATOM   359  C C   . LEU A 1 45  ? -1.898  -14.052 -1.941  1.00 24.49 ? 45  LEU A C   1 
ATOM   360  O O   . LEU A 1 45  ? -2.179  -15.196 -2.380  1.00 24.67 ? 45  LEU A O   1 
ATOM   361  C CB  . LEU A 1 45  ? -2.851  -12.009 -2.968  1.00 21.91 ? 45  LEU A CB  1 
ATOM   362  C CG  . LEU A 1 45  ? -2.911  -12.642 -4.388  1.00 22.26 ? 45  LEU A CG  1 
ATOM   363  C CD1 . LEU A 1 45  ? -4.259  -13.177 -4.598  1.00 23.39 ? 45  LEU A CD1 1 
ATOM   364  C CD2 . LEU A 1 45  ? -2.447  -11.559 -5.389  1.00 20.20 ? 45  LEU A CD2 1 
ATOM   365  N N   . LEU A 1 46  ? -0.687  -13.689 -1.634  1.00 22.54 ? 46  LEU A N   1 
ATOM   366  C CA  . LEU A 1 46  ? 0.479   -14.679 -1.798  1.00 25.88 ? 46  LEU A CA  1 
ATOM   367  C C   . LEU A 1 46  ? 0.219   -15.851 -0.900  1.00 26.97 ? 46  LEU A C   1 
ATOM   368  O O   . LEU A 1 46  ? 0.520   -17.039 -1.289  1.00 27.26 ? 46  LEU A O   1 
ATOM   369  C CB  . LEU A 1 46  ? 1.738   -14.028 -1.421  1.00 28.26 ? 46  LEU A CB  1 
ATOM   370  C CG  . LEU A 1 46  ? 2.540   -13.478 -2.586  1.00 34.02 ? 46  LEU A CG  1 
ATOM   371  C CD1 . LEU A 1 46  ? 1.607   -12.924 -3.623  1.00 34.38 ? 46  LEU A CD1 1 
ATOM   372  C CD2 . LEU A 1 46  ? 3.625   -12.533 -2.041  1.00 34.00 ? 46  LEU A CD2 1 
ATOM   373  N N   . GLN A 1 47  ? -0.318  -15.628 0.300   1.00 27.07 ? 47  GLN A N   1 
ATOM   374  C CA  . GLN A 1 47  ? -0.597  -16.768 1.149   1.00 27.96 ? 47  GLN A CA  1 
ATOM   375  C C   . GLN A 1 47  ? -1.687  -17.613 0.618   1.00 28.28 ? 47  GLN A C   1 
ATOM   376  O O   . GLN A 1 47  ? -1.603  -18.878 0.707   1.00 28.51 ? 47  GLN A O   1 
ATOM   377  C CB  . GLN A 1 47  ? -0.976  -16.331 2.613   1.00 28.88 ? 47  GLN A CB  1 
ATOM   378  C CG  . GLN A 1 47  ? -0.968  -17.492 3.621   1.00 30.84 ? 47  GLN A CG  1 
ATOM   379  C CD  . GLN A 1 47  ? -0.931  -16.999 5.109   1.00 32.74 ? 47  GLN A CD  1 
ATOM   380  O OE1 . GLN A 1 47  ? -0.170  -16.086 5.514   1.00 34.29 ? 47  GLN A OE1 1 
ATOM   381  N NE2 . GLN A 1 47  ? -1.727  -17.638 5.904   1.00 33.18 ? 47  GLN A NE2 1 
ATOM   382  N N   . PHE A 1 48  ? -2.743  -17.013 0.047   1.00 26.24 ? 48  PHE A N   1 
ATOM   383  C CA  . PHE A 1 48  ? -3.868  -17.753 -0.475  1.00 25.80 ? 48  PHE A CA  1 
ATOM   384  C C   . PHE A 1 48  ? -3.382  -18.596 -1.633  1.00 28.03 ? 48  PHE A C   1 
ATOM   385  O O   . PHE A 1 48  ? -3.935  -19.727 -1.856  1.00 28.07 ? 48  PHE A O   1 
ATOM   386  C CB  . PHE A 1 48  ? -4.923  -16.784 -0.992  1.00 27.01 ? 48  PHE A CB  1 
ATOM   387  C CG  . PHE A 1 48  ? -6.070  -17.434 -1.728  1.00 29.07 ? 48  PHE A CG  1 
ATOM   388  C CD1 . PHE A 1 48  ? -7.218  -17.965 -1.040  1.00 29.84 ? 48  PHE A CD1 1 
ATOM   389  C CD2 . PHE A 1 48  ? -5.988  -17.505 -3.120  1.00 31.17 ? 48  PHE A CD2 1 
ATOM   390  C CE1 . PHE A 1 48  ? -8.260  -18.582 -1.802  1.00 31.03 ? 48  PHE A CE1 1 
ATOM   391  C CE2 . PHE A 1 48  ? -7.050  -18.119 -3.913  1.00 31.31 ? 48  PHE A CE2 1 
ATOM   392  C CZ  . PHE A 1 48  ? -8.157  -18.646 -3.223  1.00 31.25 ? 48  PHE A CZ  1 
ATOM   393  N N   . GLN A 1 49  ? -2.364  -18.093 -2.338  1.00 27.14 ? 49  GLN A N   1 
ATOM   394  C CA  . GLN A 1 49  ? -1.846  -18.767 -3.582  1.00 30.84 ? 49  GLN A CA  1 
ATOM   395  C C   . GLN A 1 49  ? -0.817  -19.810 -3.216  1.00 35.66 ? 49  GLN A C   1 
ATOM   396  O O   . GLN A 1 49  ? -0.359  -20.590 -4.119  1.00 36.18 ? 49  GLN A O   1 
ATOM   397  C CB  . GLN A 1 49  ? -1.198  -17.760 -4.518  1.00 31.27 ? 49  GLN A CB  1 
ATOM   398  C CG  . GLN A 1 49  ? -2.208  -16.704 -5.039  1.00 28.95 ? 49  GLN A CG  1 
ATOM   399  C CD  . GLN A 1 49  ? -1.493  -15.715 -5.913  1.00 27.78 ? 49  GLN A CD  1 
ATOM   400  O OE1 . GLN A 1 49  ? -0.373  -15.278 -5.621  1.00 30.87 ? 49  GLN A OE1 1 
ATOM   401  N NE2 . GLN A 1 49  ? -2.154  -15.317 -7.007  1.00 30.64 ? 49  GLN A NE2 1 
ATOM   402  N N   . GLY A 1 50  ? -0.487  -19.822 -1.900  1.00 37.76 ? 50  GLY A N   1 
ATOM   403  C CA  . GLY A 1 50  ? 0.546   -20.700 -1.342  1.00 42.78 ? 50  GLY A CA  1 
ATOM   404  C C   . GLY A 1 50  ? 1.874   -20.395 -2.011  1.00 46.12 ? 50  GLY A C   1 
ATOM   405  O O   . GLY A 1 50  ? 2.733   -21.299 -2.093  1.00 46.26 ? 50  GLY A O   1 
ATOM   406  N N   . ILE A 1 51  ? 2.066   -19.131 -2.440  1.00 49.93 ? 51  ILE A N   1 
ATOM   407  C CA  . ILE A 1 51  ? 3.242   -18.661 -3.238  1.00 54.17 ? 51  ILE A CA  1 
ATOM   408  C C   . ILE A 1 51  ? 4.256   -17.715 -2.562  1.00 56.75 ? 51  ILE A C   1 
ATOM   409  O O   . ILE A 1 51  ? 4.580   -16.648 -3.135  1.00 57.46 ? 51  ILE A O   1 
ATOM   410  C CB  . ILE A 1 51  ? 2.732   -17.928 -4.539  1.00 54.82 ? 51  ILE A CB  1 
ATOM   411  C CG1 . ILE A 1 51  ? 1.746   -18.823 -5.293  1.00 56.34 ? 51  ILE A CG1 1 
ATOM   412  C CG2 . ILE A 1 51  ? 3.855   -17.543 -5.474  1.00 55.27 ? 51  ILE A CG2 1 
ATOM   413  C CD1 . ILE A 1 51  ? 2.128   -20.347 -5.327  1.00 58.26 ? 51  ILE A CD1 1 
ATOM   414  N N   . GLU A 1 52  ? 4.820   -18.129 -1.424  1.00 58.70 ? 52  GLU A N   1 
ATOM   415  C CA  . GLU A 1 52  ? 5.726   -17.271 -0.624  1.00 60.83 ? 52  GLU A CA  1 
ATOM   416  C C   . GLU A 1 52  ? 6.992   -16.548 -1.115  1.00 61.51 ? 52  GLU A C   1 
ATOM   417  O O   . GLU A 1 52  ? 7.970   -17.154 -1.545  1.00 61.84 ? 52  GLU A O   1 
ATOM   418  C CB  . GLU A 1 52  ? 6.042   -17.974 0.703   1.00 61.73 ? 52  GLU A CB  1 
ATOM   419  C CG  . GLU A 1 52  ? 4.879   -17.778 1.679   1.00 63.46 ? 52  GLU A CG  1 
ATOM   420  C CD  . GLU A 1 52  ? 3.983   -16.609 1.218   1.00 64.95 ? 52  GLU A CD  1 
ATOM   421  O OE1 . GLU A 1 52  ? 2.963   -16.860 0.515   1.00 64.59 ? 52  GLU A OE1 1 
ATOM   422  O OE2 . GLU A 1 52  ? 4.336   -15.441 1.524   1.00 64.58 ? 52  GLU A OE2 1 
ATOM   423  N N   . LYS A 1 53  ? 6.943   -15.216 -1.024  1.00 61.84 ? 53  LYS A N   1 
ATOM   424  C CA  . LYS A 1 53  ? 8.049   -14.360 -1.403  1.00 62.43 ? 53  LYS A CA  1 
ATOM   425  C C   . LYS A 1 53  ? 8.196   -13.406 -0.230  1.00 62.71 ? 53  LYS A C   1 
ATOM   426  O O   . LYS A 1 53  ? 7.291   -13.302 0.624   1.00 63.27 ? 53  LYS A O   1 
ATOM   427  C CB  . LYS A 1 53  ? 7.735   -13.548 -2.669  1.00 62.34 ? 53  LYS A CB  1 
ATOM   428  C CG  . LYS A 1 53  ? 6.802   -14.224 -3.644  1.00 61.78 ? 53  LYS A CG  1 
ATOM   429  C CD  . LYS A 1 53  ? 6.447   -13.301 -4.789  1.00 61.76 ? 53  LYS A CD  1 
ATOM   430  C CE  . LYS A 1 53  ? 7.570   -13.135 -5.807  1.00 61.32 ? 53  LYS A CE  1 
ATOM   431  N NZ  . LYS A 1 53  ? 7.044   -12.413 -7.007  1.00 61.43 ? 53  LYS A NZ  1 
ATOM   432  N N   . ARG A 1 54  ? 9.318   -12.694 -0.183  1.00 62.90 ? 54  ARG A N   1 
ATOM   433  C CA  . ARG A 1 54  ? 9.536   -11.754 0.915   1.00 62.22 ? 54  ARG A CA  1 
ATOM   434  C C   . ARG A 1 54  ? 10.159  -10.426 0.493   1.00 60.42 ? 54  ARG A C   1 
ATOM   435  O O   . ARG A 1 54  ? 10.665  -10.287 -0.628  1.00 60.66 ? 54  ARG A O   1 
ATOM   436  C CB  . ARG A 1 54  ? 10.351  -12.428 2.014   1.00 64.10 ? 54  ARG A CB  1 
ATOM   437  C CG  . ARG A 1 54  ? 9.666   -13.687 2.517   1.00 65.91 ? 54  ARG A CG  1 
ATOM   438  C CD  . ARG A 1 54  ? 9.666   -13.705 4.024   1.00 67.57 ? 54  ARG A CD  1 
ATOM   439  N NE  . ARG A 1 54  ? 9.152   -12.446 4.565   1.00 69.21 ? 54  ARG A NE  1 
ATOM   440  C CZ  . ARG A 1 54  ? 9.062   -12.180 5.867   1.00 69.42 ? 54  ARG A CZ  1 
ATOM   441  N NH1 . ARG A 1 54  ? 9.454   -13.101 6.741   1.00 69.86 ? 54  ARG A NH1 1 
ATOM   442  N NH2 . ARG A 1 54  ? 8.611   -11.002 6.291   1.00 69.43 ? 54  ARG A NH2 1 
ATOM   443  N N   . GLY A 1 55  ? 10.097  -9.462  1.419   1.00 58.13 ? 55  GLY A N   1 
ATOM   444  C CA  . GLY A 1 55  ? 10.589  -8.117  1.187   1.00 54.26 ? 55  GLY A CA  1 
ATOM   445  C C   . GLY A 1 55  ? 9.371   -7.236  1.457   1.00 52.00 ? 55  GLY A C   1 
ATOM   446  O O   . GLY A 1 55  ? 8.286   -7.737  1.804   1.00 51.23 ? 55  GLY A O   1 
ATOM   447  N N   . HIS A 1 56  ? 9.529   -5.930  1.364   1.00 49.73 ? 56  HIS A N   1 
ATOM   448  C CA  . HIS A 1 56  ? 8.371   -5.059  1.592   1.00 47.29 ? 56  HIS A CA  1 
ATOM   449  C C   . HIS A 1 56  ? 8.056   -4.276  0.332   1.00 44.28 ? 56  HIS A C   1 
ATOM   450  O O   . HIS A 1 56  ? 7.259   -3.335  0.337   1.00 44.39 ? 56  HIS A O   1 
ATOM   451  C CB  . HIS A 1 56  ? 8.642   -4.091  2.735   1.00 49.71 ? 56  HIS A CB  1 
ATOM   452  C CG  . HIS A 1 56  ? 8.634   -4.747  4.082   1.00 51.87 ? 56  HIS A CG  1 
ATOM   453  N ND1 . HIS A 1 56  ? 9.776   -4.898  4.853   1.00 52.79 ? 56  HIS A ND1 1 
ATOM   454  C CD2 . HIS A 1 56  ? 7.636   -5.348  4.763   1.00 51.33 ? 56  HIS A CD2 1 
ATOM   455  C CE1 . HIS A 1 56  ? 9.470   -5.568  5.950   1.00 52.10 ? 56  HIS A CE1 1 
ATOM   456  N NE2 . HIS A 1 56  ? 8.181   -5.856  5.919   1.00 51.95 ? 56  HIS A NE2 1 
ATOM   457  N N   . SER A 1 57  ? 8.698   -4.633  -0.753  1.00 39.50 ? 57  SER A N   1 
ATOM   458  C CA  . SER A 1 57  ? 8.403   -3.942  -2.009  1.00 36.52 ? 57  SER A CA  1 
ATOM   459  C C   . SER A 1 57  ? 7.129   -4.596  -2.535  1.00 33.48 ? 57  SER A C   1 
ATOM   460  O O   . SER A 1 57  ? 7.106   -5.812  -2.738  1.00 33.88 ? 57  SER A O   1 
ATOM   461  C CB  . SER A 1 57  ? 9.497   -4.192  -3.000  1.00 36.64 ? 57  SER A CB  1 
ATOM   462  O OG  . SER A 1 57  ? 8.975   -3.858  -4.276  1.00 36.56 ? 57  SER A OG  1 
ATOM   463  N N   . ILE A 1 58  ? 6.033   -3.829  -2.752  1.00 30.27 ? 58  ILE A N   1 
ATOM   464  C CA  . ILE A 1 58  ? 4.845   -4.461  -3.214  1.00 28.92 ? 58  ILE A CA  1 
ATOM   465  C C   . ILE A 1 58  ? 5.044   -4.975  -4.651  1.00 28.56 ? 58  ILE A C   1 
ATOM   466  O O   . ILE A 1 58  ? 4.553   -6.009  -5.033  1.00 29.07 ? 58  ILE A O   1 
ATOM   467  C CB  . ILE A 1 58  ? 3.704   -3.459  -3.180  1.00 27.94 ? 58  ILE A CB  1 
ATOM   468  C CG1 . ILE A 1 58  ? 3.463   -3.044  -1.769  1.00 28.28 ? 58  ILE A CG1 1 
ATOM   469  C CG2 . ILE A 1 58  ? 2.432   -4.106  -3.764  1.00 25.58 ? 58  ILE A CG2 1 
ATOM   470  C CD1 . ILE A 1 58  ? 2.920   -1.557  -1.672  1.00 25.82 ? 58  ILE A CD1 1 
ATOM   471  N N   . SER A 1 59  ? 5.789   -4.213  -5.421  1.00 28.39 ? 59  SER A N   1 
ATOM   472  C CA  . SER A 1 59  ? 6.079   -4.583  -6.766  1.00 31.26 ? 59  SER A CA  1 
ATOM   473  C C   . SER A 1 59  ? 6.882   -5.899  -6.907  1.00 32.76 ? 59  SER A C   1 
ATOM   474  O O   . SER A 1 59  ? 6.700   -6.648  -7.826  1.00 31.54 ? 59  SER A O   1 
ATOM   475  C CB  . SER A 1 59  ? 6.871   -3.475  -7.434  1.00 31.14 ? 59  SER A CB  1 
ATOM   476  O OG  . SER A 1 59  ? 7.015   -3.796  -8.798  1.00 38.15 ? 59  SER A OG  1 
ATOM   477  N N   . HIS A 1 60  ? 7.779   -6.161  -5.969  1.00 35.31 ? 60  HIS A N   1 
ATOM   478  C CA  . HIS A 1 60  ? 8.580   -7.373  -6.107  1.00 36.19 ? 60  HIS A CA  1 
ATOM   479  C C   . HIS A 1 60  ? 7.772   -8.517  -5.664  1.00 34.52 ? 60  HIS A C   1 
ATOM   480  O O   . HIS A 1 60  ? 8.049   -9.597  -6.091  1.00 36.52 ? 60  HIS A O   1 
ATOM   481  C CB  . HIS A 1 60  ? 9.883   -7.300  -5.268  1.00 41.72 ? 60  HIS A CB  1 
ATOM   482  C CG  . HIS A 1 60  ? 10.875  -6.274  -5.757  1.00 46.69 ? 60  HIS A CG  1 
ATOM   483  N ND1 . HIS A 1 60  ? 11.121  -6.046  -7.104  1.00 49.35 ? 60  HIS A ND1 1 
ATOM   484  C CD2 . HIS A 1 60  ? 11.805  -5.551  -5.078  1.00 48.91 ? 60  HIS A CD2 1 
ATOM   485  C CE1 . HIS A 1 60  ? 12.165  -5.239  -7.232  1.00 50.31 ? 60  HIS A CE1 1 
ATOM   486  N NE2 . HIS A 1 60  ? 12.599  -4.921  -6.016  1.00 50.98 ? 60  HIS A NE2 1 
ATOM   487  N N   . LEU A 1 61  ? 6.724   -8.291  -4.855  1.00 30.99 ? 61  LEU A N   1 
ATOM   488  C CA  . LEU A 1 61  ? 5.874   -9.360  -4.389  1.00 30.98 ? 61  LEU A CA  1 
ATOM   489  C C   . LEU A 1 61  ? 4.920   -9.882  -5.470  1.00 31.56 ? 61  LEU A C   1 
ATOM   490  O O   . LEU A 1 61  ? 4.466   -10.997 -5.435  1.00 32.15 ? 61  LEU A O   1 
ATOM   491  C CB  . LEU A 1 61  ? 5.030   -8.914  -3.177  1.00 31.80 ? 61  LEU A CB  1 
ATOM   492  C CG  . LEU A 1 61  ? 5.621   -8.650  -1.783  1.00 34.74 ? 61  LEU A CG  1 
ATOM   493  C CD1 . LEU A 1 61  ? 4.521   -8.107  -0.842  1.00 35.30 ? 61  LEU A CD1 1 
ATOM   494  C CD2 . LEU A 1 61  ? 6.152   -9.983  -1.251  1.00 34.58 ? 61  LEU A CD2 1 
ATOM   495  N N   . LEU A 1 62  ? 4.585   -9.040  -6.426  1.00 31.59 ? 62  LEU A N   1 
ATOM   496  C CA  . LEU A 1 62  ? 3.695   -9.464  -7.485  1.00 32.52 ? 62  LEU A CA  1 
ATOM   497  C C   . LEU A 1 62  ? 4.417   -10.231 -8.601  1.00 33.74 ? 62  LEU A C   1 
ATOM   498  O O   . LEU A 1 62  ? 5.623   -9.976  -8.846  1.00 35.79 ? 62  LEU A O   1 
ATOM   499  C CB  . LEU A 1 62  ? 3.088   -8.219  -8.118  1.00 31.60 ? 62  LEU A CB  1 
ATOM   500  C CG  . LEU A 1 62  ? 2.435   -7.308  -7.085  1.00 31.45 ? 62  LEU A CG  1 
ATOM   501  C CD1 . LEU A 1 62  ? 2.179   -6.003  -7.779  1.00 31.90 ? 62  LEU A CD1 1 
ATOM   502  C CD2 . LEU A 1 62  ? 1.136   -7.909  -6.655  1.00 28.85 ? 62  LEU A CD2 1 
ATOM   503  N N   . THR A 1 63  ? 3.622   -11.032 -9.288  1.00 34.28 ? 63  THR A N   1 
ATOM   504  C CA  . THR A 1 63  ? 4.058   -11.815 -10.442 1.00 36.11 ? 63  THR A CA  1 
ATOM   505  C C   . THR A 1 63  ? 3.081   -11.546 -11.622 1.00 33.51 ? 63  THR A C   1 
ATOM   506  O O   . THR A 1 63  ? 1.957   -11.949 -11.590 1.00 32.75 ? 63  THR A O   1 
ATOM   507  C CB  . THR A 1 63  ? 4.027   -13.274 -10.102 1.00 36.24 ? 63  THR A CB  1 
ATOM   508  O OG1 . THR A 1 63  ? 4.900   -13.524 -8.976  1.00 37.92 ? 63  THR A OG1 1 
ATOM   509  C CG2 . THR A 1 63  ? 4.498   -14.099 -11.334 1.00 38.19 ? 63  THR A CG2 1 
ATOM   510  N N   . ASN A 1 64  ? 3.563   -10.846 -12.619 1.00 34.18 ? 64  ASN A N   1 
ATOM   511  C CA  . ASN A 1 64  ? 2.773   -10.567 -13.815 1.00 34.02 ? 64  ASN A CA  1 
ATOM   512  C C   . ASN A 1 64  ? 1.409   -9.957  -13.542 1.00 32.01 ? 64  ASN A C   1 
ATOM   513  O O   . ASN A 1 64  ? 0.382   -10.407 -14.005 1.00 29.09 ? 64  ASN A O   1 
ATOM   514  C CB  . ASN A 1 64  ? 2.637   -11.847 -14.629 1.00 38.47 ? 64  ASN A CB  1 
ATOM   515  C CG  . ASN A 1 64  ? 4.017   -12.368 -15.101 1.00 43.13 ? 64  ASN A CG  1 
ATOM   516  O OD1 . ASN A 1 64  ? 4.972   -11.575 -15.314 1.00 45.54 ? 64  ASN A OD1 1 
ATOM   517  N ND2 . ASN A 1 64  ? 4.121   -13.686 -15.278 1.00 44.68 ? 64  ASN A ND2 1 
ATOM   518  N N   . PRO A 1 65  ? 1.401   -8.984  -12.653 1.00 29.18 ? 65  PRO A N   1 
ATOM   519  C CA  . PRO A 1 65  ? 0.079   -8.364  -12.395 1.00 28.92 ? 65  PRO A CA  1 
ATOM   520  C C   . PRO A 1 65  ? -0.352  -7.447  -13.596 1.00 26.55 ? 65  PRO A C   1 
ATOM   521  O O   . PRO A 1 65  ? 0.460   -7.042  -14.455 1.00 26.01 ? 65  PRO A O   1 
ATOM   522  C CB  . PRO A 1 65  ? 0.387   -7.512  -11.144 1.00 26.39 ? 65  PRO A CB  1 
ATOM   523  C CG  . PRO A 1 65  ? 1.796   -7.001  -11.441 1.00 29.04 ? 65  PRO A CG  1 
ATOM   524  C CD  . PRO A 1 65  ? 2.499   -8.292  -11.981 1.00 30.15 ? 65  PRO A CD  1 
ATOM   525  N N   . PRO A 1 66  ? -1.634  -7.005  -13.603 1.00 24.32 ? 66  PRO A N   1 
ATOM   526  C CA  . PRO A 1 66  ? -2.086  -6.100  -14.670 1.00 22.66 ? 66  PRO A CA  1 
ATOM   527  C C   . PRO A 1 66  ? -1.245  -4.831  -14.578 1.00 23.09 ? 66  PRO A C   1 
ATOM   528  O O   . PRO A 1 66  ? -0.752  -4.454  -13.438 1.00 20.71 ? 66  PRO A O   1 
ATOM   529  C CB  . PRO A 1 66  ? -3.523  -5.766  -14.264 1.00 21.42 ? 66  PRO A CB  1 
ATOM   530  C CG  . PRO A 1 66  ? -3.989  -6.924  -13.496 1.00 22.12 ? 66  PRO A CG  1 
ATOM   531  C CD  . PRO A 1 66  ? -2.744  -7.510  -12.794 1.00 22.55 ? 66  PRO A CD  1 
ATOM   532  N N   . ALA A 1 67  ? -1.119  -4.076  -15.671 1.00 20.90 ? 67  ALA A N   1 
ATOM   533  C CA  . ALA A 1 67  ? -0.410  -2.824  -15.762 1.00 21.13 ? 67  ALA A CA  1 
ATOM   534  C C   . ALA A 1 67  ? -0.796  -1.762  -14.658 1.00 20.82 ? 67  ALA A C   1 
ATOM   535  O O   . ALA A 1 67  ? 0.052   -1.156  -13.970 1.00 23.02 ? 67  ALA A O   1 
ATOM   536  C CB  . ALA A 1 67  ? -0.618  -2.157  -17.170 1.00 24.89 ? 67  ALA A CB  1 
ATOM   537  N N   . ASP A 1 68  ? -2.101  -1.631  -14.449 1.00 19.53 ? 68  ASP A N   1 
ATOM   538  C CA  . ASP A 1 68  ? -2.544  -0.633  -13.513 1.00 18.73 ? 68  ASP A CA  1 
ATOM   539  C C   . ASP A 1 68  ? -2.139  -0.999  -12.108 1.00 17.63 ? 68  ASP A C   1 
ATOM   540  O O   . ASP A 1 68  ? -1.958  -0.101  -11.304 1.00 17.57 ? 68  ASP A O   1 
ATOM   541  C CB  . ASP A 1 68  ? -4.062  -0.441  -13.512 1.00 17.88 ? 68  ASP A CB  1 
ATOM   542  C CG  . ASP A 1 68  ? -4.799  -1.679  -13.152 1.00 18.20 ? 68  ASP A CG  1 
ATOM   543  O OD1 . ASP A 1 68  ? -4.819  -2.643  -13.909 1.00 21.13 ? 68  ASP A OD1 1 
ATOM   544  O OD2 . ASP A 1 68  ? -5.452  -1.760  -12.104 1.00 21.73 ? 68  ASP A OD2 1 
ATOM   545  N N   . ILE A 1 69  ? -2.074  -2.294  -11.820 1.00 17.75 ? 69  ILE A N   1 
ATOM   546  C CA  . ILE A 1 69  ? -1.685  -2.773  -10.480 1.00 17.50 ? 69  ILE A CA  1 
ATOM   547  C C   . ILE A 1 69  ? -0.179  -2.548  -10.294 1.00 18.12 ? 69  ILE A C   1 
ATOM   548  O O   . ILE A 1 69  ? 0.232   -2.091  -9.251  1.00 17.44 ? 69  ILE A O   1 
ATOM   549  C CB  . ILE A 1 69  ? -2.046  -4.228  -10.347 1.00 16.50 ? 69  ILE A CB  1 
ATOM   550  C CG1 . ILE A 1 69  ? -3.575  -4.437  -10.322 1.00 17.31 ? 69  ILE A CG1 1 
ATOM   551  C CG2 . ILE A 1 69  ? -1.405  -4.884  -8.998  1.00 19.51 ? 69  ILE A CG2 1 
ATOM   552  C CD1 . ILE A 1 69  ? -4.356  -3.717  -9.051  1.00 18.91 ? 69  ILE A CD1 1 
ATOM   553  N N   . LEU A 1 70  ? 0.629   -2.955  -11.300 1.00 18.89 ? 70  LEU A N   1 
ATOM   554  C CA  . LEU A 1 70  ? 2.051   -2.642  -11.194 1.00 21.22 ? 70  LEU A CA  1 
ATOM   555  C C   . LEU A 1 70  ? 2.306   -1.101  -11.047 1.00 22.41 ? 70  LEU A C   1 
ATOM   556  O O   . LEU A 1 70  ? 3.198   -0.664  -10.257 1.00 24.34 ? 70  LEU A O   1 
ATOM   557  C CB  . LEU A 1 70  ? 2.753   -3.149  -12.455 1.00 24.91 ? 70  LEU A CB  1 
ATOM   558  C CG  . LEU A 1 70  ? 4.291   -3.123  -12.337 1.00 28.86 ? 70  LEU A CG  1 
ATOM   559  C CD1 . LEU A 1 70  ? 4.729   -4.025  -11.210 1.00 31.09 ? 70  LEU A CD1 1 
ATOM   560  C CD2 . LEU A 1 70  ? 4.812   -3.629  -13.695 1.00 28.47 ? 70  LEU A CD2 1 
ATOM   561  N N   . GLN A 1 71  ? 1.544   -0.245  -11.763 1.00 21.03 ? 71  GLN A N   1 
ATOM   562  C CA  . GLN A 1 71  ? 1.742   1.209   -11.669 1.00 19.85 ? 71  GLN A CA  1 
ATOM   563  C C   . GLN A 1 71  ? 1.424   1.679   -10.239 1.00 19.86 ? 71  GLN A C   1 
ATOM   564  O O   . GLN A 1 71  ? 2.181   2.493   -9.629  1.00 19.89 ? 71  GLN A O   1 
ATOM   565  C CB  . GLN A 1 71  ? 0.853   1.998   -12.632 1.00 23.02 ? 71  GLN A CB  1 
ATOM   566  C CG  . GLN A 1 71  ? 1.358   1.698   -14.026 1.00 27.50 ? 71  GLN A CG  1 
ATOM   567  C CD  . GLN A 1 71  ? 0.359   2.094   -15.061 1.00 30.60 ? 71  GLN A CD  1 
ATOM   568  O OE1 . GLN A 1 71  ? -0.703  2.726   -14.756 1.00 32.98 ? 71  GLN A OE1 1 
ATOM   569  N NE2 . GLN A 1 71  ? 0.693   1.787   -16.227 1.00 36.14 ? 71  GLN A NE2 1 
ATOM   570  N N   . CYS A 1 72  ? 0.330   1.180   -9.671  1.00 18.31 ? 72  CYS A N   1 
ATOM   571  C CA  . CYS A 1 72  ? 0.069   1.604   -8.283  1.00 16.70 ? 72  CYS A CA  1 
ATOM   572  C C   . CYS A 1 72  ? 1.040   0.948   -7.286  1.00 17.63 ? 72  CYS A C   1 
ATOM   573  O O   . CYS A 1 72  ? 1.264   1.609   -6.256  1.00 18.90 ? 72  CYS A O   1 
ATOM   574  C CB  . CYS A 1 72  ? -1.358  1.168   -7.869  1.00 18.06 ? 72  CYS A CB  1 
ATOM   575  S SG  . CYS A 1 72  ? -2.632  2.380   -8.376  1.00 16.15 ? 72  CYS A SG  1 
ATOM   576  N N   . ALA A 1 73  ? 1.412   -0.314  -7.470  1.00 19.78 ? 73  ALA A N   1 
ATOM   577  C CA  . ALA A 1 73  ? 2.397   -0.901  -6.527  1.00 20.79 ? 73  ALA A CA  1 
ATOM   578  C C   . ALA A 1 73  ? 3.704   -0.045  -6.623  1.00 22.64 ? 73  ALA A C   1 
ATOM   579  O O   . ALA A 1 73  ? 4.246   0.330   -5.580  1.00 24.84 ? 73  ALA A O   1 
ATOM   580  C CB  . ALA A 1 73  ? 2.651   -2.369  -6.909  1.00 21.36 ? 73  ALA A CB  1 
ATOM   581  N N   . THR A 1 74  ? 4.213   0.240   -7.799  1.00 22.15 ? 74  THR A N   1 
ATOM   582  C CA  . THR A 1 74  ? 5.439   1.073   -7.905  1.00 25.66 ? 74  THR A CA  1 
ATOM   583  C C   . THR A 1 74  ? 5.261   2.405   -7.197  1.00 24.13 ? 74  THR A C   1 
ATOM   584  O O   . THR A 1 74  ? 6.176   2.893   -6.459  1.00 26.32 ? 74  THR A O   1 
ATOM   585  C CB  . THR A 1 74  ? 5.824   1.248   -9.402  1.00 28.36 ? 74  THR A CB  1 
ATOM   586  O OG1 . THR A 1 74  ? 6.170   -0.058  -9.857  1.00 32.08 ? 74  THR A OG1 1 
ATOM   587  C CG2 . THR A 1 74  ? 7.005   2.291   -9.664  1.00 31.55 ? 74  THR A CG2 1 
ATOM   588  N N   . PHE A 1 75  ? 4.087   3.042   -7.383  1.00 21.30 ? 75  PHE A N   1 
ATOM   589  C CA  . PHE A 1 75  ? 3.826   4.346   -6.788  1.00 20.87 ? 75  PHE A CA  1 
ATOM   590  C C   . PHE A 1 75  ? 3.795   4.176   -5.276  1.00 20.49 ? 75  PHE A C   1 
ATOM   591  O O   . PHE A 1 75  ? 4.363   5.084   -4.566  1.00 21.36 ? 75  PHE A O   1 
ATOM   592  C CB  . PHE A 1 75  ? 2.462   4.862   -7.303  1.00 20.48 ? 75  PHE A CB  1 
ATOM   593  C CG  . PHE A 1 75  ? 1.998   6.132   -6.706  1.00 20.42 ? 75  PHE A CG  1 
ATOM   594  C CD1 . PHE A 1 75  ? 2.609   7.340   -6.983  1.00 22.87 ? 75  PHE A CD1 1 
ATOM   595  C CD2 . PHE A 1 75  ? 0.917   6.141   -5.780  1.00 16.51 ? 75  PHE A CD2 1 
ATOM   596  C CE1 . PHE A 1 75  ? 2.175   8.521   -6.338  1.00 21.49 ? 75  PHE A CE1 1 
ATOM   597  C CE2 . PHE A 1 75  ? 0.511   7.343   -5.164  1.00 21.51 ? 75  PHE A CE2 1 
ATOM   598  C CZ  . PHE A 1 75  ? 1.121   8.539   -5.418  1.00 23.04 ? 75  PHE A CZ  1 
ATOM   599  N N   . LEU A 1 76  ? 3.093   3.182   -4.731  1.00 18.32 ? 76  LEU A N   1 
ATOM   600  C CA  . LEU A 1 76  ? 2.994   3.067   -3.274  1.00 17.32 ? 76  LEU A CA  1 
ATOM   601  C C   . LEU A 1 76  ? 4.362   2.682   -2.653  1.00 20.32 ? 76  LEU A C   1 
ATOM   602  O O   . LEU A 1 76  ? 4.630   3.031   -1.485  1.00 21.53 ? 76  LEU A O   1 
ATOM   603  C CB  . LEU A 1 76  ? 1.961   2.049   -2.892  1.00 16.78 ? 76  LEU A CB  1 
ATOM   604  C CG  . LEU A 1 76  ? 0.530   2.638   -3.079  1.00 15.82 ? 76  LEU A CG  1 
ATOM   605  C CD1 . LEU A 1 76  ? -0.483  1.481   -2.765  1.00 15.11 ? 76  LEU A CD1 1 
ATOM   606  C CD2 . LEU A 1 76  ? 0.314   3.815   -2.157  1.00 17.15 ? 76  LEU A CD2 1 
ATOM   607  N N   . ASP A 1 77  ? 5.137   1.941   -3.422  1.00 21.87 ? 77  ASP A N   1 
ATOM   608  C CA  . ASP A 1 77  ? 6.453   1.473   -2.903  1.00 25.80 ? 77  ASP A CA  1 
ATOM   609  C C   . ASP A 1 77  ? 7.317   2.663   -2.618  1.00 29.46 ? 77  ASP A C   1 
ATOM   610  O O   . ASP A 1 77  ? 8.271   2.515   -1.812  1.00 31.86 ? 77  ASP A O   1 
ATOM   611  C CB  . ASP A 1 77  ? 7.139   0.641   -3.925  1.00 23.10 ? 77  ASP A CB  1 
ATOM   612  C CG  . ASP A 1 77  ? 6.786   -0.812  -3.818  1.00 23.08 ? 77  ASP A CG  1 
ATOM   613  O OD1 . ASP A 1 77  ? 6.175   -1.311  -2.822  1.00 26.82 ? 77  ASP A OD1 1 
ATOM   614  O OD2 . ASP A 1 77  ? 7.113   -1.593  -4.799  1.00 27.37 ? 77  ASP A OD2 1 
ATOM   615  N N   . LYS A 1 78  ? 7.062   3.801   -3.233  1.00 30.97 ? 78  LYS A N   1 
ATOM   616  C CA  . LYS A 1 78  ? 7.871   4.996   -2.916  1.00 31.92 ? 78  LYS A CA  1 
ATOM   617  C C   . LYS A 1 78  ? 7.498   5.626   -1.532  1.00 33.85 ? 78  LYS A C   1 
ATOM   618  O O   . LYS A 1 78  ? 8.231   6.497   -1.055  1.00 35.14 ? 78  LYS A O   1 
ATOM   619  C CB  . LYS A 1 78  ? 7.663   6.102   -3.939  1.00 32.33 ? 78  LYS A CB  1 
ATOM   620  C CG  . LYS A 1 78  ? 7.873   5.784   -5.373  1.00 34.96 ? 78  LYS A CG  1 
ATOM   621  C CD  . LYS A 1 78  ? 9.108   5.043   -5.580  1.00 38.64 ? 78  LYS A CD  1 
ATOM   622  C CE  . LYS A 1 78  ? 9.068   4.216   -6.908  1.00 40.89 ? 78  LYS A CE  1 
ATOM   623  N NZ  . LYS A 1 78  ? 8.831   2.718   -6.639  1.00 39.42 ? 78  LYS A NZ  1 
ATOM   624  N N   . GLN A 1 79  ? 6.407   5.234   -0.886  1.00 31.47 ? 79  GLN A N   1 
ATOM   625  C CA  . GLN A 1 79  ? 5.992   5.879   0.349   1.00 36.65 ? 79  GLN A CA  1 
ATOM   626  C C   . GLN A 1 79  ? 6.859   5.253   1.504   1.00 40.27 ? 79  GLN A C   1 
ATOM   627  O O   . GLN A 1 79  ? 7.402   4.171   1.316   1.00 38.36 ? 79  GLN A O   1 
ATOM   628  C CB  . GLN A 1 79  ? 4.475   5.718   0.532   1.00 32.92 ? 79  GLN A CB  1 
ATOM   629  C CG  . GLN A 1 79  ? 3.707   6.076   -0.796  1.00 32.79 ? 79  GLN A CG  1 
ATOM   630  C CD  . GLN A 1 79  ? 3.951   7.467   -1.490  1.00 34.02 ? 79  GLN A CD  1 
ATOM   631  O OE1 . GLN A 1 79  ? 4.170   8.449   -0.816  1.00 29.17 ? 79  GLN A OE1 1 
ATOM   632  N NE2 . GLN A 1 79  ? 3.872   7.521   -2.881  1.00 33.31 ? 79  GLN A NE2 1 
ATOM   633  N N   . TYR A 1 80  ? 6.874   5.919   2.689   1.00 47.38 ? 80  TYR A N   1 
ATOM   634  C CA  . TYR A 1 80  ? 7.862   5.609   3.773   1.00 52.69 ? 80  TYR A CA  1 
ATOM   635  C C   . TYR A 1 80  ? 8.563   4.288   4.148   1.00 54.82 ? 80  TYR A C   1 
ATOM   636  O O   . TYR A 1 80  ? 8.047   3.157   4.489   1.00 53.80 ? 80  TYR A O   1 
ATOM   637  C CB  . TYR A 1 80  ? 7.769   6.371   5.153   1.00 56.70 ? 80  TYR A CB  1 
ATOM   638  C CG  . TYR A 1 80  ? 9.260   6.540   5.721   1.00 61.95 ? 80  TYR A CG  1 
ATOM   639  C CD1 . TYR A 1 80  ? 10.232  7.277   4.970   1.00 64.24 ? 80  TYR A CD1 1 
ATOM   640  C CD2 . TYR A 1 80  ? 9.756   5.824   6.864   1.00 63.57 ? 80  TYR A CD2 1 
ATOM   641  C CE1 . TYR A 1 80  ? 11.677  7.288   5.298   1.00 65.37 ? 80  TYR A CE1 1 
ATOM   642  C CE2 . TYR A 1 80  ? 11.228  5.854   7.213   1.00 65.79 ? 80  TYR A CE2 1 
ATOM   643  C CZ  . TYR A 1 80  ? 12.165  6.579   6.392   1.00 66.24 ? 80  TYR A CZ  1 
ATOM   644  O OH  . TYR A 1 80  ? 13.560  6.491   6.537   1.00 67.22 ? 80  TYR A OH  1 
ATOM   645  N N   . THR A 1 81  ? 9.808   4.592   3.786   1.00 56.33 ? 81  THR A N   1 
ATOM   646  C CA  . THR A 1 81  ? 11.221  4.327   3.572   1.00 58.04 ? 81  THR A CA  1 
ATOM   647  C C   . THR A 1 81  ? 11.310  5.837   3.132   1.00 58.54 ? 81  THR A C   1 
ATOM   648  O O   . THR A 1 81  ? 10.383  6.600   3.419   1.00 58.45 ? 81  THR A O   1 
ATOM   649  C CB  . THR A 1 81  ? 11.245  3.249   2.504   1.00 59.62 ? 81  THR A CB  1 
ATOM   650  O OG1 . THR A 1 81  ? 10.784  2.044   3.136   1.00 61.38 ? 81  THR A OG1 1 
ATOM   651  C CG2 . THR A 1 81  ? 12.665  2.972   1.970   1.00 60.82 ? 81  THR A CG2 1 
ATOM   652  N N   . PRO A 1 82  ? 12.417  6.341   2.589   1.00 58.95 ? 82  PRO A N   1 
ATOM   653  C CA  . PRO A 1 82  ? 13.261  5.259   1.981   1.00 59.50 ? 82  PRO A CA  1 
ATOM   654  C C   . PRO A 1 82  ? 14.281  6.116   2.372   1.00 61.36 ? 82  PRO A C   1 
ATOM   655  O O   . PRO A 1 82  ? 13.973  7.325   2.476   1.00 60.44 ? 82  PRO A O   1 
ATOM   656  C CB  . PRO A 1 82  ? 13.579  5.582   0.560   1.00 58.70 ? 82  PRO A CB  1 
ATOM   657  C CG  . PRO A 1 82  ? 13.104  7.030   0.522   1.00 57.58 ? 82  PRO A CG  1 
ATOM   658  C CD  . PRO A 1 82  ? 11.799  6.923   1.410   1.00 57.30 ? 82  PRO A CD  1 
ATOM   659  N N   . SER A 1 83  ? 15.249  5.553   3.113   1.00 64.11 ? 83  SER A N   1 
ATOM   660  C CA  . SER A 1 83  ? 16.126  6.371   3.916   1.00 66.40 ? 83  SER A CA  1 
ATOM   661  C C   . SER A 1 83  ? 16.531  7.189   2.672   1.00 68.07 ? 83  SER A C   1 
ATOM   662  O O   . SER A 1 83  ? 16.202  8.363   2.555   1.00 67.74 ? 83  SER A O   1 
ATOM   663  C CB  . SER A 1 83  ? 17.302  5.537   4.499   1.00 67.19 ? 83  SER A CB  1 
ATOM   664  O OG  . SER A 1 83  ? 17.752  4.506   3.610   1.00 69.26 ? 83  SER A OG  1 
ATOM   665  N N   . ARG A 1 84  ? 17.152  6.506   1.705   1.00 70.25 ? 84  ARG A N   1 
ATOM   666  C CA  . ARG A 1 84  ? 17.532  7.157   0.455   1.00 72.41 ? 84  ARG A CA  1 
ATOM   667  C C   . ARG A 1 84  ? 17.224  6.265   -0.765  1.00 73.15 ? 84  ARG A C   1 
ATOM   668  O O   . ARG A 1 84  ? 17.728  6.522   -1.872  1.00 73.81 ? 84  ARG A O   1 
ATOM   669  C CB  . ARG A 1 84  ? 19.015  7.557   0.445   1.00 73.73 ? 84  ARG A CB  1 
ATOM   670  C CG  . ARG A 1 84  ? 19.574  8.038   1.779   1.00 75.67 ? 84  ARG A CG  1 
ATOM   671  C CD  . ARG A 1 84  ? 19.930  6.817   2.621   1.00 76.85 ? 84  ARG A CD  1 
ATOM   672  N NE  . ARG A 1 84  ? 20.853  5.936   1.900   1.00 78.26 ? 84  ARG A NE  1 
ATOM   673  C CZ  . ARG A 1 84  ? 21.152  4.685   2.269   1.00 78.91 ? 84  ARG A CZ  1 
ATOM   674  N NH1 . ARG A 1 84  ? 20.584  4.159   3.358   1.00 79.07 ? 84  ARG A NH1 1 
ATOM   675  N NH2 . ARG A 1 84  ? 22.034  3.964   1.565   1.00 78.62 ? 84  ARG A NH2 1 
ATOM   676  N N   . TYR A 1 85  ? 16.426  5.209   -0.558  1.00 73.15 ? 85  TYR A N   1 
ATOM   677  C CA  . TYR A 1 85  ? 16.004  4.323   -1.654  1.00 72.53 ? 85  TYR A CA  1 
ATOM   678  C C   . TYR A 1 85  ? 14.783  3.502   -1.202  1.00 70.97 ? 85  TYR A C   1 
ATOM   679  O O   . TYR A 1 85  ? 14.798  2.904   -0.108  1.00 70.86 ? 85  TYR A O   1 
ATOM   680  C CB  . TYR A 1 85  ? 17.163  3.407   -2.146  1.00 74.49 ? 85  TYR A CB  1 
ATOM   681  C CG  . TYR A 1 85  ? 16.732  2.421   -3.254  1.00 76.08 ? 85  TYR A CG  1 
ATOM   682  C CD1 . TYR A 1 85  ? 16.388  1.097   -2.936  1.00 76.82 ? 85  TYR A CD1 1 
ATOM   683  C CD2 . TYR A 1 85  ? 16.484  2.863   -4.566  1.00 76.41 ? 85  TYR A CD2 1 
ATOM   684  C CE1 . TYR A 1 85  ? 15.787  0.250   -3.874  1.00 77.16 ? 85  TYR A CE1 1 
ATOM   685  C CE2 . TYR A 1 85  ? 15.881  2.026   -5.505  1.00 76.89 ? 85  TYR A CE2 1 
ATOM   686  C CZ  . TYR A 1 85  ? 15.524  0.721   -5.149  1.00 77.41 ? 85  TYR A CZ  1 
ATOM   687  O OH  . TYR A 1 85  ? 14.818  -0.088  -6.032  1.00 77.93 ? 85  TYR A OH  1 
ATOM   688  N N   . PRO A 1 86  ? 13.673  3.529   -2.005  1.00 68.92 ? 86  PRO A N   1 
ATOM   689  C CA  . PRO A 1 86  ? 13.493  4.268   -3.290  1.00 66.25 ? 86  PRO A CA  1 
ATOM   690  C C   . PRO A 1 86  ? 13.696  5.804   -3.149  1.00 62.82 ? 86  PRO A C   1 
ATOM   691  O O   . PRO A 1 86  ? 12.702  6.537   -3.068  1.00 63.35 ? 86  PRO A O   1 
ATOM   692  C CB  . PRO A 1 86  ? 12.038  3.953   -3.703  1.00 66.84 ? 86  PRO A CB  1 
ATOM   693  C CG  . PRO A 1 86  ? 11.713  2.704   -2.703  1.00 68.22 ? 86  PRO A CG  1 
ATOM   694  C CD  . PRO A 1 86  ? 12.436  2.792   -1.632  1.00 69.18 ? 86  PRO A CD  1 
ATOM   695  N N   . ASP A 1 87  ? 14.949  6.274   -3.162  1.00 58.53 ? 87  ASP A N   1 
ATOM   696  C CA  . ASP A 1 87  ? 15.301  7.704   -2.977  1.00 53.84 ? 87  ASP A CA  1 
ATOM   697  C C   . ASP A 1 87  ? 14.407  8.920   -2.876  1.00 51.61 ? 87  ASP A C   1 
ATOM   698  O O   . ASP A 1 87  ? 14.573  9.642   -1.883  1.00 54.37 ? 87  ASP A O   1 
ATOM   699  C CB  . ASP A 1 87  ? 16.442  8.172   -3.924  1.00 52.68 ? 87  ASP A CB  1 
ATOM   700  C CG  . ASP A 1 87  ? 16.180  9.635   -4.547  1.00 50.88 ? 87  ASP A CG  1 
ATOM   701  O OD1 . ASP A 1 87  ? 15.340  9.671   -5.464  1.00 49.62 ? 87  ASP A OD1 1 
ATOM   702  O OD2 . ASP A 1 87  ? 16.751  10.729  -4.154  1.00 48.20 ? 87  ASP A OD2 1 
ATOM   703  N N   . VAL A 1 88  ? 13.462  9.210   -3.794  1.00 46.90 ? 88  VAL A N   1 
ATOM   704  C CA  . VAL A 1 88  ? 12.854  10.523  -3.686  1.00 39.26 ? 88  VAL A CA  1 
ATOM   705  C C   . VAL A 1 88  ? 12.066  11.071  -2.376  1.00 33.52 ? 88  VAL A C   1 
ATOM   706  O O   . VAL A 1 88  ? 11.005  11.792  -2.302  1.00 32.22 ? 88  VAL A O   1 
ATOM   707  C CB  . VAL A 1 88  ? 12.279  10.952  -5.046  1.00 40.74 ? 88  VAL A CB  1 
ATOM   708  C CG1 . VAL A 1 88  ? 12.409  12.352  -5.202  1.00 42.78 ? 88  VAL A CG1 1 
ATOM   709  C CG2 . VAL A 1 88  ? 13.120  10.521  -6.111  1.00 43.85 ? 88  VAL A CG2 1 
ATOM   710  N N   . TYR A 1 89  ? 12.852  10.906  -1.348  1.00 27.85 ? 89  TYR A N   1 
ATOM   711  C CA  . TYR A 1 89  ? 12.482  11.419  -0.038  1.00 22.11 ? 89  TYR A CA  1 
ATOM   712  C C   . TYR A 1 89  ? 12.534  12.936  0.028   1.00 19.51 ? 89  TYR A C   1 
ATOM   713  O O   . TYR A 1 89  ? 13.368  13.565  -0.654  1.00 19.07 ? 89  TYR A O   1 
ATOM   714  C CB  . TYR A 1 89  ? 13.446  10.794  1.004   1.00 22.97 ? 89  TYR A CB  1 
ATOM   715  C CG  . TYR A 1 89  ? 14.895  11.217  0.840   1.00 22.91 ? 89  TYR A CG  1 
ATOM   716  C CD1 . TYR A 1 89  ? 15.743  10.546  -0.053  1.00 26.12 ? 89  TYR A CD1 1 
ATOM   717  C CD2 . TYR A 1 89  ? 15.399  12.306  1.527   1.00 21.38 ? 89  TYR A CD2 1 
ATOM   718  C CE1 . TYR A 1 89  ? 17.099  10.992  -0.244  1.00 26.87 ? 89  TYR A CE1 1 
ATOM   719  C CE2 . TYR A 1 89  ? 16.761  12.762  1.383   1.00 25.13 ? 89  TYR A CE2 1 
ATOM   720  C CZ  . TYR A 1 89  ? 17.615  12.105  0.501   1.00 26.36 ? 89  TYR A CZ  1 
ATOM   721  O OH  . TYR A 1 89  ? 18.976  12.544  0.362   1.00 25.55 ? 89  TYR A OH  1 
ATOM   722  N N   . TYR A 1 90  ? 11.705  13.569  0.837   1.00 16.82 ? 90  TYR A N   1 
ATOM   723  C CA  . TYR A 1 90  ? 11.774  15.027  0.924   1.00 14.85 ? 90  TYR A CA  1 
ATOM   724  C C   . TYR A 1 90  ? 12.791  15.444  1.909   1.00 17.46 ? 90  TYR A C   1 
ATOM   725  O O   . TYR A 1 90  ? 13.196  14.770  2.857   1.00 17.52 ? 90  TYR A O   1 
ATOM   726  C CB  . TYR A 1 90  ? 10.469  15.553  1.460   1.00 14.52 ? 90  TYR A CB  1 
ATOM   727  C CG  . TYR A 1 90  ? 9.294   15.495  0.532   1.00 13.66 ? 90  TYR A CG  1 
ATOM   728  C CD1 . TYR A 1 90  ? 8.101   14.892  0.903   1.00 16.24 ? 90  TYR A CD1 1 
ATOM   729  C CD2 . TYR A 1 90  ? 9.416   15.973  -0.782  1.00 15.23 ? 90  TYR A CD2 1 
ATOM   730  C CE1 . TYR A 1 90  ? 7.077   14.780  -0.036  1.00 15.77 ? 90  TYR A CE1 1 
ATOM   731  C CE2 . TYR A 1 90  ? 8.392   15.917  -1.720  1.00 16.30 ? 90  TYR A CE2 1 
ATOM   732  C CZ  . TYR A 1 90  ? 7.200   15.307  -1.337  1.00 19.56 ? 90  TYR A CZ  1 
ATOM   733  O OH  . TYR A 1 90  ? 6.170   15.232  -2.259  1.00 21.13 ? 90  TYR A OH  1 
ATOM   734  N N   . GLU A 1 91  ? 13.271  16.680  1.641   1.00 15.16 ? 91  GLU A N   1 
ATOM   735  C CA  . GLU A 1 91  ? 14.220  17.321  2.594   1.00 16.25 ? 91  GLU A CA  1 
ATOM   736  C C   . GLU A 1 91  ? 13.368  17.926  3.722   1.00 15.93 ? 91  GLU A C   1 
ATOM   737  O O   . GLU A 1 91  ? 12.244  18.284  3.626   1.00 16.29 ? 91  GLU A O   1 
ATOM   738  C CB  . GLU A 1 91  ? 14.886  18.541  1.905   1.00 15.06 ? 91  GLU A CB  1 
ATOM   739  C CG  . GLU A 1 91  ? 15.883  18.041  0.765   1.00 14.62 ? 91  GLU A CG  1 
ATOM   740  C CD  . GLU A 1 91  ? 17.048  17.233  1.172   1.00 16.91 ? 91  GLU A CD  1 
ATOM   741  O OE1 . GLU A 1 91  ? 17.484  17.433  2.309   1.00 17.25 ? 91  GLU A OE1 1 
ATOM   742  O OE2 . GLU A 1 91  ? 17.546  16.425  0.355   1.00 16.51 ? 91  GLU A OE2 1 
ATOM   743  N N   . GLY A 1 92  ? 14.050  18.017  4.922   1.00 17.93 ? 92  GLY A N   1 
ATOM   744  C CA  . GLY A 1 92  ? 13.426  18.631  6.061   1.00 18.91 ? 92  GLY A CA  1 
ATOM   745  C C   . GLY A 1 92  ? 12.450  17.671  6.743   1.00 14.62 ? 92  GLY A C   1 
ATOM   746  O O   . GLY A 1 92  ? 12.733  16.488  6.765   1.00 18.51 ? 92  GLY A O   1 
ATOM   747  N N   . ALA A 1 93  ? 11.366  18.277  7.209   1.00 17.90 ? 93  ALA A N   1 
ATOM   748  C CA  . ALA A 1 93  ? 10.237  17.456  7.920   1.00 17.42 ? 93  ALA A CA  1 
ATOM   749  C C   . ALA A 1 93  ? 9.304   17.062  6.754   1.00 15.96 ? 93  ALA A C   1 
ATOM   750  O O   . ALA A 1 93  ? 8.532   17.886  6.320   1.00 14.97 ? 93  ALA A O   1 
ATOM   751  C CB  . ALA A 1 93  ? 9.517   18.359  8.897   1.00 19.26 ? 93  ALA A CB  1 
ATOM   752  N N   . PRO A 1 94  ? 9.298   15.778  6.435   1.00 19.04 ? 94  PRO A N   1 
ATOM   753  C CA  . PRO A 1 94  ? 8.524   15.363  5.243   1.00 19.01 ? 94  PRO A CA  1 
ATOM   754  C C   . PRO A 1 94  ? 7.082   15.743  5.216   1.00 18.15 ? 94  PRO A C   1 
ATOM   755  O O   . PRO A 1 94  ? 6.500   16.094  4.184   1.00 16.73 ? 94  PRO A O   1 
ATOM   756  C CB  . PRO A 1 94  ? 8.730   13.812  5.178   1.00 21.35 ? 94  PRO A CB  1 
ATOM   757  C CG  . PRO A 1 94  ? 10.168  13.652  5.740   1.00 19.51 ? 94  PRO A CG  1 
ATOM   758  C CD  . PRO A 1 94  ? 10.130  14.685  6.931   1.00 19.32 ? 94  PRO A CD  1 
ATOM   759  N N   . TYR A 1 95  ? 6.411   15.697  6.374   1.00 16.26 ? 95  TYR A N   1 
ATOM   760  C CA  . TYR A 1 95  ? 4.963   15.871  6.342   1.00 15.62 ? 95  TYR A CA  1 
ATOM   761  C C   . TYR A 1 95  ? 4.532   17.228  5.811   1.00 16.81 ? 95  TYR A C   1 
ATOM   762  O O   . TYR A 1 95  ? 3.441   17.431  5.311   1.00 17.62 ? 95  TYR A O   1 
ATOM   763  C CB  . TYR A 1 95  ? 4.350   15.694  7.794   1.00 15.73 ? 95  TYR A CB  1 
ATOM   764  C CG  . TYR A 1 95  ? 4.670   16.814  8.760   1.00 13.49 ? 95  TYR A CG  1 
ATOM   765  C CD1 . TYR A 1 95  ? 3.843   17.931  8.828   1.00 15.85 ? 95  TYR A CD1 1 
ATOM   766  C CD2 . TYR A 1 95  ? 5.815   16.758  9.586   1.00 16.00 ? 95  TYR A CD2 1 
ATOM   767  C CE1 . TYR A 1 95  ? 4.059   19.065  9.667   1.00 16.87 ? 95  TYR A CE1 1 
ATOM   768  C CE2 . TYR A 1 95  ? 6.066   17.907  10.493  1.00 17.96 ? 95  TYR A CE2 1 
ATOM   769  C CZ  . TYR A 1 95  ? 5.184   18.985  10.485  1.00 17.10 ? 95  TYR A CZ  1 
ATOM   770  O OH  . TYR A 1 95  ? 5.376   20.130  11.286  1.00 20.76 ? 95  TYR A OH  1 
ATOM   771  N N   . GLU A 1 96  ? 5.457   18.211  5.953   1.00 16.36 ? 96  GLU A N   1 
ATOM   772  C CA  . GLU A 1 96  ? 5.089   19.517  5.536   1.00 17.29 ? 96  GLU A CA  1 
ATOM   773  C C   . GLU A 1 96  ? 4.923   19.649  4.001   1.00 17.02 ? 96  GLU A C   1 
ATOM   774  O O   . GLU A 1 96  ? 4.329   20.631  3.562   1.00 20.51 ? 96  GLU A O   1 
ATOM   775  C CB  . GLU A 1 96  ? 6.214   20.542  5.951   1.00 18.82 ? 96  GLU A CB  1 
ATOM   776  C CG  . GLU A 1 96  ? 6.329   20.640  7.474   1.00 23.08 ? 96  GLU A CG  1 
ATOM   777  C CD  . GLU A 1 96  ? 7.149   21.827  7.899   1.00 26.87 ? 96  GLU A CD  1 
ATOM   778  O OE1 . GLU A 1 96  ? 6.593   22.861  8.328   1.00 31.47 ? 96  GLU A OE1 1 
ATOM   779  O OE2 . GLU A 1 96  ? 8.341   21.730  7.847   1.00 27.00 ? 96  GLU A OE2 1 
ATOM   780  N N   . TYR A 1 97  ? 5.385   18.639  3.291   1.00 16.53 ? 97  TYR A N   1 
ATOM   781  C CA  . TYR A 1 97  ? 5.442   18.707  1.878   1.00 17.42 ? 97  TYR A CA  1 
ATOM   782  C C   . TYR A 1 97  ? 4.509   17.764  1.157   1.00 17.73 ? 97  TYR A C   1 
ATOM   783  O O   . TYR A 1 97  ? 4.553   17.652  -0.084  1.00 20.20 ? 97  TYR A O   1 
ATOM   784  C CB  . TYR A 1 97  ? 6.903   18.496  1.454   1.00 17.33 ? 97  TYR A CB  1 
ATOM   785  C CG  . TYR A 1 97  ? 7.780   19.582  2.028   1.00 15.19 ? 97  TYR A CG  1 
ATOM   786  C CD1 . TYR A 1 97  ? 8.495   19.389  3.202   1.00 17.72 ? 97  TYR A CD1 1 
ATOM   787  C CD2 . TYR A 1 97  ? 7.835   20.807  1.385   1.00 15.56 ? 97  TYR A CD2 1 
ATOM   788  C CE1 . TYR A 1 97  ? 9.294   20.441  3.747   1.00 19.44 ? 97  TYR A CE1 1 
ATOM   789  C CE2 . TYR A 1 97  ? 8.621   21.870  1.902   1.00 17.72 ? 97  TYR A CE2 1 
ATOM   790  C CZ  . TYR A 1 97  ? 9.330   21.650  3.057   1.00 17.35 ? 97  TYR A CZ  1 
ATOM   791  O OH  . TYR A 1 97  ? 10.165  22.691  3.570   1.00 20.37 ? 97  TYR A OH  1 
ATOM   792  N N   . TYR A 1 98  ? 3.657   17.074  1.913   1.00 15.32 ? 98  TYR A N   1 
ATOM   793  C CA  . TYR A 1 98  ? 2.626   16.262  1.273   1.00 15.51 ? 98  TYR A CA  1 
ATOM   794  C C   . TYR A 1 98  ? 1.353   17.058  1.087   1.00 16.39 ? 98  TYR A C   1 
ATOM   795  O O   . TYR A 1 98  ? 1.091   18.040  1.813   1.00 18.64 ? 98  TYR A O   1 
ATOM   796  C CB  . TYR A 1 98  ? 2.292   15.041  2.161   1.00 14.83 ? 98  TYR A CB  1 
ATOM   797  C CG  . TYR A 1 98  ? 3.223   13.921  2.035   1.00 14.97 ? 98  TYR A CG  1 
ATOM   798  C CD1 . TYR A 1 98  ? 4.503   13.975  2.586   1.00 17.24 ? 98  TYR A CD1 1 
ATOM   799  C CD2 . TYR A 1 98  ? 2.843   12.776  1.359   1.00 16.57 ? 98  TYR A CD2 1 
ATOM   800  C CE1 . TYR A 1 98  ? 5.376   12.885  2.475   1.00 19.42 ? 98  TYR A CE1 1 
ATOM   801  C CE2 . TYR A 1 98  ? 3.733   11.728  1.259   1.00 18.83 ? 98  TYR A CE2 1 
ATOM   802  C CZ  . TYR A 1 98  ? 4.974   11.799  1.812   1.00 20.41 ? 98  TYR A CZ  1 
ATOM   803  O OH  . TYR A 1 98  ? 5.789   10.728  1.754   1.00 27.75 ? 98  TYR A OH  1 
ATOM   804  N N   . THR A 1 99  ? 0.509   16.652  0.127   1.00 14.79 ? 99  THR A N   1 
ATOM   805  C CA  . THR A 1 99  ? -0.709  17.389  -0.182  1.00 15.85 ? 99  THR A CA  1 
ATOM   806  C C   . THR A 1 99  ? -1.895  16.492  -0.240  1.00 13.31 ? 99  THR A C   1 
ATOM   807  O O   . THR A 1 99  ? -1.733  15.240  -0.210  1.00 13.79 ? 99  THR A O   1 
ATOM   808  C CB  . THR A 1 99  ? -0.665  17.988  -1.633  1.00 17.04 ? 99  THR A CB  1 
ATOM   809  O OG1 . THR A 1 99  ? -0.487  16.927  -2.579  1.00 17.65 ? 99  THR A OG1 1 
ATOM   810  C CG2 . THR A 1 99  ? 0.600   18.903  -1.657  1.00 16.21 ? 99  THR A CG2 1 
ATOM   811  N N   . GLU A 1 100 ? -3.031  17.125  -0.296  1.00 13.80 ? 100 GLU A N   1 
ATOM   812  C CA  . GLU A 1 100 ? -4.272  16.320  -0.285  1.00 14.52 ? 100 GLU A CA  1 
ATOM   813  C C   . GLU A 1 100 ? -4.315  15.415  -1.592  1.00 15.34 ? 100 GLU A C   1 
ATOM   814  O O   . GLU A 1 100 ? -4.753  14.270  -1.585  1.00 15.88 ? 100 GLU A O   1 
ATOM   815  C CB  . GLU A 1 100 ? -5.486  17.269  -0.233  1.00 18.45 ? 100 GLU A CB  1 
ATOM   816  C CG  . GLU A 1 100 ? -6.810  16.499  -0.039  1.00 19.45 ? 100 GLU A CG  1 
ATOM   817  C CD  . GLU A 1 100 ? -7.924  17.476  0.425   1.00 24.79 ? 100 GLU A CD  1 
ATOM   818  O OE1 . GLU A 1 100 ? -8.953  16.992  0.899   1.00 28.27 ? 100 GLU A OE1 1 
ATOM   819  O OE2 . GLU A 1 100 ? -7.726  18.734  0.338   1.00 29.32 ? 100 GLU A OE2 1 
ATOM   820  N N   . ARG A 1 101 ? -3.824  15.921  -2.749  1.00 15.18 ? 101 ARG A N   1 
ATOM   821  C CA  . ARG A 1 101 ? -3.768  15.064  -3.929  1.00 14.04 ? 101 ARG A CA  1 
ATOM   822  C C   . ARG A 1 101 ? -2.939  13.814  -3.707  1.00 13.59 ? 101 ARG A C   1 
ATOM   823  O O   . ARG A 1 101 ? -3.318  12.757  -4.150  1.00 15.23 ? 101 ARG A O   1 
ATOM   824  C CB  . ARG A 1 101 ? -3.219  15.863  -5.121  1.00 13.70 ? 101 ARG A CB  1 
ATOM   825  C CG  . ARG A 1 101 ? -2.906  14.956  -6.326  1.00 15.07 ? 101 ARG A CG  1 
ATOM   826  C CD  . ARG A 1 101 ? -2.513  15.785  -7.592  1.00 15.77 ? 101 ARG A CD  1 
ATOM   827  N NE  . ARG A 1 101 ? -1.151  16.311  -7.478  1.00 16.36 ? 101 ARG A NE  1 
ATOM   828  C CZ  . ARG A 1 101 ? -0.065  15.637  -7.669  1.00 16.00 ? 101 ARG A CZ  1 
ATOM   829  N NH1 . ARG A 1 101 ? -0.039  14.345  -7.995  1.00 20.14 ? 101 ARG A NH1 1 
ATOM   830  N NH2 . ARG A 1 101 ? 1.103   16.247  -7.498  1.00 17.06 ? 101 ARG A NH2 1 
ATOM   831  N N   . ASP A 1 102 ? -1.817  13.876  -2.940  1.00 12.41 ? 102 ASP A N   1 
ATOM   832  C CA  . ASP A 1 102 ? -1.008  12.718  -2.722  1.00 14.38 ? 102 ASP A CA  1 
ATOM   833  C C   . ASP A 1 102 ? -1.871  11.755  -1.915  1.00 13.15 ? 102 ASP A C   1 
ATOM   834  O O   . ASP A 1 102 ? -1.842  10.592  -2.204  1.00 13.47 ? 102 ASP A O   1 
ATOM   835  C CB  . ASP A 1 102 ? 0.183   13.077  -1.799  1.00 14.98 ? 102 ASP A CB  1 
ATOM   836  C CG  . ASP A 1 102 ? 1.146   14.092  -2.426  1.00 16.80 ? 102 ASP A CG  1 
ATOM   837  O OD1 . ASP A 1 102 ? 1.863   14.756  -1.575  1.00 17.20 ? 102 ASP A OD1 1 
ATOM   838  O OD2 . ASP A 1 102 ? 1.266   14.153  -3.677  1.00 17.26 ? 102 ASP A OD2 1 
ATOM   839  N N   . ALA A 1 103 ? -2.565  12.247  -0.896  1.00 13.14 ? 103 ALA A N   1 
ATOM   840  C CA  . ALA A 1 103 ? -3.412  11.308  -0.136  1.00 12.23 ? 103 ALA A CA  1 
ATOM   841  C C   . ALA A 1 103 ? -4.430  10.614  -1.004  1.00 13.54 ? 103 ALA A C   1 
ATOM   842  O O   . ALA A 1 103 ? -4.618  9.403   -0.869  1.00 13.05 ? 103 ALA A O   1 
ATOM   843  C CB  . ALA A 1 103 ? -4.041  12.091  0.991   1.00 15.18 ? 103 ALA A CB  1 
ATOM   844  N N   . ASP A 1 104 ? -5.079  11.407  -1.861  1.00 13.20 ? 104 ASP A N   1 
ATOM   845  C CA  . ASP A 1 104 ? -6.030  10.751  -2.767  1.00 13.38 ? 104 ASP A CA  1 
ATOM   846  C C   . ASP A 1 104 ? -5.375  9.757   -3.647  1.00 14.10 ? 104 ASP A C   1 
ATOM   847  O O   . ASP A 1 104 ? -5.916  8.646   -3.836  1.00 14.11 ? 104 ASP A O   1 
ATOM   848  C CB  . ASP A 1 104 ? -6.764  11.806  -3.707  1.00 13.43 ? 104 ASP A CB  1 
ATOM   849  C CG  . ASP A 1 104 ? -7.661  12.690  -2.969  1.00 17.02 ? 104 ASP A CG  1 
ATOM   850  O OD1 . ASP A 1 104 ? -7.886  12.556  -1.745  1.00 16.32 ? 104 ASP A OD1 1 
ATOM   851  O OD2 . ASP A 1 104 ? -8.202  13.620  -3.669  1.00 20.01 ? 104 ASP A OD2 1 
ATOM   852  N N   . GLU A 1 105 ? -4.232  10.042  -4.271  1.00 12.95 ? 105 GLU A N   1 
ATOM   853  C CA  . GLU A 1 105 ? -3.608  9.050   -5.187  1.00 13.31 ? 105 GLU A CA  1 
ATOM   854  C C   . GLU A 1 105 ? -3.150  7.819   -4.423  1.00 14.15 ? 105 GLU A C   1 
ATOM   855  O O   . GLU A 1 105 ? -3.270  6.685   -4.919  1.00 14.54 ? 105 GLU A O   1 
ATOM   856  C CB  . GLU A 1 105 ? -2.384  9.716   -5.855  1.00 13.60 ? 105 GLU A CB  1 
ATOM   857  C CG  . GLU A 1 105 ? -2.899  10.800  -6.808  1.00 16.72 ? 105 GLU A CG  1 
ATOM   858  C CD  . GLU A 1 105 ? -1.737  11.501  -7.589  1.00 18.10 ? 105 GLU A CD  1 
ATOM   859  O OE1 . GLU A 1 105 ? -0.566  11.192  -7.349  1.00 19.62 ? 105 GLU A OE1 1 
ATOM   860  O OE2 . GLU A 1 105 ? -2.174  12.357  -8.420  1.00 16.56 ? 105 GLU A OE2 1 
ATOM   861  N N   . CYS A 1 106 ? -2.619  8.012   -3.257  1.00 13.52 ? 106 CYS A N   1 
ATOM   862  C CA  . CYS A 1 106 ? -2.178  6.845   -2.458  1.00 13.81 ? 106 CYS A CA  1 
ATOM   863  C C   . CYS A 1 106 ? -3.430  6.052   -1.992  1.00 11.47 ? 106 CYS A C   1 
ATOM   864  O O   . CYS A 1 106 ? -3.379  4.794   -2.157  1.00 13.18 ? 106 CYS A O   1 
ATOM   865  C CB  . CYS A 1 106 ? -1.518  7.303   -1.156  1.00 12.77 ? 106 CYS A CB  1 
ATOM   866  S SG  . CYS A 1 106 ? 0.208   7.969   -1.535  1.00 19.26 ? 106 CYS A SG  1 
ATOM   867  N N   . ILE A 1 107 ? -4.486  6.650   -1.449  1.00 11.09 ? 107 ILE A N   1 
ATOM   868  C CA  . ILE A 1 107 ? -5.646  5.898   -0.978  1.00 10.79 ? 107 ILE A CA  1 
ATOM   869  C C   . ILE A 1 107 ? -6.224  5.138   -2.193  1.00 11.54 ? 107 ILE A C   1 
ATOM   870  O O   . ILE A 1 107 ? -6.585  3.965   -2.047  1.00 11.74 ? 107 ILE A O   1 
ATOM   871  C CB  . ILE A 1 107 ? -6.631  6.851   -0.360  1.00 11.05 ? 107 ILE A CB  1 
ATOM   872  C CG1 . ILE A 1 107 ? -6.076  7.229   1.068   1.00 11.98 ? 107 ILE A CG1 1 
ATOM   873  C CG2 . ILE A 1 107 ? -8.005  6.123   -0.162  1.00 11.92 ? 107 ILE A CG2 1 
ATOM   874  C CD1 . ILE A 1 107 ? -6.845  8.464   1.683   1.00 13.07 ? 107 ILE A CD1 1 
ATOM   875  N N   . ASN A 1 108 ? -6.393  5.874   -3.264  1.00 12.28 ? 108 ASN A N   1 
ATOM   876  C CA  . ASN A 1 108 ? -7.026  5.162   -4.420  1.00 13.37 ? 108 ASN A CA  1 
ATOM   877  C C   . ASN A 1 108 ? -6.231  4.076   -5.019  1.00 12.92 ? 108 ASN A C   1 
ATOM   878  O O   . ASN A 1 108 ? -6.832  3.063   -5.533  1.00 15.30 ? 108 ASN A O   1 
ATOM   879  C CB  . ASN A 1 108 ? -7.410  6.273   -5.426  1.00 13.63 ? 108 ASN A CB  1 
ATOM   880  C CG  . ASN A 1 108 ? -8.485  7.116   -4.867  1.00 11.88 ? 108 ASN A CG  1 
ATOM   881  O OD1 . ASN A 1 108 ? -9.197  6.823   -3.928  1.00 12.49 ? 108 ASN A OD1 1 
ATOM   882  N ND2 . ASN A 1 108 ? -8.685  8.295   -5.549  1.00 13.95 ? 108 ASN A ND2 1 
ATOM   883  N N   . CYS A 1 109 ? -4.898  4.167   -4.983  1.00 11.86 ? 109 CYS A N   1 
ATOM   884  C CA  . CYS A 1 109 ? -4.126  3.009   -5.419  1.00 12.69 ? 109 CYS A CA  1 
ATOM   885  C C   . CYS A 1 109 ? -4.264  1.871   -4.455  1.00 13.82 ? 109 CYS A C   1 
ATOM   886  O O   . CYS A 1 109 ? -4.223  0.714   -4.817  1.00 14.16 ? 109 CYS A O   1 
ATOM   887  C CB  . CYS A 1 109 ? -2.621  3.349   -5.503  1.00 14.53 ? 109 CYS A CB  1 
ATOM   888  S SG  . CYS A 1 109 ? -2.163  3.972   -7.144  1.00 15.18 ? 109 CYS A SG  1 
ATOM   889  N N   . ALA A 1 110 ? -4.299  2.166   -3.116  1.00 12.27 ? 110 ALA A N   1 
ATOM   890  C CA  . ALA A 1 110 ? -4.565  1.077   -2.114  1.00 12.73 ? 110 ALA A CA  1 
ATOM   891  C C   . ALA A 1 110 ? -5.910  0.404   -2.358  1.00 12.01 ? 110 ALA A C   1 
ATOM   892  O O   . ALA A 1 110 ? -5.958  -0.824  -2.308  1.00 14.56 ? 110 ALA A O   1 
ATOM   893  C CB  . ALA A 1 110 ? -4.476  1.671   -0.632  1.00 14.94 ? 110 ALA A CB  1 
ATOM   894  N N   . ILE A 1 111 ? -6.954  1.189   -2.713  1.00 12.17 ? 111 ILE A N   1 
ATOM   895  C CA  . ILE A 1 111 ? -8.254  0.594   -2.977  1.00 10.95 ? 111 ILE A CA  1 
ATOM   896  C C   . ILE A 1 111 ? -8.151  -0.255  -4.236  1.00 12.12 ? 111 ILE A C   1 
ATOM   897  O O   . ILE A 1 111 ? -8.676  -1.401  -4.225  1.00 14.74 ? 111 ILE A O   1 
ATOM   898  C CB  . ILE A 1 111 ? -9.192  1.750   -3.206  1.00 12.87 ? 111 ILE A CB  1 
ATOM   899  C CG1 . ILE A 1 111 ? -9.569  2.421   -1.874  1.00 13.21 ? 111 ILE A CG1 1 
ATOM   900  C CG2 . ILE A 1 111 ? -10.535 1.158   -3.813  1.00 14.66 ? 111 ILE A CG2 1 
ATOM   901  C CD1 . ILE A 1 111 ? -10.278 3.804   -2.051  1.00 14.59 ? 111 ILE A CD1 1 
ATOM   902  N N   . ARG A 1 112 ? -7.431  0.209   -5.244  1.00 13.44 ? 112 ARG A N   1 
ATOM   903  C CA  . ARG A 1 112 ? -7.303  -0.597  -6.521  1.00 14.73 ? 112 ARG A CA  1 
ATOM   904  C C   . ARG A 1 112 ? -6.639  -1.893  -6.181  1.00 14.80 ? 112 ARG A C   1 
ATOM   905  O O   . ARG A 1 112 ? -7.084  -2.935  -6.631  1.00 14.95 ? 112 ARG A O   1 
ATOM   906  C CB  . ARG A 1 112 ? -6.540  0.266   -7.573  1.00 14.71 ? 112 ARG A CB  1 
ATOM   907  C CG  . ARG A 1 112 ? -5.987  -0.168  -8.945  1.00 24.17 ? 112 ARG A CG  1 
ATOM   908  C CD  . ARG A 1 112 ? -6.244  1.250   -9.596  1.00 26.13 ? 112 ARG A CD  1 
ATOM   909  N NE  . ARG A 1 112 ? -6.913  1.028   -10.643 1.00 27.71 ? 112 ARG A NE  1 
ATOM   910  C CZ  . ARG A 1 112 ? -8.081  0.584   -10.832 1.00 25.69 ? 112 ARG A CZ  1 
ATOM   911  N NH1 . ARG A 1 112 ? -8.395  -0.573  -11.385 1.00 30.81 ? 112 ARG A NH1 1 
ATOM   912  N NH2 . ARG A 1 112 ? -8.970  1.512   -10.466 1.00 26.16 ? 112 ARG A NH2 1 
ATOM   913  N N   . ILE A 1 113 ? -5.543  -1.887  -5.423  1.00 14.57 ? 113 ILE A N   1 
ATOM   914  C CA  . ILE A 1 113 ? -4.867  -3.170  -5.093  1.00 14.31 ? 113 ILE A CA  1 
ATOM   915  C C   . ILE A 1 113 ? -5.653  -4.040  -4.179  1.00 15.70 ? 113 ILE A C   1 
ATOM   916  O O   . ILE A 1 113 ? -5.732  -5.257  -4.450  1.00 15.26 ? 113 ILE A O   1 
ATOM   917  C CB  . ILE A 1 113 ? -3.456  -2.867  -4.588  1.00 14.14 ? 113 ILE A CB  1 
ATOM   918  C CG1 . ILE A 1 113 ? -2.630  -2.265  -5.683  1.00 14.69 ? 113 ILE A CG1 1 
ATOM   919  C CG2 . ILE A 1 113 ? -2.801  -4.174  -3.966  1.00 16.11 ? 113 ILE A CG2 1 
ATOM   920  C CD1 . ILE A 1 113 ? -1.231  -1.665  -5.237  1.00 16.42 ? 113 ILE A CD1 1 
ATOM   921  N N   . LEU A 1 114 ? -6.311  -3.513  -3.149  1.00 13.62 ? 114 LEU A N   1 
ATOM   922  C CA  . LEU A 1 114 ? -7.102  -4.282  -2.248  1.00 13.39 ? 114 LEU A CA  1 
ATOM   923  C C   . LEU A 1 114 ? -8.278  -4.929  -2.987  1.00 16.43 ? 114 LEU A C   1 
ATOM   924  O O   . LEU A 1 114 ? -8.542  -6.107  -2.762  1.00 15.47 ? 114 LEU A O   1 
ATOM   925  C CB  . LEU A 1 114 ? -7.579  -3.381  -1.117  1.00 15.56 ? 114 LEU A CB  1 
ATOM   926  C CG  . LEU A 1 114 ? -8.671  -4.007  -0.178  1.00 14.80 ? 114 LEU A CG  1 
ATOM   927  C CD1 . LEU A 1 114 ? -8.067  -5.171  0.569   1.00 18.87 ? 114 LEU A CD1 1 
ATOM   928  C CD2 . LEU A 1 114 ? -9.104  -2.935  0.868   1.00 17.74 ? 114 LEU A CD2 1 
ATOM   929  N N   . ASN A 1 115 ? -8.892  -4.192  -3.915  1.00 15.08 ? 115 ASN A N   1 
ATOM   930  C CA  . ASN A 1 115 ? -10.078 -4.822  -4.600  1.00 16.94 ? 115 ASN A CA  1 
ATOM   931  C C   . ASN A 1 115 ? -9.563  -5.875  -5.556  1.00 16.50 ? 115 ASN A C   1 
ATOM   932  O O   . ASN A 1 115 ? -10.323 -6.904  -5.781  1.00 17.70 ? 115 ASN A O   1 
ATOM   933  C CB  . ASN A 1 115 ? -10.817 -3.797  -5.479  1.00 19.94 ? 115 ASN A CB  1 
ATOM   934  C CG  . ASN A 1 115 ? -11.572 -2.812  -4.758  1.00 24.23 ? 115 ASN A CG  1 
ATOM   935  O OD1 . ASN A 1 115 ? -11.977 -3.022  -3.678  1.00 27.45 ? 115 ASN A OD1 1 
ATOM   936  N ND2 . ASN A 1 115 ? -11.875 -1.671  -5.473  1.00 27.50 ? 115 ASN A ND2 1 
ATOM   937  N N   . TRP A 1 116 ? -8.415  -5.647  -6.172  1.00 14.98 ? 116 TRP A N   1 
ATOM   938  C CA  . TRP A 1 116 ? -7.869  -6.635  -7.188  1.00 15.55 ? 116 TRP A CA  1 
ATOM   939  C C   . TRP A 1 116 ? -7.492  -7.907  -6.404  1.00 18.00 ? 116 TRP A C   1 
ATOM   940  O O   . TRP A 1 116 ? -7.781  -9.024  -6.804  1.00 19.17 ? 116 TRP A O   1 
ATOM   941  C CB  . TRP A 1 116 ? -6.745  -5.972  -7.867  1.00 18.97 ? 116 TRP A CB  1 
ATOM   942  C CG  . TRP A 1 116 ? -5.956  -6.928  -8.724  1.00 20.14 ? 116 TRP A CG  1 
ATOM   943  C CD1 . TRP A 1 116 ? -6.289  -7.366  -10.047 1.00 17.79 ? 116 TRP A CD1 1 
ATOM   944  C CD2 . TRP A 1 116 ? -4.717  -7.549  -8.407  1.00 18.55 ? 116 TRP A CD2 1 
ATOM   945  N NE1 . TRP A 1 116 ? -5.272  -8.206  -10.518 1.00 21.99 ? 116 TRP A NE1 1 
ATOM   946  C CE2 . TRP A 1 116 ? -4.304  -8.322  -9.549  1.00 21.79 ? 116 TRP A CE2 1 
ATOM   947  C CE3 . TRP A 1 116 ? -3.887  -7.503  -7.277  1.00 19.23 ? 116 TRP A CE3 1 
ATOM   948  C CZ2 . TRP A 1 116 ? -3.098  -9.051  -9.588  1.00 22.74 ? 116 TRP A CZ2 1 
ATOM   949  C CZ3 . TRP A 1 116 ? -2.704  -8.232  -7.322  1.00 20.61 ? 116 TRP A CZ3 1 
ATOM   950  C CH2 . TRP A 1 116 ? -2.317  -8.994  -8.465  1.00 22.48 ? 116 TRP A CH2 1 
ATOM   951  N N   . VAL A 1 117 ? -6.940  -7.762  -5.194  1.00 16.11 ? 117 VAL A N   1 
ATOM   952  C CA  . VAL A 1 117 ? -6.635  -8.956  -4.433  1.00 17.37 ? 117 VAL A CA  1 
ATOM   953  C C   . VAL A 1 117 ? -7.921  -9.628  -4.016  1.00 18.55 ? 117 VAL A C   1 
ATOM   954  O O   . VAL A 1 117 ? -8.017  -10.857 -4.091  1.00 21.23 ? 117 VAL A O   1 
ATOM   955  C CB  . VAL A 1 117 ? -5.819  -8.522  -3.103  1.00 16.19 ? 117 VAL A CB  1 
ATOM   956  C CG1 . VAL A 1 117 ? -5.828  -9.712  -2.092  1.00 19.89 ? 117 VAL A CG1 1 
ATOM   957  C CG2 . VAL A 1 117 ? -4.486  -8.093  -3.501  1.00 16.35 ? 117 VAL A CG2 1 
ATOM   958  N N   . LYS A 1 118 ? -8.948  -8.917  -3.527  1.00 17.35 ? 118 LYS A N   1 
ATOM   959  C CA  . LYS A 1 118 ? -10.169 -9.547  -3.040  1.00 17.71 ? 118 LYS A CA  1 
ATOM   960  C C   . LYS A 1 118 ? -10.817 -10.375 -4.180  1.00 22.26 ? 118 LYS A C   1 
ATOM   961  O O   . LYS A 1 118 ? -11.357 -11.480 -3.926  1.00 21.84 ? 118 LYS A O   1 
ATOM   962  C CB  . LYS A 1 118 ? -11.073 -8.509  -2.429  1.00 19.48 ? 118 LYS A CB  1 
ATOM   963  C CG  . LYS A 1 118 ? -10.514 -8.089  -1.067  1.00 18.96 ? 118 LYS A CG  1 
ATOM   964  C CD  . LYS A 1 118 ? -11.367 -6.970  -0.519  1.00 26.71 ? 118 LYS A CD  1 
ATOM   965  C CE  . LYS A 1 118 ? -12.572 -7.323  0.242   1.00 32.27 ? 118 LYS A CE  1 
ATOM   966  N NZ  . LYS A 1 118 ? -13.190 -5.851  0.394   1.00 34.51 ? 118 LYS A NZ  1 
ATOM   967  N N   . GLY A 1 119 ? -10.655 -9.859  -5.376  1.00 20.56 ? 119 GLY A N   1 
ATOM   968  C CA  . GLY A 1 119 ? -11.307 -10.498 -6.512  1.00 23.69 ? 119 GLY A CA  1 
ATOM   969  C C   . GLY A 1 119 ? -10.702 -11.861 -6.759  1.00 25.74 ? 119 GLY A C   1 
ATOM   970  O O   . GLY A 1 119 ? -11.309 -12.737 -7.471  1.00 28.62 ? 119 GLY A O   1 
ATOM   971  N N   . GLN A 1 120 ? -9.506  -12.091 -6.300  1.00 25.02 ? 120 GLN A N   1 
ATOM   972  C CA  . GLN A 1 120 ? -8.837  -13.343 -6.597  1.00 26.59 ? 120 GLN A CA  1 
ATOM   973  C C   . GLN A 1 120 ? -8.925  -14.367 -5.537  1.00 29.75 ? 120 GLN A C   1 
ATOM   974  O O   . GLN A 1 120 ? -8.518  -15.542 -5.754  1.00 28.93 ? 120 GLN A O   1 
ATOM   975  C CB  . GLN A 1 120 ? -7.378  -13.065 -6.849  1.00 22.15 ? 120 GLN A CB  1 
ATOM   976  C CG  . GLN A 1 120 ? -7.076  -12.250 -8.137  1.00 23.59 ? 120 GLN A CG  1 
ATOM   977  C CD  . GLN A 1 120 ? -5.663  -11.780 -8.161  1.00 26.34 ? 120 GLN A CD  1 
ATOM   978  O OE1 . GLN A 1 120 ? -5.361  -10.611 -7.711  1.00 26.23 ? 120 GLN A OE1 1 
ATOM   979  N NE2 . GLN A 1 120 ? -4.738  -12.583 -8.676  1.00 26.92 ? 120 GLN A NE2 1 
ATOM   980  N N   . ILE A 1 121 ? -9.438  -13.973 -4.370  1.00 28.83 ? 121 ILE A N   1 
ATOM   981  C CA  . ILE A 1 121 ? -9.451  -14.937 -3.240  1.00 30.99 ? 121 ILE A CA  1 
ATOM   982  C C   . ILE A 1 121 ? -10.863 -15.446 -3.446  1.00 35.53 ? 121 ILE A C   1 
ATOM   983  O O   . ILE A 1 121 ? -11.875 -14.907 -2.968  1.00 34.27 ? 121 ILE A O   1 
ATOM   984  C CB  . ILE A 1 121 ? -9.099  -14.113 -1.916  1.00 29.62 ? 121 ILE A CB  1 
ATOM   985  C CG1 . ILE A 1 121 ? -7.644  -13.792 -1.934  1.00 26.79 ? 121 ILE A CG1 1 
ATOM   986  C CG2 . ILE A 1 121 ? -9.400  -14.927 -0.675  1.00 27.62 ? 121 ILE A CG2 1 
ATOM   987  C CD1 . ILE A 1 121 ? -7.412  -12.685 -0.686  1.00 27.80 ? 121 ILE A CD1 1 
ATOM   988  N N   . LYS A 1 122 ? -10.817 -16.468 -4.324  1.00 40.80 ? 122 LYS A N   1 
ATOM   989  C CA  . LYS A 1 122 ? -11.898 -17.241 -4.990  1.00 45.61 ? 122 LYS A CA  1 
ATOM   990  C C   . LYS A 1 122 ? -12.567 -16.410 -6.175  1.00 47.77 ? 122 LYS A C   1 
ATOM   991  O O   . LYS A 1 122 ? -13.451 -15.573 -5.830  1.00 49.81 ? 122 LYS A O   1 
ATOM   992  C CB  . LYS A 1 122 ? -12.925 -17.682 -3.979  1.00 47.25 ? 122 LYS A CB  1 
ATOM   993  C CG  . LYS A 1 122 ? -12.676 -19.099 -3.481  1.00 50.11 ? 122 LYS A CG  1 
ATOM   994  C CD  . LYS A 1 122 ? -11.514 -19.151 -2.461  1.00 52.93 ? 122 LYS A CD  1 
ATOM   995  C CE  . LYS A 1 122 ? -11.716 -20.342 -1.462  1.00 54.54 ? 122 LYS A CE  1 
ATOM   996  N NZ  . LYS A 1 122 ? -13.088 -20.265 -0.833  1.00 54.46 ? 122 LYS A NZ  1 
ATOM   997  O OXT . LYS A 1 122 ? -12.207 -16.514 -7.405  1.00 47.93 ? 122 LYS A OXT 1 
HETATM 998  O O   . TBU B 2 .   ? 4.485   8.220   10.712  1.00 31.98 ? 123 TBU A O   1 
HETATM 999  C C   . TBU B 2 .   ? 5.017   8.478   9.375   1.00 27.55 ? 123 TBU A C   1 
HETATM 1000 C C1  . TBU B 2 .   ? 5.872   9.725   9.539   1.00 21.27 ? 123 TBU A C1  1 
HETATM 1001 C C2  . TBU B 2 .   ? 3.848   8.717   8.361   1.00 28.44 ? 123 TBU A C2  1 
HETATM 1002 C C3  . TBU B 2 .   ? 5.772   7.286   8.980   1.00 29.69 ? 123 TBU A C3  1 
HETATM 1003 O O   . TBU C 2 .   ? -1.311  7.146   -11.389 1.00 36.64 ? 124 TBU A O   1 
HETATM 1004 C C   . TBU C 2 .   ? -0.556  7.045   -10.170 1.00 36.03 ? 124 TBU A C   1 
HETATM 1005 C C1  . TBU C 2 .   ? 0.723   7.932   -10.431 1.00 36.88 ? 124 TBU A C1  1 
HETATM 1006 C C2  . TBU C 2 .   ? -0.158  5.607   -9.975  1.00 32.33 ? 124 TBU A C2  1 
HETATM 1007 C C3  . TBU C 2 .   ? -1.431  7.517   -9.047  1.00 35.51 ? 124 TBU A C3  1 
HETATM 1008 O O   . HOH D 3 .   ? 0.612   15.822  8.266   1.00 17.50 ? 125 HOH A O   1 
HETATM 1009 O O   . HOH D 3 .   ? -8.661  -3.116  -8.858  1.00 18.95 ? 126 HOH A O   1 
HETATM 1010 O O   . HOH D 3 .   ? 0.744   16.551  5.492   1.00 20.44 ? 127 HOH A O   1 
HETATM 1011 O O   . HOH D 3 .   ? -11.708 -0.256  4.862   1.00 20.96 ? 128 HOH A O   1 
HETATM 1012 O O   . HOH D 3 .   ? 7.120   13.778  8.645   1.00 18.94 ? 129 HOH A O   1 
HETATM 1013 O O   . HOH D 3 .   ? 1.259   12.019  -5.372  1.00 20.39 ? 130 HOH A O   1 
HETATM 1014 O O   . HOH D 3 .   ? 13.992  14.471  5.417   1.00 23.87 ? 131 HOH A O   1 
HETATM 1015 O O   . HOH D 3 .   ? -6.737  17.415  12.586  1.00 31.22 ? 132 HOH A O   1 
HETATM 1016 O O   . HOH D 3 .   ? 10.878  20.992  7.189   1.00 22.80 ? 133 HOH A O   1 
HETATM 1017 O O   . HOH D 3 .   ? -3.500  18.782  -3.279  1.00 22.63 ? 134 HOH A O   1 
HETATM 1018 O O   . HOH D 3 .   ? -4.405  -2.578  -16.586 1.00 24.51 ? 135 HOH A O   1 
HETATM 1019 O O   . HOH D 3 .   ? -9.495  -9.347  -9.187  1.00 23.28 ? 136 HOH A O   1 
HETATM 1020 O O   . HOH D 3 .   ? -4.690  12.658  -9.125  1.00 26.02 ? 137 HOH A O   1 
HETATM 1021 O O   . HOH D 3 .   ? -0.386  -2.537  8.529   1.00 24.19 ? 138 HOH A O   1 
HETATM 1022 O O   . HOH D 3 .   ? 5.081   19.631  13.974  1.00 23.17 ? 139 HOH A O   1 
HETATM 1023 O O   . HOH D 3 .   ? -4.197  6.711   -7.613  1.00 24.29 ? 140 HOH A O   1 
HETATM 1024 O O   . HOH D 3 .   ? -12.428 2.547   4.325   1.00 22.69 ? 141 HOH A O   1 
HETATM 1025 O O   . HOH D 3 .   ? 19.788  15.180  1.201   1.00 27.30 ? 142 HOH A O   1 
HETATM 1026 O O   . HOH D 3 .   ? 4.292   13.538  -1.614  1.00 26.15 ? 143 HOH A O   1 
HETATM 1027 O O   . HOH D 3 .   ? -3.146  19.983  0.204   1.00 23.84 ? 144 HOH A O   1 
HETATM 1028 O O   . HOH D 3 .   ? -10.898 15.795  -0.704  1.00 25.90 ? 145 HOH A O   1 
HETATM 1029 O O   . HOH D 3 .   ? 1.817   11.018  -9.227  1.00 31.79 ? 146 HOH A O   1 
HETATM 1030 O O   . HOH D 3 .   ? 4.216   11.647  10.578  1.00 27.11 ? 147 HOH A O   1 
HETATM 1031 O O   . HOH D 3 .   ? -8.636  -16.878 6.003   1.00 25.83 ? 148 HOH A O   1 
HETATM 1032 O O   . HOH D 3 .   ? -1.307  12.618  -11.037 1.00 29.02 ? 149 HOH A O   1 
HETATM 1033 O O   . HOH D 3 .   ? -12.243 6.092   7.713   1.00 25.34 ? 150 HOH A O   1 
HETATM 1034 O O   . HOH D 3 .   ? -4.004  -2.994  10.505  1.00 33.18 ? 151 HOH A O   1 
HETATM 1035 O O   . HOH D 3 .   ? -3.868  18.860  9.930   1.00 28.84 ? 152 HOH A O   1 
HETATM 1036 O O   . HOH D 3 .   ? -10.986 -10.828 6.101   1.00 31.24 ? 153 HOH A O   1 
HETATM 1037 O O   . HOH D 3 .   ? -9.502  15.734  -3.111  1.00 25.11 ? 154 HOH A O   1 
HETATM 1038 O O   . HOH D 3 .   ? 2.164   -13.336 12.613  1.00 27.36 ? 155 HOH A O   1 
HETATM 1039 O O   . HOH D 3 .   ? 9.850   12.058  2.357   1.00 31.53 ? 156 HOH A O   1 
HETATM 1040 O O   . HOH D 3 .   ? -5.995  -9.797  -12.788 1.00 34.41 ? 157 HOH A O   1 
HETATM 1041 O O   . HOH D 3 .   ? 3.651   4.491   -11.139 1.00 35.18 ? 158 HOH A O   1 
HETATM 1042 O O   . HOH D 3 .   ? -12.698 -7.130  -7.137  1.00 32.78 ? 159 HOH A O   1 
HETATM 1043 O O   . HOH D 3 .   ? 5.417   13.892  -4.888  1.00 33.20 ? 160 HOH A O   1 
HETATM 1044 O O   . HOH D 3 .   ? -9.684  -15.015 14.321  1.00 34.14 ? 161 HOH A O   1 
HETATM 1045 O O   . HOH D 3 .   ? 1.408   -14.082 -7.244  1.00 34.60 ? 162 HOH A O   1 
HETATM 1046 O O   . HOH D 3 .   ? -2.127  -13.021 -9.056  1.00 36.01 ? 163 HOH A O   1 
HETATM 1047 O O   . HOH D 3 .   ? -2.728  19.448  6.500   1.00 26.12 ? 164 HOH A O   1 
HETATM 1048 O O   . HOH D 3 .   ? 2.506   12.936  -8.140  1.00 38.30 ? 165 HOH A O   1 
HETATM 1049 O O   . HOH D 3 .   ? -8.283  17.033  3.945   1.00 38.64 ? 166 HOH A O   1 
HETATM 1050 O O   . HOH D 3 .   ? 2.388   -13.992 2.293   1.00 37.75 ? 167 HOH A O   1 
HETATM 1051 O O   . HOH D 3 .   ? 1.015   -11.364 -8.166  1.00 36.46 ? 168 HOH A O   1 
HETATM 1052 O O   . HOH D 3 .   ? 12.014  22.558  5.519   1.00 33.34 ? 169 HOH A O   1 
HETATM 1053 O O   . HOH D 3 .   ? 4.406   22.537  10.485  1.00 35.01 ? 170 HOH A O   1 
HETATM 1054 O O   . HOH D 3 .   ? 2.500   19.133  14.819  1.00 33.04 ? 171 HOH A O   1 
HETATM 1055 O O   . HOH D 3 .   ? -14.890 -8.561  -5.842  1.00 36.96 ? 172 HOH A O   1 
HETATM 1056 O O   . HOH D 3 .   ? -0.036  19.144  5.158   1.00 42.42 ? 173 HOH A O   1 
HETATM 1057 O O   . HOH D 3 .   ? -13.847 4.385   6.111   1.00 29.43 ? 174 HOH A O   1 
HETATM 1058 O O   . HOH D 3 .   ? 5.887   21.664  15.566  1.00 31.75 ? 175 HOH A O   1 
HETATM 1059 O O   . HOH D 3 .   ? 8.653   -0.665  -6.781  1.00 36.17 ? 176 HOH A O   1 
HETATM 1060 O O   . HOH D 3 .   ? 3.799   -13.585 -6.770  1.00 34.47 ? 177 HOH A O   1 
HETATM 1061 O O   . HOH D 3 .   ? -11.615 12.061  15.775  1.00 40.52 ? 178 HOH A O   1 
HETATM 1062 O O   . HOH D 3 .   ? -5.875  16.390  15.762  1.00 36.55 ? 179 HOH A O   1 
HETATM 1063 O O   . HOH D 3 .   ? -12.711 9.032   7.547   1.00 31.89 ? 180 HOH A O   1 
HETATM 1064 O O   . HOH D 3 .   ? 7.591   11.226  7.724   1.00 33.65 ? 181 HOH A O   1 
HETATM 1065 O O   . HOH D 3 .   ? -13.848 1.693   13.235  1.00 35.97 ? 182 HOH A O   1 
HETATM 1066 O O   . HOH D 3 .   ? 13.211  11.789  5.288   1.00 37.19 ? 183 HOH A O   1 
HETATM 1067 O O   . HOH D 3 .   ? -12.408 -12.236 -1.413  1.00 39.30 ? 184 HOH A O   1 
HETATM 1068 O O   . HOH D 3 .   ? -5.465  -18.989 5.557   1.00 32.95 ? 185 HOH A O   1 
HETATM 1069 O O   . HOH D 3 .   ? 9.856   8.718   -2.946  1.00 42.75 ? 186 HOH A O   1 
HETATM 1070 O O   . HOH D 3 .   ? -0.695  -11.162 -10.691 1.00 40.35 ? 187 HOH A O   1 
HETATM 1071 O O   . HOH D 3 .   ? -4.930  20.676  5.893   1.00 48.02 ? 188 HOH A O   1 
HETATM 1072 O O   . HOH D 3 .   ? -2.510  21.001  -2.225  1.00 40.41 ? 189 HOH A O   1 
HETATM 1073 O O   . HOH D 3 .   ? 20.561  11.132  -1.685  1.00 42.02 ? 190 HOH A O   1 
HETATM 1074 O O   . HOH D 3 .   ? 8.289   10.789  0.613   1.00 39.93 ? 191 HOH A O   1 
HETATM 1075 O O   . HOH D 3 .   ? 3.062   -4.516  10.156  1.00 47.27 ? 192 HOH A O   1 
HETATM 1076 O O   . HOH D 3 .   ? -11.887 -8.384  5.810   1.00 38.21 ? 193 HOH A O   1 
HETATM 1077 O O   . HOH D 3 .   ? 8.264   12.416  -1.887  1.00 41.08 ? 194 HOH A O   1 
HETATM 1078 O O   . HOH D 3 .   ? 4.583   8.775   4.157   1.00 45.23 ? 195 HOH A O   1 
HETATM 1079 O O   . HOH D 3 .   ? -3.219  2.545   -11.904 1.00 43.08 ? 196 HOH A O   1 
HETATM 1080 O O   . HOH D 3 .   ? 4.507   -16.584 12.421  1.00 42.72 ? 197 HOH A O   1 
HETATM 1081 O O   . HOH D 3 .   ? -13.513 -1.208  10.540  1.00 44.23 ? 198 HOH A O   1 
HETATM 1082 O O   . HOH D 3 .   ? -5.674  20.500  0.867   1.00 36.44 ? 199 HOH A O   1 
HETATM 1083 O O   . HOH D 3 .   ? 3.476   11.602  -4.722  1.00 43.17 ? 200 HOH A O   1 
HETATM 1084 O O   . HOH D 3 .   ? 0.686   -20.222 1.748   1.00 48.11 ? 201 HOH A O   1 
HETATM 1085 O O   . HOH D 3 .   ? -11.663 -13.897 13.971  1.00 50.32 ? 202 HOH A O   1 
HETATM 1086 O O   . HOH D 3 .   ? -12.809 -7.723  3.501   1.00 43.30 ? 203 HOH A O   1 
HETATM 1087 O O   . HOH D 3 .   ? 10.967  10.427  4.339   1.00 45.41 ? 204 HOH A O   1 
HETATM 1088 O O   . HOH D 3 .   ? -5.659  4.551   -8.601  1.00 39.18 ? 205 HOH A O   1 
HETATM 1089 O O   . HOH D 3 .   ? -14.917 -4.935  -1.289  1.00 43.56 ? 206 HOH A O   1 
HETATM 1090 O O   . HOH D 3 .   ? 1.900   -16.896 8.973   1.00 40.66 ? 207 HOH A O   1 
HETATM 1091 O O   . HOH D 3 .   ? 6.291   10.695  5.231   1.00 39.19 ? 208 HOH A O   1 
# 
